data_6KZ1
# 
_entry.id   6KZ1 
# 
_audit_conform.dict_name       mmcif_pdbx.dic 
_audit_conform.dict_version    5.380 
_audit_conform.dict_location   http://mmcif.pdb.org/dictionaries/ascii/mmcif_pdbx.dic 
# 
loop_
_database_2.database_id 
_database_2.database_code 
_database_2.pdbx_database_accession 
_database_2.pdbx_DOI 
PDB   6KZ1         pdb_00006kz1 10.2210/pdb6kz1/pdb 
WWPDB D_1300013891 ?            ?                   
# 
_pdbx_database_status.status_code                     REL 
_pdbx_database_status.status_code_sf                  REL 
_pdbx_database_status.status_code_mr                  ? 
_pdbx_database_status.entry_id                        6KZ1 
_pdbx_database_status.recvd_initial_deposition_date   2019-09-22 
_pdbx_database_status.SG_entry                        N 
_pdbx_database_status.deposit_site                    PDBJ 
_pdbx_database_status.process_site                    PDBJ 
_pdbx_database_status.status_code_cs                  ? 
_pdbx_database_status.methods_development_category    ? 
_pdbx_database_status.pdb_format_compatible           Y 
_pdbx_database_status.status_code_nmr_data            ? 
# 
loop_
_audit_author.name 
_audit_author.pdbx_ordinal 
_audit_author.identifier_ORCID 
'Lin, L.'   1 ? 
'Wang, M.'  2 ? 
'Shi, Y.'   3 ? 
'Zhu, J.'   4 ? 
'Zhang, R.' 5 ? 
# 
_citation.abstract                  ? 
_citation.abstract_id_CAS           ? 
_citation.book_id_ISBN              ? 
_citation.book_publisher            ? 
_citation.book_publisher_city       ? 
_citation.book_title                ? 
_citation.coordinate_linkage        ? 
_citation.country                   US 
_citation.database_id_Medline       ? 
_citation.details                   ? 
_citation.id                        primary 
_citation.journal_abbrev            'Cell Rep' 
_citation.journal_id_ASTM           ? 
_citation.journal_id_CSD            ? 
_citation.journal_id_ISSN           2211-1247 
_citation.journal_full              ? 
_citation.journal_issue             ? 
_citation.journal_volume            34 
_citation.language                  ? 
_citation.page_first                108770 
_citation.page_last                 108770 
_citation.title                     'Phase separation-mediated condensation of Whirlin-Myo15-Eps8 stereocilia tip complex.' 
_citation.year                      2021 
_citation.database_id_CSD           ? 
_citation.pdbx_database_id_DOI      10.1016/j.celrep.2021.108770 
_citation.pdbx_database_id_PubMed   33626355 
_citation.unpublished_flag          ? 
# 
loop_
_citation_author.citation_id 
_citation_author.name 
_citation_author.ordinal 
_citation_author.identifier_ORCID 
primary 'Lin, L.'   1 ? 
primary 'Shi, Y.'   2 ? 
primary 'Wang, M.'  3 ? 
primary 'Wang, C.'  4 ? 
primary 'Lu, Q.'    5 ? 
primary 'Zhu, J.'   6 ? 
primary 'Zhang, R.' 7 ? 
# 
_cell.angle_alpha                  90.000 
_cell.angle_alpha_esd              ? 
_cell.angle_beta                   90.000 
_cell.angle_beta_esd               ? 
_cell.angle_gamma                  120.000 
_cell.angle_gamma_esd              ? 
_cell.entry_id                     6KZ1 
_cell.details                      ? 
_cell.formula_units_Z              ? 
_cell.length_a                     51.974 
_cell.length_a_esd                 ? 
_cell.length_b                     51.974 
_cell.length_b_esd                 ? 
_cell.length_c                     70.445 
_cell.length_c_esd                 ? 
_cell.volume                       ? 
_cell.volume_esd                   ? 
_cell.Z_PDB                        6 
_cell.reciprocal_angle_alpha       ? 
_cell.reciprocal_angle_beta        ? 
_cell.reciprocal_angle_gamma       ? 
_cell.reciprocal_angle_alpha_esd   ? 
_cell.reciprocal_angle_beta_esd    ? 
_cell.reciprocal_angle_gamma_esd   ? 
_cell.reciprocal_length_a          ? 
_cell.reciprocal_length_b          ? 
_cell.reciprocal_length_c          ? 
_cell.reciprocal_length_a_esd      ? 
_cell.reciprocal_length_b_esd      ? 
_cell.reciprocal_length_c_esd      ? 
_cell.pdbx_unique_axis             ? 
# 
_symmetry.entry_id                         6KZ1 
_symmetry.cell_setting                     ? 
_symmetry.Int_Tables_number                152 
_symmetry.space_group_name_Hall            ? 
_symmetry.space_group_name_H-M             'P 31 2 1' 
_symmetry.pdbx_full_space_group_name_H-M   ? 
# 
loop_
_entity.id 
_entity.type 
_entity.src_method 
_entity.pdbx_description 
_entity.formula_weight 
_entity.pdbx_number_of_molecules 
_entity.pdbx_ec 
_entity.pdbx_mutation 
_entity.pdbx_fragment 
_entity.details 
1 polymer man Whirlin      12430.313 1  ? ? ? ? 
2 polymer syn 'Myosin XVa' 1611.920  1  ? ? ? ? 
3 water   nat water        18.015    53 ? ? ? ? 
# 
_entity_name_com.entity_id   1 
_entity_name_com.name        'Autosomal recessive deafness type 31 protein' 
# 
loop_
_entity_poly.entity_id 
_entity_poly.type 
_entity_poly.nstd_linkage 
_entity_poly.nstd_monomer 
_entity_poly.pdbx_seq_one_letter_code 
_entity_poly.pdbx_seq_one_letter_code_can 
_entity_poly.pdbx_strand_id 
_entity_poly.pdbx_target_identifier 
1 'polypeptide(L)' no no 
;MHHHHHHSSGLEVLFQGPGSTLVRVKKSAATLGIAIEGGANTRQPLPRIVTIQRGGSAHNCGQLKVGHVILEVNGLTLRG
KEHREAARIIAEAFKTKDRDYIDFLVTEFNVML
;
;MHHHHHHSSGLEVLFQGPGSTLVRVKKSAATLGIAIEGGANTRQPLPRIVTIQRGGSAHNCGQLKVGHVILEVNGLTLRG
KEHREAARIIAEAFKTKDRDYIDFLVTEFNVML
;
A ? 
2 'polypeptide(L)' no no EKRLTLPPSEITLL EKRLTLPPSEITLL B ? 
# 
loop_
_entity_poly_seq.entity_id 
_entity_poly_seq.num 
_entity_poly_seq.mon_id 
_entity_poly_seq.hetero 
1 1   MET n 
1 2   HIS n 
1 3   HIS n 
1 4   HIS n 
1 5   HIS n 
1 6   HIS n 
1 7   HIS n 
1 8   SER n 
1 9   SER n 
1 10  GLY n 
1 11  LEU n 
1 12  GLU n 
1 13  VAL n 
1 14  LEU n 
1 15  PHE n 
1 16  GLN n 
1 17  GLY n 
1 18  PRO n 
1 19  GLY n 
1 20  SER n 
1 21  THR n 
1 22  LEU n 
1 23  VAL n 
1 24  ARG n 
1 25  VAL n 
1 26  LYS n 
1 27  LYS n 
1 28  SER n 
1 29  ALA n 
1 30  ALA n 
1 31  THR n 
1 32  LEU n 
1 33  GLY n 
1 34  ILE n 
1 35  ALA n 
1 36  ILE n 
1 37  GLU n 
1 38  GLY n 
1 39  GLY n 
1 40  ALA n 
1 41  ASN n 
1 42  THR n 
1 43  ARG n 
1 44  GLN n 
1 45  PRO n 
1 46  LEU n 
1 47  PRO n 
1 48  ARG n 
1 49  ILE n 
1 50  VAL n 
1 51  THR n 
1 52  ILE n 
1 53  GLN n 
1 54  ARG n 
1 55  GLY n 
1 56  GLY n 
1 57  SER n 
1 58  ALA n 
1 59  HIS n 
1 60  ASN n 
1 61  CYS n 
1 62  GLY n 
1 63  GLN n 
1 64  LEU n 
1 65  LYS n 
1 66  VAL n 
1 67  GLY n 
1 68  HIS n 
1 69  VAL n 
1 70  ILE n 
1 71  LEU n 
1 72  GLU n 
1 73  VAL n 
1 74  ASN n 
1 75  GLY n 
1 76  LEU n 
1 77  THR n 
1 78  LEU n 
1 79  ARG n 
1 80  GLY n 
1 81  LYS n 
1 82  GLU n 
1 83  HIS n 
1 84  ARG n 
1 85  GLU n 
1 86  ALA n 
1 87  ALA n 
1 88  ARG n 
1 89  ILE n 
1 90  ILE n 
1 91  ALA n 
1 92  GLU n 
1 93  ALA n 
1 94  PHE n 
1 95  LYS n 
1 96  THR n 
1 97  LYS n 
1 98  ASP n 
1 99  ARG n 
1 100 ASP n 
1 101 TYR n 
1 102 ILE n 
1 103 ASP n 
1 104 PHE n 
1 105 LEU n 
1 106 VAL n 
1 107 THR n 
1 108 GLU n 
1 109 PHE n 
1 110 ASN n 
1 111 VAL n 
1 112 MET n 
1 113 LEU n 
2 1   GLU n 
2 2   LYS n 
2 3   ARG n 
2 4   LEU n 
2 5   THR n 
2 6   LEU n 
2 7   PRO n 
2 8   PRO n 
2 9   SER n 
2 10  GLU n 
2 11  ILE n 
2 12  THR n 
2 13  LEU n 
2 14  LEU n 
# 
_entity_src_gen.entity_id                          1 
_entity_src_gen.pdbx_src_id                        1 
_entity_src_gen.pdbx_alt_source_flag               sample 
_entity_src_gen.pdbx_seq_type                      'Biological sequence' 
_entity_src_gen.pdbx_beg_seq_num                   1 
_entity_src_gen.pdbx_end_seq_num                   113 
_entity_src_gen.gene_src_common_name               Human 
_entity_src_gen.gene_src_genus                     ? 
_entity_src_gen.pdbx_gene_src_gene                 'WHRN, DFNB31, KIAA1526' 
_entity_src_gen.gene_src_species                   ? 
_entity_src_gen.gene_src_strain                    ? 
_entity_src_gen.gene_src_tissue                    ? 
_entity_src_gen.gene_src_tissue_fraction           ? 
_entity_src_gen.gene_src_details                   ? 
_entity_src_gen.pdbx_gene_src_fragment             ? 
_entity_src_gen.pdbx_gene_src_scientific_name      'Homo sapiens' 
_entity_src_gen.pdbx_gene_src_ncbi_taxonomy_id     9606 
_entity_src_gen.pdbx_gene_src_variant              ? 
_entity_src_gen.pdbx_gene_src_cell_line            ? 
_entity_src_gen.pdbx_gene_src_atcc                 ? 
_entity_src_gen.pdbx_gene_src_organ                ? 
_entity_src_gen.pdbx_gene_src_organelle            ? 
_entity_src_gen.pdbx_gene_src_cell                 ? 
_entity_src_gen.pdbx_gene_src_cellular_location    ? 
_entity_src_gen.host_org_common_name               ? 
_entity_src_gen.pdbx_host_org_scientific_name      'Escherichia coli BL21(DE3)' 
_entity_src_gen.pdbx_host_org_ncbi_taxonomy_id     469008 
_entity_src_gen.host_org_genus                     ? 
_entity_src_gen.pdbx_host_org_gene                 ? 
_entity_src_gen.pdbx_host_org_organ                ? 
_entity_src_gen.host_org_species                   ? 
_entity_src_gen.pdbx_host_org_tissue               ? 
_entity_src_gen.pdbx_host_org_tissue_fraction      ? 
_entity_src_gen.pdbx_host_org_strain               ? 
_entity_src_gen.pdbx_host_org_variant              ? 
_entity_src_gen.pdbx_host_org_cell_line            ? 
_entity_src_gen.pdbx_host_org_atcc                 ? 
_entity_src_gen.pdbx_host_org_culture_collection   ? 
_entity_src_gen.pdbx_host_org_cell                 ? 
_entity_src_gen.pdbx_host_org_organelle            ? 
_entity_src_gen.pdbx_host_org_cellular_location    ? 
_entity_src_gen.pdbx_host_org_vector_type          ? 
_entity_src_gen.pdbx_host_org_vector               ? 
_entity_src_gen.host_org_details                   ? 
_entity_src_gen.expression_system_id               ? 
_entity_src_gen.plasmid_name                       ? 
_entity_src_gen.plasmid_details                    ? 
_entity_src_gen.pdbx_description                   ? 
# 
_pdbx_entity_src_syn.entity_id              2 
_pdbx_entity_src_syn.pdbx_src_id            1 
_pdbx_entity_src_syn.pdbx_alt_source_flag   sample 
_pdbx_entity_src_syn.pdbx_beg_seq_num       1 
_pdbx_entity_src_syn.pdbx_end_seq_num       14 
_pdbx_entity_src_syn.organism_scientific    'Homo sapiens' 
_pdbx_entity_src_syn.organism_common_name   ? 
_pdbx_entity_src_syn.ncbi_taxonomy_id       9606 
_pdbx_entity_src_syn.details                ? 
# 
loop_
_struct_ref.id 
_struct_ref.db_name 
_struct_ref.db_code 
_struct_ref.pdbx_db_accession 
_struct_ref.pdbx_db_isoform 
_struct_ref.entity_id 
_struct_ref.pdbx_seq_one_letter_code 
_struct_ref.pdbx_align_begin 
1 UNP WHRN_HUMAN Q9P202 ? 1 
;STLVRVKKSAATLGIAIEGGANTRQPLPRIVTIQRGGSAHNCGQLKVGHVILEVNGLTLRGKEHREAARIIAEAFKTKDR
DYIDFLVTEFNVML
;
814 
2 PDB 6KZ1       6KZ1   ? 2 ?                                                                                                 1   
# 
loop_
_struct_ref_seq.align_id 
_struct_ref_seq.ref_id 
_struct_ref_seq.pdbx_PDB_id_code 
_struct_ref_seq.pdbx_strand_id 
_struct_ref_seq.seq_align_beg 
_struct_ref_seq.pdbx_seq_align_beg_ins_code 
_struct_ref_seq.seq_align_end 
_struct_ref_seq.pdbx_seq_align_end_ins_code 
_struct_ref_seq.pdbx_db_accession 
_struct_ref_seq.db_align_beg 
_struct_ref_seq.pdbx_db_align_beg_ins_code 
_struct_ref_seq.db_align_end 
_struct_ref_seq.pdbx_db_align_end_ins_code 
_struct_ref_seq.pdbx_auth_seq_align_beg 
_struct_ref_seq.pdbx_auth_seq_align_end 
1 1 6KZ1 A 20 ? 113 ? Q9P202 814  ? 907  ? 814  907  
2 2 6KZ1 B 1  ? 14  ? 6KZ1   3498 ? 3511 ? 3498 3511 
# 
loop_
_struct_ref_seq_dif.align_id 
_struct_ref_seq_dif.pdbx_pdb_id_code 
_struct_ref_seq_dif.mon_id 
_struct_ref_seq_dif.pdbx_pdb_strand_id 
_struct_ref_seq_dif.seq_num 
_struct_ref_seq_dif.pdbx_pdb_ins_code 
_struct_ref_seq_dif.pdbx_seq_db_name 
_struct_ref_seq_dif.pdbx_seq_db_accession_code 
_struct_ref_seq_dif.db_mon_id 
_struct_ref_seq_dif.pdbx_seq_db_seq_num 
_struct_ref_seq_dif.details 
_struct_ref_seq_dif.pdbx_auth_seq_num 
_struct_ref_seq_dif.pdbx_ordinal 
1 6KZ1 MET A 1  ? UNP Q9P202 ? ? 'initiating methionine' 795 1  
1 6KZ1 HIS A 2  ? UNP Q9P202 ? ? 'expression tag'        796 2  
1 6KZ1 HIS A 3  ? UNP Q9P202 ? ? 'expression tag'        797 3  
1 6KZ1 HIS A 4  ? UNP Q9P202 ? ? 'expression tag'        798 4  
1 6KZ1 HIS A 5  ? UNP Q9P202 ? ? 'expression tag'        799 5  
1 6KZ1 HIS A 6  ? UNP Q9P202 ? ? 'expression tag'        800 6  
1 6KZ1 HIS A 7  ? UNP Q9P202 ? ? 'expression tag'        801 7  
1 6KZ1 SER A 8  ? UNP Q9P202 ? ? 'expression tag'        802 8  
1 6KZ1 SER A 9  ? UNP Q9P202 ? ? 'expression tag'        803 9  
1 6KZ1 GLY A 10 ? UNP Q9P202 ? ? 'expression tag'        804 10 
1 6KZ1 LEU A 11 ? UNP Q9P202 ? ? 'expression tag'        805 11 
1 6KZ1 GLU A 12 ? UNP Q9P202 ? ? 'expression tag'        806 12 
1 6KZ1 VAL A 13 ? UNP Q9P202 ? ? 'expression tag'        807 13 
1 6KZ1 LEU A 14 ? UNP Q9P202 ? ? 'expression tag'        808 14 
1 6KZ1 PHE A 15 ? UNP Q9P202 ? ? 'expression tag'        809 15 
1 6KZ1 GLN A 16 ? UNP Q9P202 ? ? 'expression tag'        810 16 
1 6KZ1 GLY A 17 ? UNP Q9P202 ? ? 'expression tag'        811 17 
1 6KZ1 PRO A 18 ? UNP Q9P202 ? ? 'expression tag'        812 18 
1 6KZ1 GLY A 19 ? UNP Q9P202 ? ? 'expression tag'        813 19 
# 
loop_
_chem_comp.id 
_chem_comp.type 
_chem_comp.mon_nstd_flag 
_chem_comp.name 
_chem_comp.pdbx_synonyms 
_chem_comp.formula 
_chem_comp.formula_weight 
ALA 'L-peptide linking' y ALANINE         ? 'C3 H7 N O2'     89.093  
ARG 'L-peptide linking' y ARGININE        ? 'C6 H15 N4 O2 1' 175.209 
ASN 'L-peptide linking' y ASPARAGINE      ? 'C4 H8 N2 O3'    132.118 
ASP 'L-peptide linking' y 'ASPARTIC ACID' ? 'C4 H7 N O4'     133.103 
CYS 'L-peptide linking' y CYSTEINE        ? 'C3 H7 N O2 S'   121.158 
GLN 'L-peptide linking' y GLUTAMINE       ? 'C5 H10 N2 O3'   146.144 
GLU 'L-peptide linking' y 'GLUTAMIC ACID' ? 'C5 H9 N O4'     147.129 
GLY 'peptide linking'   y GLYCINE         ? 'C2 H5 N O2'     75.067  
HIS 'L-peptide linking' y HISTIDINE       ? 'C6 H10 N3 O2 1' 156.162 
HOH non-polymer         . WATER           ? 'H2 O'           18.015  
ILE 'L-peptide linking' y ISOLEUCINE      ? 'C6 H13 N O2'    131.173 
LEU 'L-peptide linking' y LEUCINE         ? 'C6 H13 N O2'    131.173 
LYS 'L-peptide linking' y LYSINE          ? 'C6 H15 N2 O2 1' 147.195 
MET 'L-peptide linking' y METHIONINE      ? 'C5 H11 N O2 S'  149.211 
PHE 'L-peptide linking' y PHENYLALANINE   ? 'C9 H11 N O2'    165.189 
PRO 'L-peptide linking' y PROLINE         ? 'C5 H9 N O2'     115.130 
SER 'L-peptide linking' y SERINE          ? 'C3 H7 N O3'     105.093 
THR 'L-peptide linking' y THREONINE       ? 'C4 H9 N O3'     119.119 
TYR 'L-peptide linking' y TYROSINE        ? 'C9 H11 N O3'    181.189 
VAL 'L-peptide linking' y VALINE          ? 'C5 H11 N O2'    117.146 
# 
_exptl.absorpt_coefficient_mu     ? 
_exptl.absorpt_correction_T_max   ? 
_exptl.absorpt_correction_T_min   ? 
_exptl.absorpt_correction_type    ? 
_exptl.absorpt_process_details    ? 
_exptl.entry_id                   6KZ1 
_exptl.crystals_number            1 
_exptl.details                    ? 
_exptl.method                     'X-RAY DIFFRACTION' 
_exptl.method_details             ? 
# 
_exptl_crystal.colour                      ? 
_exptl_crystal.density_diffrn              ? 
_exptl_crystal.density_Matthews            1.96 
_exptl_crystal.density_method              ? 
_exptl_crystal.density_percent_sol         37.12 
_exptl_crystal.description                 ? 
_exptl_crystal.F_000                       ? 
_exptl_crystal.id                          1 
_exptl_crystal.preparation                 ? 
_exptl_crystal.size_max                    ? 
_exptl_crystal.size_mid                    ? 
_exptl_crystal.size_min                    ? 
_exptl_crystal.size_rad                    ? 
_exptl_crystal.colour_lustre               ? 
_exptl_crystal.colour_modifier             ? 
_exptl_crystal.colour_primary              ? 
_exptl_crystal.density_meas                ? 
_exptl_crystal.density_meas_esd            ? 
_exptl_crystal.density_meas_gt             ? 
_exptl_crystal.density_meas_lt             ? 
_exptl_crystal.density_meas_temp           ? 
_exptl_crystal.density_meas_temp_esd       ? 
_exptl_crystal.density_meas_temp_gt        ? 
_exptl_crystal.density_meas_temp_lt        ? 
_exptl_crystal.pdbx_crystal_image_url      ? 
_exptl_crystal.pdbx_crystal_image_format   ? 
_exptl_crystal.pdbx_mosaicity              ? 
_exptl_crystal.pdbx_mosaicity_esd          ? 
# 
_exptl_crystal_grow.apparatus       ? 
_exptl_crystal_grow.atmosphere      ? 
_exptl_crystal_grow.crystal_id      1 
_exptl_crystal_grow.details         ? 
_exptl_crystal_grow.method          'VAPOR DIFFUSION, SITTING DROP' 
_exptl_crystal_grow.method_ref      ? 
_exptl_crystal_grow.pH              ? 
_exptl_crystal_grow.pressure        ? 
_exptl_crystal_grow.pressure_esd    ? 
_exptl_crystal_grow.seeding         ? 
_exptl_crystal_grow.seeding_ref     ? 
_exptl_crystal_grow.temp            289 
_exptl_crystal_grow.temp_details    ? 
_exptl_crystal_grow.temp_esd        ? 
_exptl_crystal_grow.time            ? 
_exptl_crystal_grow.pdbx_details    'Potassium phosphate dibasic, HEPES pH7.5, Sodium phosphate monobasi' 
_exptl_crystal_grow.pdbx_pH_range   ? 
# 
_diffrn.ambient_environment              ? 
_diffrn.ambient_temp                     100 
_diffrn.ambient_temp_details             ? 
_diffrn.ambient_temp_esd                 ? 
_diffrn.crystal_id                       1 
_diffrn.crystal_support                  ? 
_diffrn.crystal_treatment                ? 
_diffrn.details                          ? 
_diffrn.id                               1 
_diffrn.ambient_pressure                 ? 
_diffrn.ambient_pressure_esd             ? 
_diffrn.ambient_pressure_gt              ? 
_diffrn.ambient_pressure_lt              ? 
_diffrn.ambient_temp_gt                  ? 
_diffrn.ambient_temp_lt                  ? 
_diffrn.pdbx_serial_crystal_experiment   N 
# 
_diffrn_detector.details                      ? 
_diffrn_detector.detector                     CCD 
_diffrn_detector.diffrn_id                    1 
_diffrn_detector.type                         'ADSC QUANTUM 315' 
_diffrn_detector.area_resol_mean              ? 
_diffrn_detector.dtime                        ? 
_diffrn_detector.pdbx_frames_total            ? 
_diffrn_detector.pdbx_collection_time_total   ? 
_diffrn_detector.pdbx_collection_date         2018-04-12 
_diffrn_detector.pdbx_frequency               ? 
# 
_diffrn_radiation.collimation                      ? 
_diffrn_radiation.diffrn_id                        1 
_diffrn_radiation.filter_edge                      ? 
_diffrn_radiation.inhomogeneity                    ? 
_diffrn_radiation.monochromator                    ? 
_diffrn_radiation.polarisn_norm                    ? 
_diffrn_radiation.polarisn_ratio                   ? 
_diffrn_radiation.probe                            ? 
_diffrn_radiation.type                             ? 
_diffrn_radiation.xray_symbol                      ? 
_diffrn_radiation.wavelength_id                    1 
_diffrn_radiation.pdbx_monochromatic_or_laue_m_l   M 
_diffrn_radiation.pdbx_wavelength_list             ? 
_diffrn_radiation.pdbx_wavelength                  ? 
_diffrn_radiation.pdbx_diffrn_protocol             'SINGLE WAVELENGTH' 
_diffrn_radiation.pdbx_analyzer                    ? 
_diffrn_radiation.pdbx_scattering_type             x-ray 
# 
_diffrn_radiation_wavelength.id           1 
_diffrn_radiation_wavelength.wavelength   1.00000 
_diffrn_radiation_wavelength.wt           1.0 
# 
_diffrn_source.current                     ? 
_diffrn_source.details                     ? 
_diffrn_source.diffrn_id                   1 
_diffrn_source.power                       ? 
_diffrn_source.size                        ? 
_diffrn_source.source                      SYNCHROTRON 
_diffrn_source.target                      ? 
_diffrn_source.type                        'SPRING-8 BEAMLINE BL41XU' 
_diffrn_source.voltage                     ? 
_diffrn_source.take-off_angle              ? 
_diffrn_source.pdbx_wavelength_list        1.00000 
_diffrn_source.pdbx_wavelength             ? 
_diffrn_source.pdbx_synchrotron_beamline   BL41XU 
_diffrn_source.pdbx_synchrotron_site       SPring-8 
# 
_reflns.B_iso_Wilson_estimate            ? 
_reflns.entry_id                         6KZ1 
_reflns.data_reduction_details           ? 
_reflns.data_reduction_method            ? 
_reflns.d_resolution_high                1.690 
_reflns.d_resolution_low                 45.011 
_reflns.details                          ? 
_reflns.limit_h_max                      ? 
_reflns.limit_h_min                      ? 
_reflns.limit_k_max                      ? 
_reflns.limit_k_min                      ? 
_reflns.limit_l_max                      ? 
_reflns.limit_l_min                      ? 
_reflns.number_all                       ? 
_reflns.number_obs                       23647 
_reflns.observed_criterion               ? 
_reflns.observed_criterion_F_max         ? 
_reflns.observed_criterion_F_min         ? 
_reflns.observed_criterion_I_max         ? 
_reflns.observed_criterion_I_min         ? 
_reflns.observed_criterion_sigma_F       ? 
_reflns.observed_criterion_sigma_I       ? 
_reflns.percent_possible_obs             99.800 
_reflns.R_free_details                   ? 
_reflns.Rmerge_F_all                     ? 
_reflns.Rmerge_F_obs                     ? 
_reflns.Friedel_coverage                 ? 
_reflns.number_gt                        ? 
_reflns.threshold_expression             ? 
_reflns.pdbx_redundancy                  10.261 
_reflns.pdbx_Rmerge_I_obs                0.055 
_reflns.pdbx_Rmerge_I_all                ? 
_reflns.pdbx_Rsym_value                  ? 
_reflns.pdbx_netI_over_av_sigmaI         ? 
_reflns.pdbx_netI_over_sigmaI            22.540 
_reflns.pdbx_res_netI_over_av_sigmaI_2   ? 
_reflns.pdbx_res_netI_over_sigmaI_2      ? 
_reflns.pdbx_chi_squared                 1.130 
_reflns.pdbx_scaling_rejects             ? 
_reflns.pdbx_d_res_high_opt              ? 
_reflns.pdbx_d_res_low_opt               ? 
_reflns.pdbx_d_res_opt_method            ? 
_reflns.phase_calculation_details        ? 
_reflns.pdbx_Rrim_I_all                  0.057 
_reflns.pdbx_Rpim_I_all                  ? 
_reflns.pdbx_d_opt                       ? 
_reflns.pdbx_number_measured_all         242635 
_reflns.pdbx_diffrn_id                   1 
_reflns.pdbx_ordinal                     1 
_reflns.pdbx_CC_half                     0.999 
_reflns.pdbx_R_split                     ? 
# 
loop_
_reflns_shell.d_res_high 
_reflns_shell.d_res_low 
_reflns_shell.meanI_over_sigI_all 
_reflns_shell.meanI_over_sigI_obs 
_reflns_shell.number_measured_all 
_reflns_shell.number_measured_obs 
_reflns_shell.number_possible 
_reflns_shell.number_unique_all 
_reflns_shell.number_unique_obs 
_reflns_shell.percent_possible_all 
_reflns_shell.percent_possible_obs 
_reflns_shell.Rmerge_F_all 
_reflns_shell.Rmerge_F_obs 
_reflns_shell.Rmerge_I_all 
_reflns_shell.Rmerge_I_obs 
_reflns_shell.meanI_over_sigI_gt 
_reflns_shell.meanI_over_uI_all 
_reflns_shell.meanI_over_uI_gt 
_reflns_shell.number_measured_gt 
_reflns_shell.number_unique_gt 
_reflns_shell.percent_possible_gt 
_reflns_shell.Rmerge_F_gt 
_reflns_shell.Rmerge_I_gt 
_reflns_shell.pdbx_redundancy 
_reflns_shell.pdbx_Rsym_value 
_reflns_shell.pdbx_chi_squared 
_reflns_shell.pdbx_netI_over_sigmaI_all 
_reflns_shell.pdbx_netI_over_sigmaI_obs 
_reflns_shell.pdbx_Rrim_I_all 
_reflns_shell.pdbx_Rpim_I_all 
_reflns_shell.pdbx_rejects 
_reflns_shell.pdbx_ordinal 
_reflns_shell.pdbx_diffrn_id 
_reflns_shell.pdbx_CC_half 
_reflns_shell.pdbx_R_split 
1.690 1.800  ? 3.120  ? 37386 3859 ? 3810 98.700  ? ? ? ? 0.685 ? ? ? ? ? ? ? ? 9.813  ? ? ? ? 0.722 ? ? 1 1 0.928 ? 
1.800 1.920  ? 6.220  ? 36695 3557 ? 3556 100.000 ? ? ? ? 0.390 ? ? ? ? ? ? ? ? 10.319 ? ? ? ? 0.411 ? ? 2 1 0.982 ? 
1.920 2.070  ? 12.290 ? 36632 3373 ? 3373 100.000 ? ? ? ? 0.201 ? ? ? ? ? ? ? ? 10.860 ? ? ? ? 0.211 ? ? 3 1 0.995 ? 
2.070 2.270  ? 19.860 ? 32692 3079 ? 3079 100.000 ? ? ? ? 0.121 ? ? ? ? ? ? ? ? 10.618 ? ? ? ? 0.127 ? ? 4 1 0.997 ? 
2.270 2.540  ? 25.580 ? 26819 2775 ? 2775 100.000 ? ? ? ? 0.084 ? ? ? ? ? ? ? ? 9.665  ? ? ? ? 0.089 ? ? 5 1 0.998 ? 
2.540 2.930  ? 34.060 ? 24765 2485 ? 2485 100.000 ? ? ? ? 0.062 ? ? ? ? ? ? ? ? 9.966  ? ? ? ? 0.066 ? ? 6 1 0.999 ? 
2.930 3.580  ? 48.660 ? 21927 2057 ? 2057 100.000 ? ? ? ? 0.047 ? ? ? ? ? ? ? ? 10.660 ? ? ? ? 0.049 ? ? 7 1 0.999 ? 
3.580 5.050  ? 55.110 ? 16368 1620 ? 1620 100.000 ? ? ? ? 0.038 ? ? ? ? ? ? ? ? 10.104 ? ? ? ? 0.040 ? ? 8 1 0.999 ? 
5.050 45.011 ? 57.710 ? 9351  892  ? 892  100.000 ? ? ? ? 0.035 ? ? ? ? ? ? ? ? 10.483 ? ? ? ? 0.037 ? ? 9 1 0.999 ? 
# 
_refine.aniso_B[1][1]                            ? 
_refine.aniso_B[1][2]                            ? 
_refine.aniso_B[1][3]                            ? 
_refine.aniso_B[2][2]                            ? 
_refine.aniso_B[2][3]                            ? 
_refine.aniso_B[3][3]                            ? 
_refine.B_iso_max                                86.410 
_refine.B_iso_mean                               34.8300 
_refine.B_iso_min                                17.830 
_refine.correlation_coeff_Fo_to_Fc               ? 
_refine.correlation_coeff_Fo_to_Fc_free          ? 
_refine.details                                  ? 
_refine.diff_density_max                         ? 
_refine.diff_density_max_esd                     ? 
_refine.diff_density_min                         ? 
_refine.diff_density_min_esd                     ? 
_refine.diff_density_rms                         ? 
_refine.diff_density_rms_esd                     ? 
_refine.entry_id                                 6KZ1 
_refine.pdbx_refine_id                           'X-RAY DIFFRACTION' 
_refine.ls_abs_structure_details                 ? 
_refine.ls_abs_structure_Flack                   ? 
_refine.ls_abs_structure_Flack_esd               ? 
_refine.ls_abs_structure_Rogers                  ? 
_refine.ls_abs_structure_Rogers_esd              ? 
_refine.ls_d_res_high                            1.6940 
_refine.ls_d_res_low                             45.0110 
_refine.ls_extinction_coef                       ? 
_refine.ls_extinction_coef_esd                   ? 
_refine.ls_extinction_expression                 ? 
_refine.ls_extinction_method                     ? 
_refine.ls_goodness_of_fit_all                   ? 
_refine.ls_goodness_of_fit_all_esd               ? 
_refine.ls_goodness_of_fit_obs                   ? 
_refine.ls_goodness_of_fit_obs_esd               ? 
_refine.ls_hydrogen_treatment                    ? 
_refine.ls_matrix_type                           ? 
_refine.ls_number_constraints                    ? 
_refine.ls_number_parameters                     ? 
_refine.ls_number_reflns_all                     ? 
_refine.ls_number_reflns_obs                     12670 
_refine.ls_number_reflns_R_free                  637 
_refine.ls_number_reflns_R_work                  ? 
_refine.ls_number_restraints                     ? 
_refine.ls_percent_reflns_obs                    99.7200 
_refine.ls_percent_reflns_R_free                 5.0300 
_refine.ls_R_factor_all                          ? 
_refine.ls_R_factor_obs                          0.1798 
_refine.ls_R_factor_R_free                       0.2008 
_refine.ls_R_factor_R_free_error                 ? 
_refine.ls_R_factor_R_free_error_details         ? 
_refine.ls_R_factor_R_work                       0.1787 
_refine.ls_R_Fsqd_factor_obs                     ? 
_refine.ls_R_I_factor_obs                        ? 
_refine.ls_redundancy_reflns_all                 ? 
_refine.ls_redundancy_reflns_obs                 ? 
_refine.ls_restrained_S_all                      ? 
_refine.ls_restrained_S_obs                      ? 
_refine.ls_shift_over_esd_max                    ? 
_refine.ls_shift_over_esd_mean                   ? 
_refine.ls_structure_factor_coef                 ? 
_refine.ls_weighting_details                     ? 
_refine.ls_weighting_scheme                      ? 
_refine.ls_wR_factor_all                         ? 
_refine.ls_wR_factor_obs                         ? 
_refine.ls_wR_factor_R_free                      ? 
_refine.ls_wR_factor_R_work                      ? 
_refine.occupancy_max                            ? 
_refine.occupancy_min                            ? 
_refine.solvent_model_details                    ? 
_refine.solvent_model_param_bsol                 ? 
_refine.solvent_model_param_ksol                 ? 
_refine.ls_R_factor_gt                           ? 
_refine.ls_goodness_of_fit_gt                    ? 
_refine.ls_goodness_of_fit_ref                   ? 
_refine.ls_shift_over_su_max                     ? 
_refine.ls_shift_over_su_max_lt                  ? 
_refine.ls_shift_over_su_mean                    ? 
_refine.ls_shift_over_su_mean_lt                 ? 
_refine.pdbx_ls_sigma_I                          ? 
_refine.pdbx_ls_sigma_F                          1.390 
_refine.pdbx_ls_sigma_Fsqd                       ? 
_refine.pdbx_data_cutoff_high_absF               ? 
_refine.pdbx_data_cutoff_high_rms_absF           ? 
_refine.pdbx_data_cutoff_low_absF                ? 
_refine.pdbx_isotropic_thermal_model             ? 
_refine.pdbx_ls_cross_valid_method               THROUGHOUT 
_refine.pdbx_method_to_determine_struct          'MOLECULAR REPLACEMENT' 
_refine.pdbx_starting_model                      1UFX 
_refine.pdbx_stereochemistry_target_values       ? 
_refine.pdbx_R_Free_selection_details            ? 
_refine.pdbx_stereochem_target_val_spec_case     ? 
_refine.pdbx_overall_ESU_R                       ? 
_refine.pdbx_overall_ESU_R_Free                  ? 
_refine.pdbx_solvent_vdw_probe_radii             1.1100 
_refine.pdbx_solvent_ion_probe_radii             ? 
_refine.pdbx_solvent_shrinkage_radii             0.9000 
_refine.pdbx_real_space_R                        ? 
_refine.pdbx_density_correlation                 ? 
_refine.pdbx_pd_number_of_powder_patterns        ? 
_refine.pdbx_pd_number_of_points                 ? 
_refine.pdbx_pd_meas_number_of_points            ? 
_refine.pdbx_pd_proc_ls_prof_R_factor            ? 
_refine.pdbx_pd_proc_ls_prof_wR_factor           ? 
_refine.pdbx_pd_Marquardt_correlation_coeff      ? 
_refine.pdbx_pd_Fsqrd_R_factor                   ? 
_refine.pdbx_pd_ls_matrix_band_width             ? 
_refine.pdbx_overall_phase_error                 21.6000 
_refine.pdbx_overall_SU_R_free_Cruickshank_DPI   ? 
_refine.pdbx_overall_SU_R_free_Blow_DPI          ? 
_refine.pdbx_overall_SU_R_Blow_DPI               ? 
_refine.pdbx_TLS_residual_ADP_flag               ? 
_refine.pdbx_diffrn_id                           1 
_refine.overall_SU_B                             ? 
_refine.overall_SU_ML                            0.1600 
_refine.overall_SU_R_Cruickshank_DPI             ? 
_refine.overall_SU_R_free                        ? 
_refine.overall_FOM_free_R_set                   ? 
_refine.overall_FOM_work_R_set                   ? 
_refine.pdbx_average_fsc_overall                 ? 
_refine.pdbx_average_fsc_work                    ? 
_refine.pdbx_average_fsc_free                    ? 
# 
_refine_hist.pdbx_refine_id                   'X-RAY DIFFRACTION' 
_refine_hist.cycle_id                         final 
_refine_hist.details                          ? 
_refine_hist.d_res_high                       1.6940 
_refine_hist.d_res_low                        45.0110 
_refine_hist.number_atoms_solvent             53 
_refine_hist.number_atoms_total               864 
_refine_hist.number_reflns_all                ? 
_refine_hist.number_reflns_obs                ? 
_refine_hist.number_reflns_R_free             ? 
_refine_hist.number_reflns_R_work             ? 
_refine_hist.R_factor_all                     ? 
_refine_hist.R_factor_obs                     ? 
_refine_hist.R_factor_R_free                  ? 
_refine_hist.R_factor_R_work                  ? 
_refine_hist.pdbx_number_residues_total       109 
_refine_hist.pdbx_B_iso_mean_ligand           ? 
_refine_hist.pdbx_B_iso_mean_solvent          42.96 
_refine_hist.pdbx_number_atoms_protein        811 
_refine_hist.pdbx_number_atoms_nucleic_acid   0 
_refine_hist.pdbx_number_atoms_ligand         0 
_refine_hist.pdbx_number_atoms_lipid          ? 
_refine_hist.pdbx_number_atoms_carb           ? 
_refine_hist.pdbx_pseudo_atom_details         ? 
# 
loop_
_refine_ls_restr.pdbx_refine_id 
_refine_ls_restr.criterion 
_refine_ls_restr.dev_ideal 
_refine_ls_restr.dev_ideal_target 
_refine_ls_restr.number 
_refine_ls_restr.rejects 
_refine_ls_restr.type 
_refine_ls_restr.weight 
_refine_ls_restr.pdbx_restraint_function 
'X-RAY DIFFRACTION' ? 0.012  ? 819  ? f_bond_d           ? ? 
'X-RAY DIFFRACTION' ? 1.424  ? 1108 ? f_angle_d          ? ? 
'X-RAY DIFFRACTION' ? 0.060  ? 137  ? f_chiral_restr     ? ? 
'X-RAY DIFFRACTION' ? 0.007  ? 141  ? f_plane_restr      ? ? 
'X-RAY DIFFRACTION' ? 13.155 ? 301  ? f_dihedral_angle_d ? ? 
# 
loop_
_refine_ls_shell.pdbx_refine_id 
_refine_ls_shell.d_res_high 
_refine_ls_shell.d_res_low 
_refine_ls_shell.number_reflns_all 
_refine_ls_shell.number_reflns_obs 
_refine_ls_shell.number_reflns_R_free 
_refine_ls_shell.number_reflns_R_work 
_refine_ls_shell.percent_reflns_obs 
_refine_ls_shell.percent_reflns_R_free 
_refine_ls_shell.R_factor_all 
_refine_ls_shell.R_factor_obs 
_refine_ls_shell.R_factor_R_free 
_refine_ls_shell.R_factor_R_free_error 
_refine_ls_shell.R_factor_R_work 
_refine_ls_shell.redundancy_reflns_all 
_refine_ls_shell.redundancy_reflns_obs 
_refine_ls_shell.wR_factor_all 
_refine_ls_shell.wR_factor_obs 
_refine_ls_shell.wR_factor_R_free 
_refine_ls_shell.wR_factor_R_work 
_refine_ls_shell.pdbx_total_number_of_bins_used 
_refine_ls_shell.pdbx_phase_error 
_refine_ls_shell.pdbx_fsc_work 
_refine_ls_shell.pdbx_fsc_free 
'X-RAY DIFFRACTION' 1.6940 1.8247  . . 126 2333 99.0000  . . . 0.2410 0.0000 0.2211 . . . . . . . . . . 
'X-RAY DIFFRACTION' 1.8247 2.0083  . . 128 2371 100.0000 . . . 0.2313 0.0000 0.1872 . . . . . . . . . . 
'X-RAY DIFFRACTION' 2.0083 2.2989  . . 129 2379 100.0000 . . . 0.1873 0.0000 0.1727 . . . . . . . . . . 
'X-RAY DIFFRACTION' 2.2989 2.8964  . . 123 2423 100.0000 . . . 0.2412 0.0000 0.2085 . . . . . . . . . . 
'X-RAY DIFFRACTION' 2.8964 45.0110 . . 131 2527 100.0000 . . . 0.1825 0.0000 0.1645 . . . . . . . . . . 
# 
_struct.entry_id                     6KZ1 
_struct.title                        'Complex structure of Whirlin and Myosin XVa' 
_struct.pdbx_model_details           ? 
_struct.pdbx_formula_weight          ? 
_struct.pdbx_formula_weight_method   ? 
_struct.pdbx_model_type_details      ? 
_struct.pdbx_CASP_flag               N 
# 
_struct_keywords.entry_id        6KZ1 
_struct_keywords.text            'Whirlin, Myosin XVa, complex structure, MOTOR PROTEIN' 
_struct_keywords.pdbx_keywords   'MOTOR PROTEIN' 
# 
loop_
_struct_asym.id 
_struct_asym.pdbx_blank_PDB_chainid_flag 
_struct_asym.pdbx_modified 
_struct_asym.entity_id 
_struct_asym.details 
A N N 1 ? 
B N N 2 ? 
C N N 3 ? 
D N N 3 ? 
# 
loop_
_struct_conf.conf_type_id 
_struct_conf.id 
_struct_conf.pdbx_PDB_helix_id 
_struct_conf.beg_label_comp_id 
_struct_conf.beg_label_asym_id 
_struct_conf.beg_label_seq_id 
_struct_conf.pdbx_beg_PDB_ins_code 
_struct_conf.end_label_comp_id 
_struct_conf.end_label_asym_id 
_struct_conf.end_label_seq_id 
_struct_conf.pdbx_end_PDB_ins_code 
_struct_conf.beg_auth_comp_id 
_struct_conf.beg_auth_asym_id 
_struct_conf.beg_auth_seq_id 
_struct_conf.end_auth_comp_id 
_struct_conf.end_auth_asym_id 
_struct_conf.end_auth_seq_id 
_struct_conf.pdbx_PDB_helix_class 
_struct_conf.details 
_struct_conf.pdbx_PDB_helix_length 
HELX_P HELX_P1 AA1 GLY A 56 ? GLY A 62 ? GLY A 850 GLY A 856 1 ? 7  
HELX_P HELX_P2 AA2 GLU A 82 ? THR A 96 ? GLU A 876 THR A 890 1 ? 15 
# 
_struct_conf_type.id          HELX_P 
_struct_conf_type.criteria    ? 
_struct_conf_type.reference   ? 
# 
loop_
_struct_sheet.id 
_struct_sheet.type 
_struct_sheet.number_strands 
_struct_sheet.details 
AA1 ? 4 ? 
AA2 ? 3 ? 
# 
loop_
_struct_sheet_order.sheet_id 
_struct_sheet_order.range_id_1 
_struct_sheet_order.range_id_2 
_struct_sheet_order.offset 
_struct_sheet_order.sense 
AA1 1 2 ? anti-parallel 
AA1 2 3 ? anti-parallel 
AA1 3 4 ? anti-parallel 
AA2 1 2 ? anti-parallel 
AA2 2 3 ? anti-parallel 
# 
loop_
_struct_sheet_range.sheet_id 
_struct_sheet_range.id 
_struct_sheet_range.beg_label_comp_id 
_struct_sheet_range.beg_label_asym_id 
_struct_sheet_range.beg_label_seq_id 
_struct_sheet_range.pdbx_beg_PDB_ins_code 
_struct_sheet_range.end_label_comp_id 
_struct_sheet_range.end_label_asym_id 
_struct_sheet_range.end_label_seq_id 
_struct_sheet_range.pdbx_end_PDB_ins_code 
_struct_sheet_range.beg_auth_comp_id 
_struct_sheet_range.beg_auth_asym_id 
_struct_sheet_range.beg_auth_seq_id 
_struct_sheet_range.end_auth_comp_id 
_struct_sheet_range.end_auth_asym_id 
_struct_sheet_range.end_auth_seq_id 
AA1 1 SER A 20  ? LYS A 26  ? SER A 814  LYS A 820  
AA1 2 TYR A 101 ? THR A 107 ? TYR A 895  THR A 901  
AA1 3 VAL A 69  ? VAL A 73  ? VAL A 863  VAL A 867  
AA1 4 LEU A 76  ? THR A 77  ? LEU A 870  THR A 871  
AA2 1 ARG A 48  ? ILE A 52  ? ARG A 842  ILE A 846  
AA2 2 ILE A 34  ? GLU A 37  ? ILE A 828  GLU A 831  
AA2 3 ILE B 11  ? LEU B 14  ? ILE B 3508 LEU B 3511 
# 
loop_
_pdbx_struct_sheet_hbond.sheet_id 
_pdbx_struct_sheet_hbond.range_id_1 
_pdbx_struct_sheet_hbond.range_id_2 
_pdbx_struct_sheet_hbond.range_1_label_atom_id 
_pdbx_struct_sheet_hbond.range_1_label_comp_id 
_pdbx_struct_sheet_hbond.range_1_label_asym_id 
_pdbx_struct_sheet_hbond.range_1_label_seq_id 
_pdbx_struct_sheet_hbond.range_1_PDB_ins_code 
_pdbx_struct_sheet_hbond.range_1_auth_atom_id 
_pdbx_struct_sheet_hbond.range_1_auth_comp_id 
_pdbx_struct_sheet_hbond.range_1_auth_asym_id 
_pdbx_struct_sheet_hbond.range_1_auth_seq_id 
_pdbx_struct_sheet_hbond.range_2_label_atom_id 
_pdbx_struct_sheet_hbond.range_2_label_comp_id 
_pdbx_struct_sheet_hbond.range_2_label_asym_id 
_pdbx_struct_sheet_hbond.range_2_label_seq_id 
_pdbx_struct_sheet_hbond.range_2_PDB_ins_code 
_pdbx_struct_sheet_hbond.range_2_auth_atom_id 
_pdbx_struct_sheet_hbond.range_2_auth_comp_id 
_pdbx_struct_sheet_hbond.range_2_auth_asym_id 
_pdbx_struct_sheet_hbond.range_2_auth_seq_id 
AA1 1 2 N VAL A 23  ? N VAL A 817 O PHE A 104 ? O PHE A 898  
AA1 2 3 O LEU A 105 ? O LEU A 899 N LEU A 71  ? N LEU A 865  
AA1 3 4 N VAL A 73  ? N VAL A 867 O LEU A 76  ? O LEU A 870  
AA2 1 2 O VAL A 50  ? O VAL A 844 N ALA A 35  ? N ALA A 829  
AA2 2 3 N ILE A 34  ? N ILE A 828 O LEU B 14  ? O LEU B 3511 
# 
_atom_sites.entry_id                    6KZ1 
_atom_sites.Cartn_transf_matrix[1][1]   ? 
_atom_sites.Cartn_transf_matrix[1][2]   ? 
_atom_sites.Cartn_transf_matrix[1][3]   ? 
_atom_sites.Cartn_transf_matrix[2][1]   ? 
_atom_sites.Cartn_transf_matrix[2][2]   ? 
_atom_sites.Cartn_transf_matrix[2][3]   ? 
_atom_sites.Cartn_transf_matrix[3][1]   ? 
_atom_sites.Cartn_transf_matrix[3][2]   ? 
_atom_sites.Cartn_transf_matrix[3][3]   ? 
_atom_sites.Cartn_transf_vector[1]      ? 
_atom_sites.Cartn_transf_vector[2]      ? 
_atom_sites.Cartn_transf_vector[3]      ? 
_atom_sites.fract_transf_matrix[1][1]   -0.01607125 
_atom_sites.fract_transf_matrix[1][2]   0.01512542 
_atom_sites.fract_transf_matrix[1][3]   0.00254987 
_atom_sites.fract_transf_matrix[2][1]   -0.00993588 
_atom_sites.fract_transf_matrix[2][2]   0.00876526 
_atom_sites.fract_transf_matrix[2][3]   -0.01783378 
_atom_sites.fract_transf_matrix[3][1]   -0.00969989 
_atom_sites.fract_transf_matrix[3][2]   -0.01035917 
_atom_sites.fract_transf_matrix[3][3]   0.00031267 
_atom_sites.fract_transf_vector[1]      0.174988 
_atom_sites.fract_transf_vector[2]      0.532084 
_atom_sites.fract_transf_vector[3]      -0.028830 
_atom_sites.solution_primary            ? 
_atom_sites.solution_secondary          ? 
_atom_sites.solution_hydrogens          ? 
_atom_sites.special_details             ? 
# 
loop_
_atom_type.symbol 
C 
N 
O 
S 
# 
loop_
_atom_site.group_PDB 
_atom_site.id 
_atom_site.type_symbol 
_atom_site.label_atom_id 
_atom_site.label_alt_id 
_atom_site.label_comp_id 
_atom_site.label_asym_id 
_atom_site.label_entity_id 
_atom_site.label_seq_id 
_atom_site.pdbx_PDB_ins_code 
_atom_site.Cartn_x 
_atom_site.Cartn_y 
_atom_site.Cartn_z 
_atom_site.occupancy 
_atom_site.B_iso_or_equiv 
_atom_site.pdbx_formal_charge 
_atom_site.auth_seq_id 
_atom_site.auth_comp_id 
_atom_site.auth_asym_id 
_atom_site.auth_atom_id 
_atom_site.pdbx_PDB_model_num 
ATOM   1   N N   . GLY A 1 17  ? -7.828  -14.357 7.619   1.00 73.13 ? 811  GLY A N   1 
ATOM   2   C CA  . GLY A 1 17  ? -9.208  -14.693 7.385   1.00 68.45 ? 811  GLY A CA  1 
ATOM   3   C C   . GLY A 1 17  ? -9.436  -14.926 5.946   1.00 57.58 ? 811  GLY A C   1 
ATOM   4   O O   . GLY A 1 17  ? -8.562  -14.635 5.124   1.00 48.56 ? 811  GLY A O   1 
ATOM   5   N N   . PRO A 1 18  ? -10.684 -15.491 5.638   1.00 44.24 ? 812  PRO A N   1 
ATOM   6   C CA  . PRO A 1 18  ? -10.825 -15.811 4.229   1.00 34.79 ? 812  PRO A CA  1 
ATOM   7   C C   . PRO A 1 18  ? -10.588 -14.629 3.351   1.00 36.95 ? 812  PRO A C   1 
ATOM   8   O O   . PRO A 1 18  ? -11.045 -13.570 3.662   1.00 35.37 ? 812  PRO A O   1 
ATOM   9   C CB  . PRO A 1 18  ? -12.274 -16.232 4.083   1.00 39.42 ? 812  PRO A CB  1 
ATOM   10  C CG  . PRO A 1 18  ? -12.654 -16.765 5.348   1.00 42.70 ? 812  PRO A CG  1 
ATOM   11  C CD  . PRO A 1 18  ? -12.019 -15.860 6.313   1.00 42.65 ? 812  PRO A CD  1 
ATOM   12  N N   . GLY A 1 19  ? -9.872  -14.843 2.271   1.00 36.94 ? 813  GLY A N   1 
ATOM   13  C CA  . GLY A 1 19  ? -9.703  -13.835 1.277   1.00 36.63 ? 813  GLY A CA  1 
ATOM   14  C C   . GLY A 1 19  ? -8.415  -13.042 1.382   1.00 32.58 ? 813  GLY A C   1 
ATOM   15  O O   . GLY A 1 19  ? -8.189  -12.217 0.568   1.00 35.53 ? 813  GLY A O   1 
ATOM   16  N N   . SER A 1 20  ? -7.609  -13.293 2.387   1.00 26.28 ? 814  SER A N   1 
ATOM   17  C CA  . SER A 1 20  ? -6.361  -12.579 2.527   1.00 24.35 ? 814  SER A CA  1 
ATOM   18  C C   . SER A 1 20  ? -5.133  -13.401 2.158   1.00 26.47 ? 814  SER A C   1 
ATOM   19  O O   . SER A 1 20  ? -5.135  -14.597 2.289   1.00 26.11 ? 814  SER A O   1 
ATOM   20  C CB  . SER A 1 20  ? -6.257  -11.982 3.896   1.00 34.03 ? 814  SER A CB  1 
ATOM   21  O OG  . SER A 1 20  ? -5.655  -12.834 4.814   1.00 39.96 ? 814  SER A OG  1 
ATOM   22  N N   . THR A 1 21  ? -4.125  -12.710 1.643   1.00 24.04 ? 815  THR A N   1 
ATOM   23  C CA  . THR A 1 21  ? -2.885  -13.360 1.203   1.00 26.63 ? 815  THR A CA  1 
ATOM   24  C C   . THR A 1 21  ? -1.742  -12.543 1.729   1.00 28.99 ? 815  THR A C   1 
ATOM   25  O O   . THR A 1 21  ? -1.763  -11.324 1.632   1.00 25.80 ? 815  THR A O   1 
ATOM   26  C CB  . THR A 1 21  ? -2.764  -13.438 -0.337  1.00 29.30 ? 815  THR A CB  1 
ATOM   27  O OG1 . THR A 1 21  ? -3.901  -14.118 -0.895  1.00 32.82 ? 815  THR A OG1 1 
ATOM   28  C CG2 . THR A 1 21  ? -1.483  -14.183 -0.741  1.00 30.22 ? 815  THR A CG2 1 
ATOM   29  N N   . LEU A 1 22  ? -0.723  -13.199 2.279   1.00 27.47 ? 816  LEU A N   1 
ATOM   30  C CA  . LEU A 1 22  ? 0.469   -12.480 2.675   1.00 28.77 ? 816  LEU A CA  1 
ATOM   31  C C   . LEU A 1 22  ? 1.451   -12.497 1.520   1.00 27.30 ? 816  LEU A C   1 
ATOM   32  O O   . LEU A 1 22  ? 1.849   -13.550 1.073   1.00 29.45 ? 816  LEU A O   1 
ATOM   33  C CB  . LEU A 1 22  ? 1.082   -13.122 3.919   1.00 33.02 ? 816  LEU A CB  1 
ATOM   34  C CG  . LEU A 1 22  ? 2.201   -12.363 4.613   1.00 35.89 ? 816  LEU A CG  1 
ATOM   35  C CD1 . LEU A 1 22  ? 1.775   -10.955 5.077   1.00 33.80 ? 816  LEU A CD1 1 
ATOM   36  C CD2 . LEU A 1 22  ? 2.704   -13.163 5.809   1.00 42.72 ? 816  LEU A CD2 1 
ATOM   37  N N   . VAL A 1 23  ? 1.803   -11.303 1.036   1.00 23.23 ? 817  VAL A N   1 
ATOM   38  C CA  . VAL A 1 23  ? 2.739   -11.120 -0.084  1.00 23.85 ? 817  VAL A CA  1 
ATOM   39  C C   . VAL A 1 23  ? 4.055   -10.476 0.357   1.00 25.90 ? 817  VAL A C   1 
ATOM   40  O O   . VAL A 1 23  ? 4.071   -9.379  0.918   1.00 25.07 ? 817  VAL A O   1 
ATOM   41  C CB  . VAL A 1 23  ? 2.097   -10.226 -1.178  1.00 22.14 ? 817  VAL A CB  1 
ATOM   42  C CG1 . VAL A 1 23  ? 3.073   -9.947  -2.296  1.00 27.97 ? 817  VAL A CG1 1 
ATOM   43  C CG2 . VAL A 1 23  ? 0.822   -10.923 -1.701  1.00 26.54 ? 817  VAL A CG2 1 
ATOM   44  N N   . ARG A 1 24  ? 5.154   -11.179 0.136   1.00 22.65 ? 818  ARG A N   1 
ATOM   45  C CA  . ARG A 1 24  ? 6.457   -10.617 0.486   1.00 20.38 ? 818  ARG A CA  1 
ATOM   46  C C   . ARG A 1 24  ? 7.096   -10.025 -0.759  1.00 25.04 ? 818  ARG A C   1 
ATOM   47  O O   . ARG A 1 24  ? 7.445   -10.747 -1.701  1.00 26.11 ? 818  ARG A O   1 
ATOM   48  C CB  . ARG A 1 24  ? 7.333   -11.698 1.127   1.00 23.22 ? 818  ARG A CB  1 
ATOM   49  C CG  . ARG A 1 24  ? 8.717   -11.207 1.465   1.00 23.26 ? 818  ARG A CG  1 
ATOM   50  C CD  . ARG A 1 24  ? 9.422   -12.217 2.356   1.00 23.96 ? 818  ARG A CD  1 
ATOM   51  N NE  . ARG A 1 24  ? 8.784   -12.162 3.672   1.00 24.76 ? 818  ARG A NE  1 
ATOM   52  C CZ  . ARG A 1 24  ? 9.220   -12.831 4.725   1.00 25.99 ? 818  ARG A CZ  1 
ATOM   53  N NH1 . ARG A 1 24  ? 10.278  -13.640 4.604   1.00 27.20 ? 818  ARG A NH1 1 
ATOM   54  N NH2 . ARG A 1 24  ? 8.593   -12.693 5.890   1.00 28.78 ? 818  ARG A NH2 1 
ATOM   55  N N   . VAL A 1 25  ? 7.272   -8.700  -0.760  1.00 22.20 ? 819  VAL A N   1 
ATOM   56  C CA  . VAL A 1 25  ? 7.777   -8.004  -1.920  1.00 20.98 ? 819  VAL A CA  1 
ATOM   57  C C   . VAL A 1 25  ? 9.252   -7.657  -1.708  1.00 24.91 ? 819  VAL A C   1 
ATOM   58  O O   . VAL A 1 25  ? 9.583   -6.911  -0.788  1.00 23.32 ? 819  VAL A O   1 
ATOM   59  C CB  . VAL A 1 25  ? 6.954   -6.705  -2.197  1.00 20.43 ? 819  VAL A CB  1 
ATOM   60  C CG1 . VAL A 1 25  ? 7.536   -5.916  -3.424  1.00 26.06 ? 819  VAL A CG1 1 
ATOM   61  C CG2 . VAL A 1 25  ? 5.482   -7.018  -2.404  1.00 23.63 ? 819  VAL A CG2 1 
ATOM   62  N N   . LYS A 1 26  ? 10.144  -8.221  -2.528  1.00 20.97 ? 820  LYS A N   1 
ATOM   63  C CA  . LYS A 1 26  ? 11.555  -7.869  -2.466  1.00 24.46 ? 820  LYS A CA  1 
ATOM   64  C C   . LYS A 1 26  ? 11.777  -6.422  -2.898  1.00 26.78 ? 820  LYS A C   1 
ATOM   65  O O   . LYS A 1 26  ? 11.127  -5.940  -3.840  1.00 25.65 ? 820  LYS A O   1 
ATOM   66  C CB  . LYS A 1 26  ? 12.376  -8.808  -3.358  1.00 27.86 ? 820  LYS A CB  1 
ATOM   67  C CG  . LYS A 1 26  ? 13.881  -8.569  -3.253  1.00 35.84 ? 820  LYS A CG  1 
ATOM   68  C CD  . LYS A 1 26  ? 14.619  -8.981  -4.501  1.00 43.80 ? 820  LYS A CD  1 
ATOM   69  C CE  . LYS A 1 26  ? 16.132  -8.973  -4.243  1.00 47.26 ? 820  LYS A CE  1 
ATOM   70  N NZ  . LYS A 1 26  ? 16.543  -7.944  -3.229  1.00 49.12 ? 820  LYS A NZ  1 
ATOM   71  N N   . LYS A 1 27  ? 12.670  -5.726  -2.200  1.00 24.81 ? 821  LYS A N   1 
ATOM   72  C CA  . LYS A 1 27  ? 13.005  -4.351  -2.558  1.00 25.34 ? 821  LYS A CA  1 
ATOM   73  C C   . LYS A 1 27  ? 13.984  -4.354  -3.736  1.00 30.57 ? 821  LYS A C   1 
ATOM   74  O O   . LYS A 1 27  ? 15.172  -4.051  -3.574  1.00 38.18 ? 821  LYS A O   1 
ATOM   75  C CB  . LYS A 1 27  ? 13.605  -3.632  -1.357  1.00 30.18 ? 821  LYS A CB  1 
ATOM   76  C CG  . LYS A 1 27  ? 12.690  -3.556  -0.158  1.00 33.75 ? 821  LYS A CG  1 
ATOM   77  C CD  . LYS A 1 27  ? 13.484  -3.011  1.030   1.00 31.82 ? 821  LYS A CD  1 
ATOM   78  C CE  . LYS A 1 27  ? 12.634  -3.009  2.284   1.00 31.83 ? 821  LYS A CE  1 
ATOM   79  N NZ  . LYS A 1 27  ? 13.379  -2.277  3.367   1.00 29.74 ? 821  LYS A NZ  1 
ATOM   80  N N   . SER A 1 28  ? 13.491  -4.742  -4.914  1.00 29.88 ? 822  SER A N   1 
ATOM   81  C CA  . SER A 1 28  ? 14.346  -5.003  -6.068  1.00 29.94 ? 822  SER A CA  1 
ATOM   82  C C   . SER A 1 28  ? 14.706  -3.740  -6.833  1.00 33.10 ? 822  SER A C   1 
ATOM   83  O O   . SER A 1 28  ? 15.674  -3.739  -7.602  1.00 37.54 ? 822  SER A O   1 
ATOM   84  C CB  . SER A 1 28  ? 13.671  -5.989  -7.020  1.00 32.88 ? 822  SER A CB  1 
ATOM   85  O OG  . SER A 1 28  ? 12.403  -5.492  -7.441  1.00 34.22 ? 822  SER A OG  1 
ATOM   86  N N   . ALA A 1 29  ? 13.935  -2.683  -6.624  1.00 32.75 ? 823  ALA A N   1 
ATOM   87  C CA  . ALA A 1 29  ? 14.095  -1.420  -7.334  1.00 36.66 ? 823  ALA A CA  1 
ATOM   88  C C   . ALA A 1 29  ? 14.207  -0.294  -6.329  1.00 38.71 ? 823  ALA A C   1 
ATOM   89  O O   . ALA A 1 29  ? 14.064  -0.524  -5.141  1.00 39.81 ? 823  ALA A O   1 
ATOM   90  C CB  . ALA A 1 29  ? 12.921  -1.185  -8.274  1.00 39.33 ? 823  ALA A CB  1 
ATOM   91  N N   . ALA A 1 30  ? 14.447  0.926   -6.795  1.00 39.46 ? 824  ALA A N   1 
ATOM   92  C CA  . ALA A 1 30  ? 14.603  2.054   -5.882  1.00 40.58 ? 824  ALA A CA  1 
ATOM   93  C C   . ALA A 1 30  ? 13.294  2.569   -5.279  1.00 41.12 ? 824  ALA A C   1 
ATOM   94  O O   . ALA A 1 30  ? 13.312  3.331   -4.308  1.00 39.06 ? 824  ALA A O   1 
ATOM   95  C CB  . ALA A 1 30  ? 15.347  3.207   -6.600  1.00 42.66 ? 824  ALA A CB  1 
ATOM   96  N N   . THR A 1 31  ? 12.144  2.171   -5.839  1.00 35.41 ? 825  THR A N   1 
ATOM   97  C CA  . THR A 1 31  ? 10.861  2.539   -5.260  1.00 33.10 ? 825  THR A CA  1 
ATOM   98  C C   . THR A 1 31  ? 9.973   1.322   -5.288  1.00 27.11 ? 825  THR A C   1 
ATOM   99  O O   . THR A 1 31  ? 10.314  0.322   -5.905  1.00 30.70 ? 825  THR A O   1 
ATOM   100 C CB  . THR A 1 31  ? 10.138  3.670   -6.010  1.00 37.78 ? 825  THR A CB  1 
ATOM   101 O OG1 . THR A 1 31  ? 9.757   3.212   -7.312  1.00 42.34 ? 825  THR A OG1 1 
ATOM   102 C CG2 . THR A 1 31  ? 11.046  4.905   -6.143  1.00 37.42 ? 825  THR A CG2 1 
ATOM   103 N N   . LEU A 1 32  ? 8.859   1.422   -4.596  1.00 27.27 ? 826  LEU A N   1 
ATOM   104 C CA  . LEU A 1 32  ? 7.888   0.363   -4.591  1.00 25.90 ? 826  LEU A CA  1 
ATOM   105 C C   . LEU A 1 32  ? 7.160   0.360   -5.920  1.00 29.08 ? 826  LEU A C   1 
ATOM   106 O O   . LEU A 1 32  ? 6.850   -0.695  -6.473  1.00 33.81 ? 826  LEU A O   1 
ATOM   107 C CB  . LEU A 1 32  ? 6.937   0.579   -3.429  1.00 33.90 ? 826  LEU A CB  1 
ATOM   108 C CG  . LEU A 1 32  ? 6.035   -0.516  -2.929  1.00 38.48 ? 826  LEU A CG  1 
ATOM   109 C CD1 . LEU A 1 32  ? 6.775   -1.837  -2.763  1.00 30.34 ? 826  LEU A CD1 1 
ATOM   110 C CD2 . LEU A 1 32  ? 5.469   -0.027  -1.602  1.00 39.17 ? 826  LEU A CD2 1 
ATOM   111 N N   . GLY A 1 33  ? 6.891   1.566   -6.425  1.00 31.40 ? 827  GLY A N   1 
ATOM   112 C CA  . GLY A 1 33  ? 6.271   1.747   -7.721  1.00 30.60 ? 827  GLY A CA  1 
ATOM   113 C C   . GLY A 1 33  ? 4.789   1.426   -7.665  1.00 33.75 ? 827  GLY A C   1 
ATOM   114 O O   . GLY A 1 33  ? 4.250   0.797   -8.572  1.00 36.00 ? 827  GLY A O   1 
ATOM   115 N N   . ILE A 1 34  ? 4.128   1.823   -6.584  1.00 28.64 ? 828  ILE A N   1 
ATOM   116 C CA  . ILE A 1 34  ? 2.675   1.753   -6.549  1.00 30.28 ? 828  ILE A CA  1 
ATOM   117 C C   . ILE A 1 34  ? 2.106   3.091   -6.136  1.00 32.70 ? 828  ILE A C   1 
ATOM   118 O O   . ILE A 1 34  ? 2.815   3.913   -5.529  1.00 30.74 ? 828  ILE A O   1 
ATOM   119 C CB  . ILE A 1 34  ? 2.156   0.686   -5.580  1.00 30.09 ? 828  ILE A CB  1 
ATOM   120 C CG1 . ILE A 1 34  ? 2.496   1.069   -4.144  1.00 28.65 ? 828  ILE A CG1 1 
ATOM   121 C CG2 . ILE A 1 34  ? 2.758   -0.647  -5.938  1.00 27.68 ? 828  ILE A CG2 1 
ATOM   122 C CD1 . ILE A 1 34  ? 2.025   0.049   -3.094  1.00 31.69 ? 828  ILE A CD1 1 
ATOM   123 N N   . ALA A 1 35  ? 0.866   3.331   -6.543  1.00 27.23 ? 829  ALA A N   1 
ATOM   124 C CA  . ALA A 1 35  ? 0.048   4.409   -5.999  1.00 24.09 ? 829  ALA A CA  1 
ATOM   125 C C   . ALA A 1 35  ? -1.039  3.781   -5.148  1.00 28.00 ? 829  ALA A C   1 
ATOM   126 O O   . ALA A 1 35  ? -1.658  2.777   -5.560  1.00 26.97 ? 829  ALA A O   1 
ATOM   127 C CB  . ALA A 1 35  ? -0.572  5.245   -7.093  1.00 27.78 ? 829  ALA A CB  1 
ATOM   128 N N   . ILE A 1 36  ? -1.318  4.371   -3.989  1.00 22.99 ? 830  ILE A N   1 
ATOM   129 C CA  . ILE A 1 36  ? -2.421  3.865   -3.147  1.00 20.89 ? 830  ILE A CA  1 
ATOM   130 C C   . ILE A 1 36  ? -3.408  4.981   -2.819  1.00 24.98 ? 830  ILE A C   1 
ATOM   131 O O   . ILE A 1 36  ? -3.009  6.165   -2.752  1.00 26.88 ? 830  ILE A O   1 
ATOM   132 C CB  . ILE A 1 36  ? -1.927  3.270   -1.834  1.00 20.85 ? 830  ILE A CB  1 
ATOM   133 C CG1 . ILE A 1 36  ? -1.138  4.328   -1.052  1.00 28.54 ? 830  ILE A CG1 1 
ATOM   134 C CG2 . ILE A 1 36  ? -1.012  2.044   -2.106  1.00 25.43 ? 830  ILE A CG2 1 
ATOM   135 C CD1 . ILE A 1 36  ? -0.986  3.998   0.404   1.00 32.59 ? 830  ILE A CD1 1 
ATOM   136 N N   . GLU A 1 37  ? -4.667  4.604   -2.621  1.00 20.80 ? 831  GLU A N   1 
ATOM   137 C CA  . GLU A 1 37  ? -5.743  5.522   -2.304  1.00 20.99 ? 831  GLU A CA  1 
ATOM   138 C C   . GLU A 1 37  ? -6.469  5.013   -1.093  1.00 24.49 ? 831  GLU A C   1 
ATOM   139 O O   . GLU A 1 37  ? -6.722  3.824   -0.999  1.00 27.83 ? 831  GLU A O   1 
ATOM   140 C CB  . GLU A 1 37  ? -6.730  5.639   -3.472  1.00 28.61 ? 831  GLU A CB  1 
ATOM   141 C CG  . GLU A 1 37  ? -7.815  6.677   -3.274  1.00 36.56 ? 831  GLU A CG  1 
ATOM   142 C CD  . GLU A 1 37  ? -8.689  6.851   -4.511  1.00 50.80 ? 831  GLU A CD  1 
ATOM   143 O OE1 . GLU A 1 37  ? -8.638  5.970   -5.395  1.00 55.84 ? 831  GLU A OE1 1 
ATOM   144 O OE2 . GLU A 1 37  ? -9.418  7.872   -4.601  1.00 56.57 ? 831  GLU A OE2 1 
ATOM   145 N N   . GLY A 1 38  ? -6.879  5.907   -0.202  1.00 25.89 ? 832  GLY A N   1 
ATOM   146 C CA  . GLY A 1 38  ? -7.761  5.489   0.872   1.00 27.90 ? 832  GLY A CA  1 
ATOM   147 C C   . GLY A 1 38  ? -7.114  5.468   2.235   1.00 27.59 ? 832  GLY A C   1 
ATOM   148 O O   . GLY A 1 38  ? -5.924  5.781   2.386   1.00 28.45 ? 832  GLY A O   1 
ATOM   149 N N   . GLY A 1 39  ? -7.896  5.079   3.233   1.00 21.14 ? 833  GLY A N   1 
ATOM   150 C CA  . GLY A 1 39  ? -7.459  5.179   4.609   1.00 23.62 ? 833  GLY A CA  1 
ATOM   151 C C   . GLY A 1 39  ? -8.656  5.582   5.431   1.00 23.22 ? 833  GLY A C   1 
ATOM   152 O O   . GLY A 1 39  ? -9.746  5.771   4.892   1.00 25.17 ? 833  GLY A O   1 
ATOM   153 N N   . ALA A 1 40  ? -8.441  5.713   6.730   1.00 25.30 ? 834  ALA A N   1 
ATOM   154 C CA  . ALA A 1 40  ? -9.532  5.829   7.683   1.00 30.14 ? 834  ALA A CA  1 
ATOM   155 C C   . ALA A 1 40  ? -10.406 7.046   7.395   1.00 35.39 ? 834  ALA A C   1 
ATOM   156 O O   . ALA A 1 40  ? -9.916  8.100   6.997   1.00 34.41 ? 834  ALA A O   1 
ATOM   157 C CB  . ALA A 1 40  ? -8.997  5.876   9.099   1.00 33.69 ? 834  ALA A CB  1 
ATOM   158 N N   . ASN A 1 41  ? -11.713 6.855   7.568   1.00 38.25 ? 835  ASN A N   1 
ATOM   159 C CA  . ASN A 1 41  ? -12.722 7.891   7.348   1.00 50.13 ? 835  ASN A CA  1 
ATOM   160 C C   . ASN A 1 41  ? -12.767 8.431   5.938   1.00 48.71 ? 835  ASN A C   1 
ATOM   161 O O   . ASN A 1 41  ? -12.956 9.629   5.709   1.00 50.65 ? 835  ASN A O   1 
ATOM   162 C CB  . ASN A 1 41  ? -12.493 9.006   8.329   1.00 60.39 ? 835  ASN A CB  1 
ATOM   163 C CG  . ASN A 1 41  ? -12.076 8.473   9.648   1.00 68.90 ? 835  ASN A CG  1 
ATOM   164 O OD1 . ASN A 1 41  ? -10.967 8.733   10.121  1.00 69.89 ? 835  ASN A OD1 1 
ATOM   165 N ND2 . ASN A 1 41  ? -12.949 7.676   10.257  1.00 73.67 ? 835  ASN A ND2 1 
ATOM   166 N N   . THR A 1 42  ? -12.602 7.516   4.996   1.00 43.00 ? 836  THR A N   1 
ATOM   167 C CA  . THR A 1 42  ? -12.840 7.789   3.600   1.00 39.95 ? 836  THR A CA  1 
ATOM   168 C C   . THR A 1 42  ? -13.715 6.646   3.111   1.00 36.67 ? 836  THR A C   1 
ATOM   169 O O   . THR A 1 42  ? -13.894 5.645   3.818   1.00 35.70 ? 836  THR A O   1 
ATOM   170 C CB  . THR A 1 42  ? -11.531 7.880   2.784   1.00 42.07 ? 836  THR A CB  1 
ATOM   171 O OG1 . THR A 1 42  ? -10.956 6.575   2.651   1.00 37.80 ? 836  THR A OG1 1 
ATOM   172 C CG2 . THR A 1 42  ? -10.511 8.807   3.463   1.00 46.00 ? 836  THR A CG2 1 
ATOM   173 N N   . ARG A 1 43  ? -14.269 6.793   1.917   1.00 35.82 ? 837  ARG A N   1 
ATOM   174 C CA  . ARG A 1 43  ? -15.098 5.755   1.322   1.00 38.25 ? 837  ARG A CA  1 
ATOM   175 C C   . ARG A 1 43  ? -14.307 4.472   1.085   1.00 37.21 ? 837  ARG A C   1 
ATOM   176 O O   . ARG A 1 43  ? -14.895 3.410   0.872   1.00 40.97 ? 837  ARG A O   1 
ATOM   177 C CB  . ARG A 1 43  ? -15.693 6.255   0.011   1.00 43.67 ? 837  ARG A CB  1 
ATOM   178 N N   . GLN A 1 44  ? -12.972 4.578   1.126   1.00 34.81 ? 838  GLN A N   1 
ATOM   179 C CA  . GLN A 1 44  ? -12.066 3.432   0.975   1.00 30.17 ? 838  GLN A CA  1 
ATOM   180 C C   . GLN A 1 44  ? -11.226 3.334   2.248   1.00 30.85 ? 838  GLN A C   1 
ATOM   181 O O   . GLN A 1 44  ? -10.137 3.958   2.344   1.00 31.42 ? 838  GLN A O   1 
ATOM   182 C CB  . GLN A 1 44  ? -11.200 3.609   -0.289  1.00 29.79 ? 838  GLN A CB  1 
ATOM   183 C CG  . GLN A 1 44  ? -10.139 2.542   -0.553  1.00 30.31 ? 838  GLN A CG  1 
ATOM   184 C CD  . GLN A 1 44  ? -10.747 1.220   -1.014  1.00 35.51 ? 838  GLN A CD  1 
ATOM   185 O OE1 . GLN A 1 44  ? -11.484 1.177   -1.990  1.00 43.40 ? 838  GLN A OE1 1 
ATOM   186 N NE2 . GLN A 1 44  ? -10.427 0.148   -0.313  1.00 32.04 ? 838  GLN A NE2 1 
ATOM   187 N N   . PRO A 1 45  ? -11.751 2.638   3.279   1.00 23.97 ? 839  PRO A N   1 
ATOM   188 C CA  . PRO A 1 45  ? -11.193 2.785   4.626   1.00 26.33 ? 839  PRO A CA  1 
ATOM   189 C C   . PRO A 1 45  ? -9.850  2.111   4.840   1.00 28.03 ? 839  PRO A C   1 
ATOM   190 O O   . PRO A 1 45  ? -9.113  2.477   5.750   1.00 28.37 ? 839  PRO A O   1 
ATOM   191 C CB  . PRO A 1 45  ? -12.262 2.163   5.522   1.00 28.23 ? 839  PRO A CB  1 
ATOM   192 C CG  . PRO A 1 45  ? -13.044 1.252   4.651   1.00 29.55 ? 839  PRO A CG  1 
ATOM   193 C CD  . PRO A 1 45  ? -12.985 1.823   3.257   1.00 28.59 ? 839  PRO A CD  1 
ATOM   194 N N   . LEU A 1 46  ? -9.534  1.146   3.988   1.00 29.40 ? 840  LEU A N   1 
ATOM   195 C CA  . LEU A 1 46  ? -8.186  0.576   3.944   1.00 27.41 ? 840  LEU A CA  1 
ATOM   196 C C   . LEU A 1 46  ? -7.617  0.886   2.577   1.00 27.25 ? 840  LEU A C   1 
ATOM   197 O O   . LEU A 1 46  ? -8.371  0.894   1.607   1.00 28.13 ? 840  LEU A O   1 
ATOM   198 C CB  . LEU A 1 46  ? -8.219  -0.932  4.173   1.00 28.13 ? 840  LEU A CB  1 
ATOM   199 C CG  . LEU A 1 46  ? -8.489  -1.359  5.619   1.00 31.18 ? 840  LEU A CG  1 
ATOM   200 C CD1 . LEU A 1 46  ? -8.927  -2.767  5.610   1.00 38.07 ? 840  LEU A CD1 1 
ATOM   201 C CD2 . LEU A 1 46  ? -7.223  -1.179  6.446   1.00 34.61 ? 840  LEU A CD2 1 
ATOM   202 N N   . PRO A 1 47  ? -6.295  1.144   2.485   1.00 23.74 ? 841  PRO A N   1 
ATOM   203 C CA  . PRO A 1 47  ? -5.743  1.580   1.209   1.00 21.11 ? 841  PRO A CA  1 
ATOM   204 C C   . PRO A 1 47  ? -5.826  0.580   0.065   1.00 20.99 ? 841  PRO A C   1 
ATOM   205 O O   . PRO A 1 47  ? -5.523  -0.600  0.215   1.00 23.03 ? 841  PRO A O   1 
ATOM   206 C CB  . PRO A 1 47  ? -4.265  1.851   1.534   1.00 22.63 ? 841  PRO A CB  1 
ATOM   207 C CG  . PRO A 1 47  ? -4.255  2.101   2.995   1.00 26.95 ? 841  PRO A CG  1 
ATOM   208 C CD  . PRO A 1 47  ? -5.290  1.189   3.561   1.00 27.06 ? 841  PRO A CD  1 
ATOM   209 N N   . ARG A 1 48  ? -6.174  1.083   -1.104  1.00 21.75 ? 842  ARG A N   1 
ATOM   210 C CA  . ARG A 1 48  ? -6.266  0.262   -2.295  1.00 19.36 ? 842  ARG A CA  1 
ATOM   211 C C   . ARG A 1 48  ? -5.153  0.563   -3.252  1.00 23.49 ? 842  ARG A C   1 
ATOM   212 O O   . ARG A 1 48  ? -4.790  1.743   -3.391  1.00 24.56 ? 842  ARG A O   1 
ATOM   213 C CB  . ARG A 1 48  ? -7.605  0.518   -2.984  1.00 26.84 ? 842  ARG A CB  1 
ATOM   214 C CG  . ARG A 1 48  ? -7.812  -0.197  -4.275  1.00 36.21 ? 842  ARG A CG  1 
ATOM   215 C CD  . ARG A 1 48  ? -9.109  0.333   -4.931  1.00 44.04 ? 842  ARG A CD  1 
ATOM   216 N NE  . ARG A 1 48  ? -8.842  0.734   -6.311  1.00 53.33 ? 842  ARG A NE  1 
ATOM   217 C CZ  . ARG A 1 48  ? -9.106  -0.040  -7.350  1.00 54.89 ? 842  ARG A CZ  1 
ATOM   218 N NH1 . ARG A 1 48  ? -9.684  -1.214  -7.139  1.00 56.50 ? 842  ARG A NH1 1 
ATOM   219 N NH2 . ARG A 1 48  ? -8.828  0.356   -8.589  1.00 52.51 ? 842  ARG A NH2 1 
ATOM   220 N N   . ILE A 1 49  ? -4.578  -0.471  -3.893  1.00 18.69 ? 843  ILE A N   1 
ATOM   221 C CA  . ILE A 1 49  ? -3.566  -0.179  -4.905  1.00 19.98 ? 843  ILE A CA  1 
ATOM   222 C C   . ILE A 1 49  ? -4.240  0.329   -6.173  1.00 24.00 ? 843  ILE A C   1 
ATOM   223 O O   . ILE A 1 49  ? -5.082  -0.354  -6.760  1.00 24.08 ? 843  ILE A O   1 
ATOM   224 C CB  . ILE A 1 49  ? -2.703  -1.404  -5.227  1.00 19.73 ? 843  ILE A CB  1 
ATOM   225 C CG1 . ILE A 1 49  ? -2.000  -1.831  -3.945  1.00 21.16 ? 843  ILE A CG1 1 
ATOM   226 C CG2 . ILE A 1 49  ? -1.705  -1.065  -6.340  1.00 24.44 ? 843  ILE A CG2 1 
ATOM   227 C CD1 . ILE A 1 49  ? -1.126  -3.123  -4.107  1.00 23.14 ? 843  ILE A CD1 1 
ATOM   228 N N   . VAL A 1 50  ? -3.904  1.549   -6.582  1.00 21.94 ? 844  VAL A N   1 
ATOM   229 C CA  . VAL A 1 50  ? -4.569  2.080   -7.786  1.00 25.31 ? 844  VAL A CA  1 
ATOM   230 C C   . VAL A 1 50  ? -3.717  1.989   -9.064  1.00 29.38 ? 844  VAL A C   1 
ATOM   231 O O   . VAL A 1 50  ? -4.288  1.979   -10.169 1.00 29.55 ? 844  VAL A O   1 
ATOM   232 C CB  . VAL A 1 50  ? -5.029  3.520   -7.578  1.00 35.12 ? 844  VAL A CB  1 
ATOM   233 C CG1 . VAL A 1 50  ? -6.109  3.579   -6.484  1.00 38.04 ? 844  VAL A CG1 1 
ATOM   234 C CG2 . VAL A 1 50  ? -3.925  4.368   -7.211  1.00 34.39 ? 844  VAL A CG2 1 
ATOM   235 N N   . THR A 1 51  ? -2.388  1.920   -8.927  1.00 26.16 ? 845  THR A N   1 
ATOM   236 C CA  . THR A 1 51  ? -1.475  1.759   -10.068 1.00 25.54 ? 845  THR A CA  1 
ATOM   237 C C   . THR A 1 51  ? -0.275  0.915   -9.676  1.00 27.39 ? 845  THR A C   1 
ATOM   238 O O   . THR A 1 51  ? 0.161   0.977   -8.520  1.00 27.42 ? 845  THR A O   1 
ATOM   239 C CB  . THR A 1 51  ? -0.942  3.144   -10.582 1.00 35.19 ? 845  THR A CB  1 
ATOM   240 O OG1 . THR A 1 51  ? -2.036  4.051   -10.732 1.00 40.10 ? 845  THR A OG1 1 
ATOM   241 C CG2 . THR A 1 51  ? -0.218  3.017   -11.921 1.00 37.97 ? 845  THR A CG2 1 
ATOM   242 N N   . ILE A 1 52  ? 0.271   0.150   -10.638 1.00 26.56 ? 846  ILE A N   1 
ATOM   243 C CA  . ILE A 1 52  ? 1.546   -0.552  -10.456 1.00 26.54 ? 846  ILE A CA  1 
ATOM   244 C C   . ILE A 1 52  ? 2.440   -0.145  -11.623 1.00 32.40 ? 846  ILE A C   1 
ATOM   245 O O   . ILE A 1 52  ? 2.159   -0.463  -12.780 1.00 34.10 ? 846  ILE A O   1 
ATOM   246 C CB  . ILE A 1 52  ? 1.378   -2.078  -10.398 1.00 26.51 ? 846  ILE A CB  1 
ATOM   247 C CG1 . ILE A 1 52  ? 0.657   -2.479  -9.107  1.00 27.00 ? 846  ILE A CG1 1 
ATOM   248 C CG2 . ILE A 1 52  ? 2.734   -2.797  -10.391 1.00 27.39 ? 846  ILE A CG2 1 
ATOM   249 C CD1 . ILE A 1 52  ? 0.406   -3.939  -9.031  1.00 31.36 ? 846  ILE A CD1 1 
ATOM   250 N N   . GLN A 1 53  ? 3.491   0.603   -11.321 1.00 29.16 ? 847  GLN A N   1 
ATOM   251 C CA  . GLN A 1 53  ? 4.388   1.076   -12.375 1.00 32.58 ? 847  GLN A CA  1 
ATOM   252 C C   . GLN A 1 53  ? 5.426   0.053   -12.821 1.00 33.34 ? 847  GLN A C   1 
ATOM   253 O O   . GLN A 1 53  ? 6.072   -0.615  -11.992 1.00 33.91 ? 847  GLN A O   1 
ATOM   254 C CB  . GLN A 1 53  ? 5.092   2.335   -11.892 1.00 38.81 ? 847  GLN A CB  1 
ATOM   255 C CG  . GLN A 1 53  ? 4.146   3.454   -11.495 1.00 49.27 ? 847  GLN A CG  1 
ATOM   256 C CD  . GLN A 1 53  ? 4.887   4.659   -10.933 1.00 60.39 ? 847  GLN A CD  1 
ATOM   257 O OE1 . GLN A 1 53  ? 5.993   4.531   -10.412 1.00 63.17 ? 847  GLN A OE1 1 
ATOM   258 N NE2 . GLN A 1 53  ? 4.283   5.834   -11.049 1.00 62.77 ? 847  GLN A NE2 1 
ATOM   259 N N   . ARG A 1 54  ? 5.633   -0.035  -14.136 1.00 35.20 ? 848  ARG A N   1 
ATOM   260 C CA  . ARG A 1 54  ? 6.669   -0.914  -14.677 1.00 40.10 ? 848  ARG A CA  1 
ATOM   261 C C   . ARG A 1 54  ? 8.002   -0.448  -14.126 1.00 42.45 ? 848  ARG A C   1 
ATOM   262 O O   . ARG A 1 54  ? 8.213   0.751   -13.978 1.00 40.07 ? 848  ARG A O   1 
ATOM   263 C CB  . ARG A 1 54  ? 6.674   -0.890  -16.208 1.00 45.09 ? 848  ARG A CB  1 
ATOM   264 N N   . GLY A 1 55  ? 8.877   -1.387  -13.774 1.00 43.74 ? 849  GLY A N   1 
ATOM   265 C CA  . GLY A 1 55  ? 10.191  -1.023  -13.282 1.00 45.90 ? 849  GLY A CA  1 
ATOM   266 C C   . GLY A 1 55  ? 10.303  -0.860  -11.779 1.00 44.68 ? 849  GLY A C   1 
ATOM   267 O O   . GLY A 1 55  ? 11.398  -0.768  -11.242 1.00 44.63 ? 849  GLY A O   1 
ATOM   268 N N   . GLY A 1 56  ? 9.173   -0.816  -11.086 1.00 36.20 ? 850  GLY A N   1 
ATOM   269 C CA  . GLY A 1 56  ? 9.214   -0.682  -9.641  1.00 33.33 ? 850  GLY A CA  1 
ATOM   270 C C   . GLY A 1 56  ? 9.279   -2.038  -8.973  1.00 31.48 ? 850  GLY A C   1 
ATOM   271 O O   . GLY A 1 56  ? 9.130   -3.060  -9.642  1.00 32.90 ? 850  GLY A O   1 
ATOM   272 N N   . SER A 1 57  ? 9.478   -2.045  -7.653  1.00 26.39 ? 851  SER A N   1 
ATOM   273 C CA  . SER A 1 57  ? 9.620   -3.303  -6.925  1.00 25.56 ? 851  SER A CA  1 
ATOM   274 C C   . SER A 1 57  ? 8.360   -4.140  -7.026  1.00 28.00 ? 851  SER A C   1 
ATOM   275 O O   . SER A 1 57  ? 8.430   -5.356  -7.100  1.00 29.54 ? 851  SER A O   1 
ATOM   276 C CB  . SER A 1 57  ? 9.951   -3.048  -5.464  1.00 25.26 ? 851  SER A CB  1 
ATOM   277 O OG  . SER A 1 57  ? 11.219  -2.398  -5.346  1.00 25.06 ? 851  SER A OG  1 
ATOM   278 N N   . ALA A 1 58  ? 7.203   -3.491  -6.978  1.00 22.71 ? 852  ALA A N   1 
ATOM   279 C CA  . ALA A 1 58  ? 5.966   -4.254  -6.988  1.00 21.34 ? 852  ALA A CA  1 
ATOM   280 C C   . ALA A 1 58  ? 5.750   -4.956  -8.327  1.00 25.54 ? 852  ALA A C   1 
ATOM   281 O O   . ALA A 1 58  ? 5.290   -6.130  -8.377  1.00 28.08 ? 852  ALA A O   1 
ATOM   282 C CB  . ALA A 1 58  ? 4.793   -3.351  -6.670  1.00 22.61 ? 852  ALA A CB  1 
ATOM   283 N N   . HIS A 1 59  ? 6.044   -4.254  -9.421  1.00 26.61 ? 853  HIS A N   1 
ATOM   284 C CA  . HIS A 1 59  ? 5.904   -4.856  -10.738 1.00 30.01 ? 853  HIS A CA  1 
ATOM   285 C C   . HIS A 1 59  ? 6.829   -6.074  -10.847 1.00 33.58 ? 853  HIS A C   1 
ATOM   286 O O   . HIS A 1 59  ? 6.474   -7.079  -11.455 1.00 36.00 ? 853  HIS A O   1 
ATOM   287 C CB  . HIS A 1 59  ? 6.214   -3.853  -11.851 1.00 34.53 ? 853  HIS A CB  1 
ATOM   288 C CG  . HIS A 1 59  ? 5.933   -4.376  -13.231 1.00 45.35 ? 853  HIS A CG  1 
ATOM   289 N ND1 . HIS A 1 59  ? 4.740   -4.148  -13.887 1.00 50.15 ? 853  HIS A ND1 1 
ATOM   290 C CD2 . HIS A 1 59  ? 6.682   -5.133  -14.068 1.00 50.64 ? 853  HIS A CD2 1 
ATOM   291 C CE1 . HIS A 1 59  ? 4.769   -4.736  -15.070 1.00 51.89 ? 853  HIS A CE1 1 
ATOM   292 N NE2 . HIS A 1 59  ? 5.934   -5.343  -15.204 1.00 54.17 ? 853  HIS A NE2 1 
ATOM   293 N N   . ASN A 1 60  ? 8.021   -5.972  -10.267 1.00 35.20 ? 854  ASN A N   1 
ATOM   294 C CA  . ASN A 1 60  ? 9.005   -7.051  -10.388 1.00 36.79 ? 854  ASN A CA  1 
ATOM   295 C C   . ASN A 1 60  ? 8.549   -8.316  -9.664  1.00 35.94 ? 854  ASN A C   1 
ATOM   296 O O   . ASN A 1 60  ? 8.846   -9.447  -10.055 1.00 39.55 ? 854  ASN A O   1 
ATOM   297 C CB  . ASN A 1 60  ? 10.358  -6.597  -9.839  1.00 39.16 ? 854  ASN A CB  1 
ATOM   298 C CG  . ASN A 1 60  ? 11.018  -5.531  -10.701 1.00 43.74 ? 854  ASN A CG  1 
ATOM   299 O OD1 . ASN A 1 60  ? 10.683  -5.370  -11.880 1.00 48.99 ? 854  ASN A OD1 1 
ATOM   300 N ND2 . ASN A 1 60  ? 11.976  -4.815  -10.123 1.00 43.93 ? 854  ASN A ND2 1 
ATOM   301 N N   . CYS A 1 61  ? 7.840   -8.102  -8.580  1.00 35.58 ? 855  CYS A N   1 
ATOM   302 C CA  . CYS A 1 61  ? 7.409   -9.180  -7.721  1.00 37.23 ? 855  CYS A CA  1 
ATOM   303 C C   . CYS A 1 61  ? 6.337   -10.031 -8.405  1.00 41.58 ? 855  CYS A C   1 
ATOM   304 O O   . CYS A 1 61  ? 6.339   -11.256 -8.294  1.00 45.76 ? 855  CYS A O   1 
ATOM   305 C CB  . CYS A 1 61  ? 6.919   -8.567  -6.418  1.00 38.16 ? 855  CYS A CB  1 
ATOM   306 S SG  . CYS A 1 61  ? 5.876   -9.575  -5.419  1.00 51.47 ? 855  CYS A SG  1 
ATOM   307 N N   . GLY A 1 62  ? 5.424   -9.382  -9.100  1.00 38.31 ? 856  GLY A N   1 
ATOM   308 C CA  . GLY A 1 62  ? 4.360   -10.078 -9.774  1.00 40.60 ? 856  GLY A CA  1 
ATOM   309 C C   . GLY A 1 62  ? 3.185   -10.534 -8.937  1.00 41.40 ? 856  GLY A C   1 
ATOM   310 O O   . GLY A 1 62  ? 2.271   -11.095 -9.470  1.00 43.16 ? 856  GLY A O   1 
ATOM   311 N N   . GLN A 1 63  ? 3.216   -10.306 -7.643  1.00 38.38 ? 857  GLN A N   1 
ATOM   312 C CA  . GLN A 1 63  ? 2.172   -10.799 -6.785  1.00 38.95 ? 857  GLN A CA  1 
ATOM   313 C C   . GLN A 1 63  ? 1.208   -9.744  -6.338  1.00 31.35 ? 857  GLN A C   1 
ATOM   314 O O   . GLN A 1 63  ? 0.219   -10.085 -5.786  1.00 34.47 ? 857  GLN A O   1 
ATOM   315 C CB  . GLN A 1 63  ? 2.741   -11.410 -5.518  1.00 50.06 ? 857  GLN A CB  1 
ATOM   316 C CG  . GLN A 1 63  ? 3.522   -12.704 -5.682  1.00 64.00 ? 857  GLN A CG  1 
ATOM   317 C CD  . GLN A 1 63  ? 4.463   -12.922 -4.518  1.00 74.70 ? 857  GLN A CD  1 
ATOM   318 O OE1 . GLN A 1 63  ? 5.607   -12.551 -4.566  1.00 79.93 ? 857  GLN A OE1 1 
ATOM   319 N NE2 . GLN A 1 63  ? 3.955   -13.494 -3.458  1.00 81.20 ? 857  GLN A NE2 1 
ATOM   320 N N   . LEU A 1 64  ? 1.526   -8.485  -6.541  1.00 28.67 ? 858  LEU A N   1 
ATOM   321 C CA  . LEU A 1 64  ? 0.626   -7.416  -6.181  1.00 27.95 ? 858  LEU A CA  1 
ATOM   322 C C   . LEU A 1 64  ? -0.098  -6.973  -7.422  1.00 29.19 ? 858  LEU A C   1 
ATOM   323 O O   . LEU A 1 64  ? 0.469   -6.963  -8.456  1.00 30.43 ? 858  LEU A O   1 
ATOM   324 C CB  . LEU A 1 64  ? 1.380   -6.258  -5.578  1.00 24.81 ? 858  LEU A CB  1 
ATOM   325 C CG  . LEU A 1 64  ? 1.889   -6.293  -4.153  1.00 24.48 ? 858  LEU A CG  1 
ATOM   326 C CD1 . LEU A 1 64  ? 2.462   -4.963  -3.786  1.00 26.58 ? 858  LEU A CD1 1 
ATOM   327 C CD2 . LEU A 1 64  ? 0.837   -6.680  -3.156  1.00 23.55 ? 858  LEU A CD2 1 
ATOM   328 N N   . LYS A 1 65  ? -1.363  -6.619  -7.287  1.00 26.85 ? 859  LYS A N   1 
ATOM   329 C CA  . LYS A 1 65  ? -2.189  -6.224  -8.409  1.00 26.35 ? 859  LYS A CA  1 
ATOM   330 C C   . LYS A 1 65  ? -2.997  -4.967  -8.134  1.00 24.70 ? 859  LYS A C   1 
ATOM   331 O O   . LYS A 1 65  ? -3.326  -4.674  -6.992  1.00 24.29 ? 859  LYS A O   1 
ATOM   332 C CB  . LYS A 1 65  ? -3.159  -7.355  -8.772  1.00 29.84 ? 859  LYS A CB  1 
ATOM   333 C CG  . LYS A 1 65  ? -2.436  -8.655  -9.162  1.00 36.95 ? 859  LYS A CG  1 
ATOM   334 C CD  . LYS A 1 65  ? -3.371  -9.668  -9.803  1.00 48.33 ? 859  LYS A CD  1 
ATOM   335 C CE  . LYS A 1 65  ? -2.617  -10.952 -10.126 1.00 57.70 ? 859  LYS A CE  1 
ATOM   336 N NZ  . LYS A 1 65  ? -1.927  -11.480 -8.921  1.00 62.18 ? 859  LYS A NZ  1 
ATOM   337 N N   . VAL A 1 66  ? -3.373  -4.274  -9.211  1.00 23.72 ? 860  VAL A N   1 
ATOM   338 C CA  . VAL A 1 66  ? -4.251  -3.126  -9.090  1.00 23.24 ? 860  VAL A CA  1 
ATOM   339 C C   . VAL A 1 66  ? -5.576  -3.600  -8.565  1.00 24.85 ? 860  VAL A C   1 
ATOM   340 O O   . VAL A 1 66  ? -6.123  -4.571  -9.066  1.00 26.72 ? 860  VAL A O   1 
ATOM   341 C CB  . VAL A 1 66  ? -4.439  -2.418  -10.429 1.00 24.88 ? 860  VAL A CB  1 
ATOM   342 C CG1 . VAL A 1 66  ? -5.517  -1.374  -10.298 1.00 29.89 ? 860  VAL A CG1 1 
ATOM   343 C CG2 . VAL A 1 66  ? -3.101  -1.764  -10.832 1.00 24.40 ? 860  VAL A CG2 1 
ATOM   344 N N   . GLY A 1 67  ? -6.087  -2.944  -7.534  1.00 23.55 ? 861  GLY A N   1 
ATOM   345 C CA  . GLY A 1 67  ? -7.279  -3.424  -6.864  1.00 23.98 ? 861  GLY A CA  1 
ATOM   346 C C   . GLY A 1 67  ? -7.062  -4.145  -5.539  1.00 22.66 ? 861  GLY A C   1 
ATOM   347 O O   . GLY A 1 67  ? -8.000  -4.270  -4.752  1.00 25.35 ? 861  GLY A O   1 
ATOM   348 N N   . HIS A 1 68  ? -5.837  -4.591  -5.274  1.00 21.42 ? 862  HIS A N   1 
ATOM   349 C CA  . HIS A 1 68  ? -5.564  -5.173  -3.957  1.00 20.27 ? 862  HIS A CA  1 
ATOM   350 C C   . HIS A 1 68  ? -5.809  -4.149  -2.870  1.00 23.56 ? 862  HIS A C   1 
ATOM   351 O O   . HIS A 1 68  ? -5.410  -2.992  -3.001  1.00 24.27 ? 862  HIS A O   1 
ATOM   352 C CB  . HIS A 1 68  ? -4.119  -5.655  -3.850  1.00 24.94 ? 862  HIS A CB  1 
ATOM   353 C CG  . HIS A 1 68  ? -3.936  -7.090  -4.193  1.00 23.62 ? 862  HIS A CG  1 
ATOM   354 N ND1 . HIS A 1 68  ? -2.810  -7.558  -4.842  1.00 25.78 ? 862  HIS A ND1 1 
ATOM   355 C CD2 . HIS A 1 68  ? -4.712  -8.178  -3.953  1.00 24.58 ? 862  HIS A CD2 1 
ATOM   356 C CE1 . HIS A 1 68  ? -2.910  -8.863  -4.998  1.00 27.68 ? 862  HIS A CE1 1 
ATOM   357 N NE2 . HIS A 1 68  ? -4.056  -9.267  -4.470  1.00 25.44 ? 862  HIS A NE2 1 
ATOM   358 N N   . VAL A 1 69  ? -6.408  -4.586  -1.778  1.00 20.41 ? 863  VAL A N   1 
ATOM   359 C CA  . VAL A 1 69  ? -6.567  -3.733  -0.623  1.00 21.70 ? 863  VAL A CA  1 
ATOM   360 C C   . VAL A 1 69  ? -5.554  -4.181  0.426   1.00 21.57 ? 863  VAL A C   1 
ATOM   361 O O   . VAL A 1 69  ? -5.422  -5.365  0.709   1.00 21.32 ? 863  VAL A O   1 
ATOM   362 C CB  . VAL A 1 69  ? -7.983  -3.786  -0.080  1.00 23.26 ? 863  VAL A CB  1 
ATOM   363 C CG1 . VAL A 1 69  ? -8.067  -3.073  1.268   1.00 24.35 ? 863  VAL A CG1 1 
ATOM   364 C CG2 . VAL A 1 69  ? -8.958  -3.139  -1.069  1.00 23.14 ? 863  VAL A CG2 1 
ATOM   365 N N   . ILE A 1 70  ? -4.764  -3.227  0.924   1.00 18.45 ? 864  ILE A N   1 
ATOM   366 C CA  . ILE A 1 70  ? -3.700  -3.534  1.881   1.00 19.04 ? 864  ILE A CA  1 
ATOM   367 C C   . ILE A 1 70  ? -4.220  -3.492  3.313   1.00 25.19 ? 864  ILE A C   1 
ATOM   368 O O   . ILE A 1 70  ? -4.668  -2.444  3.805   1.00 23.59 ? 864  ILE A O   1 
ATOM   369 C CB  . ILE A 1 70  ? -2.517  -2.531  1.720   1.00 17.83 ? 864  ILE A CB  1 
ATOM   370 C CG1 . ILE A 1 70  ? -2.015  -2.559  0.282   1.00 18.42 ? 864  ILE A CG1 1 
ATOM   371 C CG2 . ILE A 1 70  ? -1.426  -2.923  2.686   1.00 19.55 ? 864  ILE A CG2 1 
ATOM   372 C CD1 . ILE A 1 70  ? -0.949  -1.438  -0.002  1.00 20.00 ? 864  ILE A CD1 1 
ATOM   373 N N   . LEU A 1 71  ? -4.220  -4.656  3.972   1.00 22.49 ? 865  LEU A N   1 
ATOM   374 C CA  . LEU A 1 71  ? -4.736  -4.797  5.334   1.00 22.55 ? 865  LEU A CA  1 
ATOM   375 C C   . LEU A 1 71  ? -3.663  -4.551  6.418   1.00 24.29 ? 865  LEU A C   1 
ATOM   376 O O   . LEU A 1 71  ? -3.942  -3.951  7.472   1.00 24.99 ? 865  LEU A O   1 
ATOM   377 C CB  . LEU A 1 71  ? -5.329  -6.198  5.523   1.00 23.04 ? 865  LEU A CB  1 
ATOM   378 C CG  . LEU A 1 71  ? -6.320  -6.568  4.414   1.00 22.64 ? 865  LEU A CG  1 
ATOM   379 C CD1 . LEU A 1 71  ? -6.754  -8.049  4.586   1.00 27.86 ? 865  LEU A CD1 1 
ATOM   380 C CD2 . LEU A 1 71  ? -7.506  -5.633  4.436   1.00 28.20 ? 865  LEU A CD2 1 
ATOM   381 N N   . GLU A 1 72  ? -2.460  -5.051  6.174   1.00 23.68 ? 866  GLU A N   1 
ATOM   382 C CA  . GLU A 1 72  ? -1.351  -4.956  7.132   1.00 24.02 ? 866  GLU A CA  1 
ATOM   383 C C   . GLU A 1 72  ? -0.037  -4.765  6.422   1.00 22.66 ? 866  GLU A C   1 
ATOM   384 O O   . GLU A 1 72  ? 0.142   -5.265  5.314   1.00 24.64 ? 866  GLU A O   1 
ATOM   385 C CB  . GLU A 1 72  ? -1.251  -6.226  7.991   1.00 26.68 ? 866  GLU A CB  1 
ATOM   386 C CG  . GLU A 1 72  ? -2.527  -6.575  8.759   1.00 31.87 ? 866  GLU A CG  1 
ATOM   387 C CD  . GLU A 1 72  ? -2.372  -7.813  9.629   1.00 40.17 ? 866  GLU A CD  1 
ATOM   388 O OE1 . GLU A 1 72  ? -1.288  -8.439  9.600   1.00 35.78 ? 866  GLU A OE1 1 
ATOM   389 O OE2 . GLU A 1 72  ? -3.341  -8.162  10.343  1.00 44.04 ? 866  GLU A OE2 1 
ATOM   390 N N   . VAL A 1 73  ? 0.911   -4.078  7.071   1.00 21.83 ? 867  VAL A N   1 
ATOM   391 C CA  . VAL A 1 73  ? 2.242   -3.879  6.513   1.00 22.14 ? 867  VAL A CA  1 
ATOM   392 C C   . VAL A 1 73  ? 3.210   -4.383  7.567   1.00 26.00 ? 867  VAL A C   1 
ATOM   393 O O   . VAL A 1 73  ? 3.226   -3.844  8.675   1.00 26.14 ? 867  VAL A O   1 
ATOM   394 C CB  . VAL A 1 73  ? 2.547   -2.384  6.193   1.00 22.36 ? 867  VAL A CB  1 
ATOM   395 C CG1 . VAL A 1 73  ? 3.982   -2.210  5.770   1.00 23.68 ? 867  VAL A CG1 1 
ATOM   396 C CG2 . VAL A 1 73  ? 1.572   -1.872  5.105   1.00 23.65 ? 867  VAL A CG2 1 
ATOM   397 N N   . ASN A 1 74  ? 4.006   -5.405  7.235   1.00 23.56 ? 868  ASN A N   1 
ATOM   398 C CA  . ASN A 1 74  ? 4.919   -6.006  8.206   1.00 23.01 ? 868  ASN A CA  1 
ATOM   399 C C   . ASN A 1 74  ? 4.221   -6.368  9.518   1.00 28.97 ? 868  ASN A C   1 
ATOM   400 O O   . ASN A 1 74  ? 4.816   -6.340  10.603  1.00 31.67 ? 868  ASN A O   1 
ATOM   401 C CB  . ASN A 1 74  ? 6.122   -5.067  8.442   1.00 28.15 ? 868  ASN A CB  1 
ATOM   402 C CG  . ASN A 1 74  ? 7.050   -5.000  7.231   1.00 30.58 ? 868  ASN A CG  1 
ATOM   403 O OD1 . ASN A 1 74  ? 7.057   -5.907  6.422   1.00 27.40 ? 868  ASN A OD1 1 
ATOM   404 N ND2 . ASN A 1 74  ? 7.844   -3.935  7.114   1.00 27.90 ? 868  ASN A ND2 1 
ATOM   405 N N   . GLY A 1 75  ? 2.961   -6.768  9.401   1.00 29.18 ? 869  GLY A N   1 
ATOM   406 C CA  . GLY A 1 75  ? 2.215   -7.205  10.565  1.00 32.79 ? 869  GLY A CA  1 
ATOM   407 C C   . GLY A 1 75  ? 1.501   -6.089  11.304  1.00 35.47 ? 869  GLY A C   1 
ATOM   408 O O   . GLY A 1 75  ? 0.757   -6.356  12.259  1.00 35.13 ? 869  GLY A O   1 
ATOM   409 N N   . LEU A 1 76  ? 1.729   -4.842  10.889  1.00 32.29 ? 870  LEU A N   1 
ATOM   410 C CA  . LEU A 1 76  ? 1.028   -3.696  11.489  1.00 36.25 ? 870  LEU A CA  1 
ATOM   411 C C   . LEU A 1 76  ? -0.292  -3.403  10.760  1.00 31.76 ? 870  LEU A C   1 
ATOM   412 O O   . LEU A 1 76  ? -0.289  -3.177  9.559   1.00 29.05 ? 870  LEU A O   1 
ATOM   413 C CB  . LEU A 1 76  ? 1.919   -2.446  11.470  1.00 39.02 ? 870  LEU A CB  1 
ATOM   414 C CG  . LEU A 1 76  ? 1.291   -1.170  12.043  1.00 47.66 ? 870  LEU A CG  1 
ATOM   415 C CD1 . LEU A 1 76  ? 0.772   -1.423  13.452  1.00 52.33 ? 870  LEU A CD1 1 
ATOM   416 C CD2 . LEU A 1 76  ? 2.269   -0.002  12.050  1.00 48.72 ? 870  LEU A CD2 1 
ATOM   417 N N   . THR A 1 77  ? -1.417  -3.392  11.482  1.00 30.18 ? 871  THR A N   1 
ATOM   418 C CA  . THR A 1 77  ? -2.689  -3.133  10.811  1.00 28.70 ? 871  THR A CA  1 
ATOM   419 C C   . THR A 1 77  ? -2.770  -1.689  10.310  1.00 30.62 ? 871  THR A C   1 
ATOM   420 O O   . THR A 1 77  ? -2.276  -0.753  10.941  1.00 32.73 ? 871  THR A O   1 
ATOM   421 C CB  . THR A 1 77  ? -3.903  -3.413  11.722  1.00 32.88 ? 871  THR A CB  1 
ATOM   422 O OG1 . THR A 1 77  ? -5.111  -3.274  10.957  1.00 33.29 ? 871  THR A OG1 1 
ATOM   423 C CG2 . THR A 1 77  ? -3.933  -2.451  12.904  1.00 36.28 ? 871  THR A CG2 1 
ATOM   424 N N   . LEU A 1 78  ? -3.378  -1.520  9.142   1.00 26.11 ? 872  LEU A N   1 
ATOM   425 C CA  . LEU A 1 78  ? -3.644  -0.188  8.638   1.00 26.09 ? 872  LEU A CA  1 
ATOM   426 C C   . LEU A 1 78  ? -5.052  0.283   9.006   1.00 29.40 ? 872  LEU A C   1 
ATOM   427 O O   . LEU A 1 78  ? -5.412  1.403   8.652   1.00 28.67 ? 872  LEU A O   1 
ATOM   428 C CB  . LEU A 1 78  ? -3.472  -0.140  7.117   1.00 25.26 ? 872  LEU A CB  1 
ATOM   429 C CG  . LEU A 1 78  ? -2.055  -0.451  6.656   1.00 24.02 ? 872  LEU A CG  1 
ATOM   430 C CD1 . LEU A 1 78  ? -1.882  -0.204  5.181   1.00 22.04 ? 872  LEU A CD1 1 
ATOM   431 C CD2 . LEU A 1 78  ? -0.999  0.350   7.449   1.00 24.10 ? 872  LEU A CD2 1 
ATOM   432 N N   . ARG A 1 79  ? -5.849  -0.567  9.679   1.00 27.05 ? 873  ARG A N   1 
ATOM   433 C CA  . ARG A 1 79  ? -7.198  -0.154  10.081  1.00 29.09 ? 873  ARG A CA  1 
ATOM   434 C C   . ARG A 1 79  ? -7.057  0.983   11.079  1.00 32.21 ? 873  ARG A C   1 
ATOM   435 O O   . ARG A 1 79  ? -6.295  0.883   12.039  1.00 32.04 ? 873  ARG A O   1 
ATOM   436 C CB  . ARG A 1 79  ? -8.005  -1.326  10.673  1.00 29.72 ? 873  ARG A CB  1 
ATOM   437 C CG  . ARG A 1 79  ? -9.406  -0.931  11.126  1.00 38.11 ? 873  ARG A CG  1 
ATOM   438 C CD  . ARG A 1 79  ? -10.306 -2.157  11.250  1.00 45.17 ? 873  ARG A CD  1 
ATOM   439 N NE  . ARG A 1 79  ? -10.634 -2.726  9.938   1.00 48.49 ? 873  ARG A NE  1 
ATOM   440 C CZ  . ARG A 1 79  ? -11.550 -2.226  9.110   1.00 49.69 ? 873  ARG A CZ  1 
ATOM   441 N NH1 . ARG A 1 79  ? -12.232 -1.133  9.444   1.00 51.15 ? 873  ARG A NH1 1 
ATOM   442 N NH2 . ARG A 1 79  ? -11.789 -2.819  7.949   1.00 45.83 ? 873  ARG A NH2 1 
ATOM   443 N N   . GLY A 1 80  ? -7.763  2.085   10.841  1.00 30.82 ? 874  GLY A N   1 
ATOM   444 C CA  . GLY A 1 80  ? -7.710  3.191   11.770  1.00 31.72 ? 874  GLY A CA  1 
ATOM   445 C C   . GLY A 1 80  ? -6.647  4.203   11.405  1.00 31.57 ? 874  GLY A C   1 
ATOM   446 O O   . GLY A 1 80  ? -6.623  5.288   11.978  1.00 36.26 ? 874  GLY A O   1 
ATOM   447 N N   . LYS A 1 81  ? -5.771  3.874   10.453  1.00 26.41 ? 875  LYS A N   1 
ATOM   448 C CA  . LYS A 1 81  ? -4.730  4.814   10.033  1.00 28.45 ? 875  LYS A CA  1 
ATOM   449 C C   . LYS A 1 81  ? -5.263  5.709   8.938   1.00 32.46 ? 875  LYS A C   1 
ATOM   450 O O   . LYS A 1 81  ? -5.788  5.225   7.939   1.00 28.54 ? 875  LYS A O   1 
ATOM   451 C CB  . LYS A 1 81  ? -3.478  4.080   9.529   1.00 28.16 ? 875  LYS A CB  1 
ATOM   452 C CG  . LYS A 1 81  ? -2.862  3.113   10.540  1.00 35.49 ? 875  LYS A CG  1 
ATOM   453 C CD  . LYS A 1 81  ? -2.629  3.783   11.873  1.00 48.94 ? 875  LYS A CD  1 
ATOM   454 C CE  . LYS A 1 81  ? -2.022  2.810   12.863  1.00 58.32 ? 875  LYS A CE  1 
ATOM   455 N NZ  . LYS A 1 81  ? -0.682  2.384   12.395  1.00 61.29 ? 875  LYS A NZ  1 
ATOM   456 N N   . GLU A 1 82  ? -5.112  7.014   9.117   1.00 31.42 ? 876  GLU A N   1 
ATOM   457 C CA  . GLU A 1 82  ? -5.488  7.968   8.087   1.00 29.49 ? 876  GLU A CA  1 
ATOM   458 C C   . GLU A 1 82  ? -4.591  7.771   6.866   1.00 29.32 ? 876  GLU A C   1 
ATOM   459 O O   . GLU A 1 82  ? -3.539  7.153   6.969   1.00 29.63 ? 876  GLU A O   1 
ATOM   460 C CB  . GLU A 1 82  ? -5.376  9.403   8.662   1.00 41.89 ? 876  GLU A CB  1 
ATOM   461 C CG  . GLU A 1 82  ? -5.867  10.542  7.779   1.00 59.28 ? 876  GLU A CG  1 
ATOM   462 C CD  . GLU A 1 82  ? -4.789  11.105  6.874   1.00 75.99 ? 876  GLU A CD  1 
ATOM   463 O OE1 . GLU A 1 82  ? -3.605  10.990  7.242   1.00 85.48 ? 876  GLU A OE1 1 
ATOM   464 O OE2 . GLU A 1 82  ? -5.126  11.665  5.806   1.00 79.78 ? 876  GLU A OE2 1 
ATOM   465 N N   . HIS A 1 83  ? -5.027  8.220   5.692   1.00 27.35 ? 877  HIS A N   1 
ATOM   466 C CA  . HIS A 1 83  ? -4.242  7.985   4.484   1.00 27.13 ? 877  HIS A CA  1 
ATOM   467 C C   . HIS A 1 83  ? -2.765  8.384   4.639   1.00 25.73 ? 877  HIS A C   1 
ATOM   468 O O   . HIS A 1 83  ? -1.889  7.598   4.283   1.00 26.18 ? 877  HIS A O   1 
ATOM   469 C CB  . HIS A 1 83  ? -4.825  8.739   3.302   1.00 30.18 ? 877  HIS A CB  1 
ATOM   470 C CG  . HIS A 1 83  ? -4.017  8.603   2.058   1.00 27.23 ? 877  HIS A CG  1 
ATOM   471 N ND1 . HIS A 1 83  ? -4.106  7.498   1.233   1.00 25.50 ? 877  HIS A ND1 1 
ATOM   472 C CD2 . HIS A 1 83  ? -3.104  9.426   1.488   1.00 30.25 ? 877  HIS A CD2 1 
ATOM   473 C CE1 . HIS A 1 83  ? -3.283  7.654   0.211   1.00 26.66 ? 877  HIS A CE1 1 
ATOM   474 N NE2 . HIS A 1 83  ? -2.640  8.800   0.356   1.00 27.96 ? 877  HIS A NE2 1 
ATOM   475 N N   . ARG A 1 84  ? -2.481  9.579   5.173   1.00 26.79 ? 878  ARG A N   1 
ATOM   476 C CA  . ARG A 1 84  ? -1.094  10.007  5.256   1.00 25.66 ? 878  ARG A CA  1 
ATOM   477 C C   . ARG A 1 84  ? -0.263  9.120   6.174   1.00 31.33 ? 878  ARG A C   1 
ATOM   478 O O   . ARG A 1 84  ? 0.950   8.934   5.945   1.00 35.91 ? 878  ARG A O   1 
ATOM   479 C CB  . ARG A 1 84  ? -1.028  11.479  5.708   1.00 31.43 ? 878  ARG A CB  1 
ATOM   480 C CG  . ARG A 1 84  ? -1.670  12.381  4.689   1.00 36.25 ? 878  ARG A CG  1 
ATOM   481 C CD  . ARG A 1 84  ? -1.866  13.837  5.203   1.00 50.89 ? 878  ARG A CD  1 
ATOM   482 N NE  . ARG A 1 84  ? -2.920  13.920  6.218   1.00 53.21 ? 878  ARG A NE  1 
ATOM   483 C CZ  . ARG A 1 84  ? -3.534  15.047  6.568   1.00 55.29 ? 878  ARG A CZ  1 
ATOM   484 N NH1 . ARG A 1 84  ? -3.213  16.172  5.976   1.00 54.85 ? 878  ARG A NH1 1 
ATOM   485 N NH2 . ARG A 1 84  ? -4.486  15.044  7.497   1.00 58.09 ? 878  ARG A NH2 1 
ATOM   486 N N   . GLU A 1 85  ? -0.897  8.567   7.206   1.00 30.37 ? 879  GLU A N   1 
ATOM   487 C CA  . GLU A 1 85  ? -0.188  7.723   8.147   1.00 35.53 ? 879  GLU A CA  1 
ATOM   488 C C   . GLU A 1 85  ? 0.065   6.367   7.530   1.00 30.22 ? 879  GLU A C   1 
ATOM   489 O O   . GLU A 1 85  ? 1.148   5.823   7.675   1.00 30.58 ? 879  GLU A O   1 
ATOM   490 C CB  . GLU A 1 85  ? -0.945  7.569   9.474   1.00 41.73 ? 879  GLU A CB  1 
ATOM   491 C CG  . GLU A 1 85  ? -0.361  6.512   10.441  1.00 56.25 ? 879  GLU A CG  1 
ATOM   492 C CD  . GLU A 1 85  ? 1.060   6.804   10.961  1.00 77.30 ? 879  GLU A CD  1 
ATOM   493 O OE1 . GLU A 1 85  ? 1.876   7.448   10.262  1.00 86.41 ? 879  GLU A OE1 1 
ATOM   494 O OE2 . GLU A 1 85  ? 1.362   6.362   12.091  1.00 80.17 ? 879  GLU A OE2 1 
ATOM   495 N N   . ALA A 1 86  ? -0.937  5.815   6.846   1.00 26.01 ? 880  ALA A N   1 
ATOM   496 C CA  . ALA A 1 86  ? -0.727  4.558   6.137   1.00 23.66 ? 880  ALA A CA  1 
ATOM   497 C C   . ALA A 1 86  ? 0.391   4.672   5.099   1.00 26.58 ? 880  ALA A C   1 
ATOM   498 O O   . ALA A 1 86  ? 1.244   3.776   4.969   1.00 24.37 ? 880  ALA A O   1 
ATOM   499 C CB  . ALA A 1 86  ? -2.027  4.101   5.464   1.00 26.83 ? 880  ALA A CB  1 
ATOM   500 N N   . ALA A 1 87  ? 0.399   5.762   4.341   1.00 26.31 ? 881  ALA A N   1 
ATOM   501 C CA  . ALA A 1 87  ? 1.430   5.896   3.326   1.00 28.66 ? 881  ALA A CA  1 
ATOM   502 C C   . ALA A 1 87  ? 2.804   6.000   3.973   1.00 29.68 ? 881  ALA A C   1 
ATOM   503 O O   . ALA A 1 87  ? 3.797   5.433   3.481   1.00 28.91 ? 881  ALA A O   1 
ATOM   504 C CB  . ALA A 1 87  ? 1.139   7.098   2.452   1.00 30.19 ? 881  ALA A CB  1 
ATOM   505 N N   . ARG A 1 88  ? 2.872   6.695   5.099   1.00 29.25 ? 882  ARG A N   1 
ATOM   506 C CA  . ARG A 1 88  ? 4.155   6.863   5.760   1.00 32.14 ? 882  ARG A CA  1 
ATOM   507 C C   . ARG A 1 88  ? 4.657   5.544   6.316   1.00 29.63 ? 882  ARG A C   1 
ATOM   508 O O   . ARG A 1 88  ? 5.853   5.276   6.305   1.00 28.43 ? 882  ARG A O   1 
ATOM   509 C CB  . ARG A 1 88  ? 4.062   7.908   6.877   1.00 36.28 ? 882  ARG A CB  1 
ATOM   510 C CG  . ARG A 1 88  ? 5.404   8.226   7.505   1.00 45.33 ? 882  ARG A CG  1 
ATOM   511 C CD  . ARG A 1 88  ? 5.335   8.187   9.031   1.00 58.63 ? 882  ARG A CD  1 
ATOM   512 N NE  . ARG A 1 88  ? 5.343   6.812   9.536   1.00 68.94 ? 882  ARG A NE  1 
ATOM   513 C CZ  . ARG A 1 88  ? 4.981   6.453   10.764  1.00 76.53 ? 882  ARG A CZ  1 
ATOM   514 N NH1 . ARG A 1 88  ? 4.566   7.364   11.634  1.00 81.55 ? 882  ARG A NH1 1 
ATOM   515 N NH2 . ARG A 1 88  ? 5.033   5.178   11.125  1.00 77.29 ? 882  ARG A NH2 1 
ATOM   516 N N   . ILE A 1 89  ? 3.731   4.682   6.757   1.00 26.28 ? 883  ILE A N   1 
ATOM   517 C CA  . ILE A 1 89  ? 4.144   3.390   7.275   1.00 26.04 ? 883  ILE A CA  1 
ATOM   518 C C   . ILE A 1 89  ? 4.775   2.584   6.175   1.00 29.16 ? 883  ILE A C   1 
ATOM   519 O O   . ILE A 1 89  ? 5.775   1.912   6.383   1.00 29.96 ? 883  ILE A O   1 
ATOM   520 C CB  . ILE A 1 89  ? 2.929   2.637   7.871   1.00 28.35 ? 883  ILE A CB  1 
ATOM   521 C CG1 . ILE A 1 89  ? 2.532   3.290   9.185   1.00 35.20 ? 883  ILE A CG1 1 
ATOM   522 C CG2 . ILE A 1 89  ? 3.205   1.126   8.010   1.00 31.93 ? 883  ILE A CG2 1 
ATOM   523 C CD1 . ILE A 1 89  ? 1.138   3.018   9.637   1.00 37.15 ? 883  ILE A CD1 1 
ATOM   524 N N   . ILE A 1 90  ? 4.171   2.639   4.992   1.00 25.46 ? 884  ILE A N   1 
ATOM   525 C CA  . ILE A 1 90  ? 4.665   1.853   3.870   1.00 22.27 ? 884  ILE A CA  1 
ATOM   526 C C   . ILE A 1 90  ? 5.995   2.398   3.379   1.00 24.88 ? 884  ILE A C   1 
ATOM   527 O O   . ILE A 1 90  ? 6.956   1.661   3.123   1.00 26.09 ? 884  ILE A O   1 
ATOM   528 C CB  . ILE A 1 90  ? 3.632   1.840   2.723   1.00 23.17 ? 884  ILE A CB  1 
ATOM   529 C CG1 . ILE A 1 90  ? 2.386   1.044   3.139   1.00 21.67 ? 884  ILE A CG1 1 
ATOM   530 C CG2 . ILE A 1 90  ? 4.230   1.213   1.493   1.00 24.81 ? 884  ILE A CG2 1 
ATOM   531 C CD1 . ILE A 1 90  ? 1.184   1.247   2.213   1.00 25.06 ? 884  ILE A CD1 1 
ATOM   532 N N   . ALA A 1 91  ? 6.089   3.717   3.279   1.00 26.13 ? 885  ALA A N   1 
ATOM   533 C CA  . ALA A 1 91  ? 7.359   4.344   2.896   1.00 24.43 ? 885  ALA A CA  1 
ATOM   534 C C   . ALA A 1 91  ? 8.499   4.003   3.848   1.00 27.20 ? 885  ALA A C   1 
ATOM   535 O O   . ALA A 1 91  ? 9.606   3.696   3.419   1.00 30.67 ? 885  ALA A O   1 
ATOM   536 C CB  . ALA A 1 91  ? 7.174   5.851   2.829   1.00 34.11 ? 885  ALA A CB  1 
ATOM   537 N N   . GLU A 1 92  ? 8.216   4.011   5.142   1.00 28.72 ? 886  GLU A N   1 
ATOM   538 C CA  . GLU A 1 92  ? 9.243   3.716   6.127   1.00 34.66 ? 886  GLU A CA  1 
ATOM   539 C C   . GLU A 1 92  ? 9.628   2.249   6.077   1.00 33.58 ? 886  GLU A C   1 
ATOM   540 O O   . GLU A 1 92  ? 10.794  1.904   6.260   1.00 34.20 ? 886  GLU A O   1 
ATOM   541 C CB  . GLU A 1 92  ? 8.782   4.116   7.527   1.00 44.96 ? 886  GLU A CB  1 
ATOM   542 C CG  . GLU A 1 92  ? 8.592   5.641   7.715   1.00 56.94 ? 886  GLU A CG  1 
ATOM   543 C CD  . GLU A 1 92  ? 9.705   6.498   7.078   1.00 70.97 ? 886  GLU A CD  1 
ATOM   544 O OE1 . GLU A 1 92  ? 10.889  6.312   7.436   1.00 75.75 ? 886  GLU A OE1 1 
ATOM   545 O OE2 . GLU A 1 92  ? 9.394   7.377   6.237   1.00 74.74 ? 886  GLU A OE2 1 
ATOM   546 N N   . ALA A 1 93  ? 8.643   1.389   5.823   1.00 29.62 ? 887  ALA A N   1 
ATOM   547 C CA  . ALA A 1 93  ? 8.907   -0.023  5.612   1.00 25.43 ? 887  ALA A CA  1 
ATOM   548 C C   . ALA A 1 93  ? 9.792   -0.259  4.377   1.00 26.74 ? 887  ALA A C   1 
ATOM   549 O O   . ALA A 1 93  ? 10.585  -1.200  4.365   1.00 26.36 ? 887  ALA A O   1 
ATOM   550 C CB  . ALA A 1 93  ? 7.578   -0.798  5.489   1.00 25.51 ? 887  ALA A CB  1 
ATOM   551 N N   . PHE A 1 94  ? 9.669   0.568   3.337   1.00 26.09 ? 888  PHE A N   1 
ATOM   552 C CA  . PHE A 1 94  ? 10.519  0.385   2.145   1.00 24.81 ? 888  PHE A CA  1 
ATOM   553 C C   . PHE A 1 94  ? 11.946  0.879   2.407   1.00 28.28 ? 888  PHE A C   1 
ATOM   554 O O   . PHE A 1 94  ? 12.937  0.256   1.968   1.00 28.71 ? 888  PHE A O   1 
ATOM   555 C CB  . PHE A 1 94  ? 9.923   1.113   0.919   1.00 24.60 ? 888  PHE A CB  1 
ATOM   556 C CG  . PHE A 1 94  ? 10.651  0.793   -0.373  1.00 27.10 ? 888  PHE A CG  1 
ATOM   557 C CD1 . PHE A 1 94  ? 10.383  -0.396  -1.044  1.00 34.00 ? 888  PHE A CD1 1 
ATOM   558 C CD2 . PHE A 1 94  ? 11.621  1.649   -0.878  1.00 34.48 ? 888  PHE A CD2 1 
ATOM   559 C CE1 . PHE A 1 94  ? 11.061  -0.725  -2.204  1.00 31.13 ? 888  PHE A CE1 1 
ATOM   560 C CE2 . PHE A 1 94  ? 12.299  1.330   -2.043  1.00 38.67 ? 888  PHE A CE2 1 
ATOM   561 C CZ  . PHE A 1 94  ? 12.003  0.138   -2.707  1.00 36.27 ? 888  PHE A CZ  1 
ATOM   562 N N   . LYS A 1 95  ? 12.044  1.978   3.148   1.00 30.28 ? 889  LYS A N   1 
ATOM   563 C CA  . LYS A 1 95  ? 13.318  2.662   3.376   1.00 30.54 ? 889  LYS A CA  1 
ATOM   564 C C   . LYS A 1 95  ? 14.197  1.907   4.348   1.00 31.52 ? 889  LYS A C   1 
ATOM   565 O O   . LYS A 1 95  ? 15.435  2.060   4.320   1.00 37.78 ? 889  LYS A O   1 
ATOM   566 C CB  . LYS A 1 95  ? 13.085  4.060   3.932   1.00 33.51 ? 889  LYS A CB  1 
ATOM   567 C CG  . LYS A 1 95  ? 12.496  5.084   2.980   1.00 44.67 ? 889  LYS A CG  1 
ATOM   568 C CD  . LYS A 1 95  ? 12.039  6.307   3.794   1.00 56.69 ? 889  LYS A CD  1 
ATOM   569 C CE  . LYS A 1 95  ? 11.451  7.438   2.949   1.00 63.94 ? 889  LYS A CE  1 
ATOM   570 N NZ  . LYS A 1 95  ? 12.482  8.422   2.490   1.00 68.25 ? 889  LYS A NZ  1 
ATOM   571 N N   . THR A 1 96  ? 13.592  1.150   5.263   1.00 28.48 ? 890  THR A N   1 
ATOM   572 C CA  . THR A 1 96  ? 14.408  0.582   6.344   1.00 31.55 ? 890  THR A CA  1 
ATOM   573 C C   . THR A 1 96  ? 15.475  -0.389  5.849   1.00 30.07 ? 890  THR A C   1 
ATOM   574 O O   . THR A 1 96  ? 15.277  -1.116  4.888   1.00 30.01 ? 890  THR A O   1 
ATOM   575 C CB  . THR A 1 96  ? 13.574  -0.154  7.407   1.00 33.22 ? 890  THR A CB  1 
ATOM   576 O OG1 . THR A 1 96  ? 14.436  -0.533  8.490   1.00 36.01 ? 890  THR A OG1 1 
ATOM   577 C CG2 . THR A 1 96  ? 12.920  -1.392  6.845   1.00 34.90 ? 890  THR A CG2 1 
ATOM   578 N N   . LYS A 1 97  ? 16.597  -0.425  6.536   1.00 33.29 ? 891  LYS A N   1 
ATOM   579 C CA  . LYS A 1 97  ? 17.662  -1.317  6.179   1.00 33.82 ? 891  LYS A CA  1 
ATOM   580 C C   . LYS A 1 97  ? 17.633  -2.590  6.993   1.00 33.46 ? 891  LYS A C   1 
ATOM   581 O O   . LYS A 1 97  ? 18.452  -3.430  6.824   1.00 35.16 ? 891  LYS A O   1 
ATOM   582 C CB  . LYS A 1 97  ? 19.007  -0.617  6.296   1.00 44.88 ? 891  LYS A CB  1 
ATOM   583 C CG  . LYS A 1 97  ? 19.337  0.290   5.125   1.00 55.72 ? 891  LYS A CG  1 
ATOM   584 C CD  . LYS A 1 97  ? 20.688  0.934   5.307   1.00 69.19 ? 891  LYS A CD  1 
ATOM   585 C CE  . LYS A 1 97  ? 20.861  2.132   4.402   1.00 80.15 ? 891  LYS A CE  1 
ATOM   586 N NZ  . LYS A 1 97  ? 22.125  2.868   4.722   1.00 83.41 ? 891  LYS A NZ  1 
ATOM   587 N N   . ASP A 1 98  ? 16.634  -2.742  7.832   1.00 34.50 ? 892  ASP A N   1 
ATOM   588 C CA  . ASP A 1 98  ? 16.494  -3.935  8.672   1.00 36.69 ? 892  ASP A CA  1 
ATOM   589 C C   . ASP A 1 98  ? 16.270  -5.222  7.873   1.00 34.29 ? 892  ASP A C   1 
ATOM   590 O O   . ASP A 1 98  ? 16.630  -6.308  8.326   1.00 37.76 ? 892  ASP A O   1 
ATOM   591 C CB  . ASP A 1 98  ? 15.332  -3.761  9.653   1.00 44.36 ? 892  ASP A CB  1 
ATOM   592 C CG  . ASP A 1 98  ? 15.617  -2.718  10.718  1.00 55.10 ? 892  ASP A CG  1 
ATOM   593 O OD1 . ASP A 1 98  ? 16.756  -2.204  10.755  1.00 56.44 ? 892  ASP A OD1 1 
ATOM   594 O OD2 . ASP A 1 98  ? 14.713  -2.432  11.534  1.00 56.97 ? 892  ASP A OD2 1 
ATOM   595 N N   . ARG A 1 99  ? 15.673  -5.086  6.696   1.00 32.10 ? 893  ARG A N   1 
ATOM   596 C CA  . ARG A 1 99  ? 15.366  -6.228  5.860   1.00 27.93 ? 893  ARG A CA  1 
ATOM   597 C C   . ARG A 1 99  ? 15.255  -5.796  4.404   1.00 26.09 ? 893  ARG A C   1 
ATOM   598 O O   . ARG A 1 99  ? 15.169  -4.611  4.111   1.00 27.99 ? 893  ARG A O   1 
ATOM   599 C CB  . ARG A 1 99  ? 14.063  -6.907  6.317   1.00 29.91 ? 893  ARG A CB  1 
ATOM   600 C CG  . ARG A 1 99  ? 12.809  -6.063  6.145   1.00 30.74 ? 893  ARG A CG  1 
ATOM   601 C CD  . ARG A 1 99  ? 11.668  -6.613  7.019   1.00 29.68 ? 893  ARG A CD  1 
ATOM   602 N NE  . ARG A 1 99  ? 11.908  -6.393  8.455   1.00 32.40 ? 893  ARG A NE  1 
ATOM   603 C CZ  . ARG A 1 99  ? 11.623  -5.257  9.100   1.00 35.98 ? 893  ARG A CZ  1 
ATOM   604 N NH1 . ARG A 1 99  ? 11.091  -4.229  8.449   1.00 35.40 ? 893  ARG A NH1 1 
ATOM   605 N NH2 . ARG A 1 99  ? 11.866  -5.147  10.403  1.00 39.47 ? 893  ARG A NH2 1 
ATOM   606 N N   . ASP A 1 100 ? 15.235  -6.769  3.488   1.00 26.39 ? 894  ASP A N   1 
ATOM   607 C CA  . ASP A 1 100 ? 15.254  -6.409  2.075   1.00 25.68 ? 894  ASP A CA  1 
ATOM   608 C C   . ASP A 1 100 ? 13.917  -6.668  1.391   1.00 25.46 ? 894  ASP A C   1 
ATOM   609 O O   . ASP A 1 100 ? 13.854  -6.796  0.160   1.00 24.56 ? 894  ASP A O   1 
ATOM   610 C CB  . ASP A 1 100 ? 16.366  -7.169  1.342   1.00 28.98 ? 894  ASP A CB  1 
ATOM   611 C CG  . ASP A 1 100 ? 16.065  -8.658  1.115   1.00 42.98 ? 894  ASP A CG  1 
ATOM   612 O OD1 . ASP A 1 100 ? 15.167  -9.271  1.753   1.00 41.44 ? 894  ASP A OD1 1 
ATOM   613 O OD2 . ASP A 1 100 ? 16.773  -9.238  0.260   1.00 47.18 ? 894  ASP A OD2 1 
ATOM   614 N N   . TYR A 1 101 ? 12.847  -6.694  2.188   1.00 23.37 ? 895  TYR A N   1 
ATOM   615 C CA  . TYR A 1 101 ? 11.502  -6.919  1.650   1.00 21.38 ? 895  TYR A CA  1 
ATOM   616 C C   . TYR A 1 101 ? 10.500  -6.137  2.472   1.00 21.87 ? 895  TYR A C   1 
ATOM   617 O O   . TYR A 1 101 ? 10.859  -5.629  3.537   1.00 21.72 ? 895  TYR A O   1 
ATOM   618 C CB  . TYR A 1 101 ? 11.119  -8.409  1.702   1.00 22.29 ? 895  TYR A CB  1 
ATOM   619 C CG  . TYR A 1 101 ? 11.138  -8.961  3.110   1.00 23.36 ? 895  TYR A CG  1 
ATOM   620 C CD1 . TYR A 1 101 ? 12.310  -9.494  3.650   1.00 24.46 ? 895  TYR A CD1 1 
ATOM   621 C CD2 . TYR A 1 101 ? 9.990   -8.937  3.905   1.00 25.69 ? 895  TYR A CD2 1 
ATOM   622 C CE1 . TYR A 1 101 ? 12.331  -10.000 4.958   1.00 29.20 ? 895  TYR A CE1 1 
ATOM   623 C CE2 . TYR A 1 101 ? 10.012  -9.430  5.214   1.00 26.74 ? 895  TYR A CE2 1 
ATOM   624 C CZ  . TYR A 1 101 ? 11.181  -9.955  5.722   1.00 27.99 ? 895  TYR A CZ  1 
ATOM   625 O OH  . TYR A 1 101 ? 11.217  -10.430 7.007   1.00 31.49 ? 895  TYR A OH  1 
ATOM   626 N N   . ILE A 1 102 ? 9.273   -6.047  1.969   1.00 21.89 ? 896  ILE A N   1 
ATOM   627 C CA  . ILE A 1 102 ? 8.123   -5.606  2.770   1.00 21.85 ? 896  ILE A CA  1 
ATOM   628 C C   . ILE A 1 102 ? 7.049   -6.670  2.692   1.00 23.77 ? 896  ILE A C   1 
ATOM   629 O O   . ILE A 1 102 ? 6.753   -7.142  1.609   1.00 24.30 ? 896  ILE A O   1 
ATOM   630 C CB  . ILE A 1 102 ? 7.514   -4.290  2.264   1.00 24.53 ? 896  ILE A CB  1 
ATOM   631 C CG1 . ILE A 1 102 ? 8.550   -3.193  2.128   1.00 28.08 ? 896  ILE A CG1 1 
ATOM   632 C CG2 . ILE A 1 102 ? 6.304   -3.878  3.156   1.00 28.01 ? 896  ILE A CG2 1 
ATOM   633 C CD1 . ILE A 1 102 ? 7.917   -1.923  1.534   1.00 29.75 ? 896  ILE A CD1 1 
ATOM   634 N N   . ASP A 1 103 ? 6.470   -7.028  3.832   1.00 22.05 ? 897  ASP A N   1 
ATOM   635 C CA  . ASP A 1 103 ? 5.340   -7.959  3.867   1.00 22.79 ? 897  ASP A CA  1 
ATOM   636 C C   . ASP A 1 103 ? 4.030   -7.197  3.795   1.00 27.19 ? 897  ASP A C   1 
ATOM   637 O O   . ASP A 1 103 ? 3.778   -6.357  4.645   1.00 29.81 ? 897  ASP A O   1 
ATOM   638 C CB  . ASP A 1 103 ? 5.356   -8.798  5.157   1.00 25.83 ? 897  ASP A CB  1 
ATOM   639 C CG  . ASP A 1 103 ? 6.317   -9.962  5.090   1.00 29.24 ? 897  ASP A CG  1 
ATOM   640 O OD1 . ASP A 1 103 ? 6.745   -10.310 3.972   1.00 32.06 ? 897  ASP A OD1 1 
ATOM   641 O OD2 . ASP A 1 103 ? 6.630   -10.535 6.169   1.00 30.40 ? 897  ASP A OD2 1 
ATOM   642 N N   . PHE A 1 104 ? 3.183   -7.493  2.806   1.00 24.53 ? 898  PHE A N   1 
ATOM   643 C CA  . PHE A 1 104 ? 1.858   -6.864  2.734   1.00 19.40 ? 898  PHE A CA  1 
ATOM   644 C C   . PHE A 1 104 ? 0.804   -7.910  2.920   1.00 23.17 ? 898  PHE A C   1 
ATOM   645 O O   . PHE A 1 104 ? 0.823   -8.894  2.193   1.00 24.33 ? 898  PHE A O   1 
ATOM   646 C CB  . PHE A 1 104 ? 1.593   -6.230  1.374   1.00 19.86 ? 898  PHE A CB  1 
ATOM   647 C CG  . PHE A 1 104 ? 2.498   -5.039  1.054   1.00 20.92 ? 898  PHE A CG  1 
ATOM   648 C CD1 . PHE A 1 104 ? 2.166   -3.781  1.533   1.00 24.61 ? 898  PHE A CD1 1 
ATOM   649 C CD2 . PHE A 1 104 ? 3.618   -5.174  0.251   1.00 24.96 ? 898  PHE A CD2 1 
ATOM   650 C CE1 . PHE A 1 104 ? 2.966   -2.655  1.230   1.00 23.35 ? 898  PHE A CE1 1 
ATOM   651 C CE2 . PHE A 1 104 ? 4.414   -4.067  -0.060  1.00 23.91 ? 898  PHE A CE2 1 
ATOM   652 C CZ  . PHE A 1 104 ? 4.086   -2.814  0.425   1.00 25.46 ? 898  PHE A CZ  1 
ATOM   653 N N   . LEU A 1 105 ? -0.128  -7.724  3.845   1.00 20.20 ? 899  LEU A N   1 
ATOM   654 C CA  . LEU A 1 105 ? -1.284  -8.624  3.861   1.00 20.55 ? 899  LEU A CA  1 
ATOM   655 C C   . LEU A 1 105 ? -2.326  -7.958  3.005   1.00 23.29 ? 899  LEU A C   1 
ATOM   656 O O   . LEU A 1 105 ? -2.721  -6.815  3.282   1.00 23.39 ? 899  LEU A O   1 
ATOM   657 C CB  . LEU A 1 105 ? -1.821  -8.857  5.269   1.00 22.20 ? 899  LEU A CB  1 
ATOM   658 C CG  . LEU A 1 105 ? -2.954  -9.868  5.410   1.00 24.23 ? 899  LEU A CG  1 
ATOM   659 C CD1 . LEU A 1 105 ? -2.337  -11.241 5.150   1.00 26.42 ? 899  LEU A CD1 1 
ATOM   660 C CD2 . LEU A 1 105 ? -3.551  -9.793  6.808   1.00 27.32 ? 899  LEU A CD2 1 
ATOM   661 N N   . VAL A 1 106 ? -2.772  -8.630  1.953   1.00 22.23 ? 900  VAL A N   1 
ATOM   662 C CA  . VAL A 1 106 ? -3.700  -7.985  1.026   1.00 19.69 ? 900  VAL A CA  1 
ATOM   663 C C   . VAL A 1 106 ? -4.947  -8.826  0.839   1.00 21.30 ? 900  VAL A C   1 
ATOM   664 O O   . VAL A 1 106 ? -4.973  -10.021 1.164   1.00 23.83 ? 900  VAL A O   1 
ATOM   665 C CB  . VAL A 1 106 ? -3.056  -7.741  -0.335  1.00 20.88 ? 900  VAL A CB  1 
ATOM   666 C CG1 . VAL A 1 106 ? -1.807  -6.831  -0.190  1.00 21.81 ? 900  VAL A CG1 1 
ATOM   667 C CG2 . VAL A 1 106 ? -2.672  -9.088  -0.958  1.00 21.93 ? 900  VAL A CG2 1 
ATOM   668 N N   . THR A 1 107 ? -5.987  -8.204  0.309   1.00 19.79 ? 901  THR A N   1 
ATOM   669 C CA  . THR A 1 107 ? -7.220  -8.980  -0.004  1.00 20.51 ? 901  THR A CA  1 
ATOM   670 C C   . THR A 1 107 ? -7.687  -8.562  -1.406  1.00 19.53 ? 901  THR A C   1 
ATOM   671 O O   . THR A 1 107 ? -7.437  -7.424  -1.858  1.00 22.47 ? 901  THR A O   1 
ATOM   672 C CB  . THR A 1 107 ? -8.337  -8.766  0.995   1.00 22.41 ? 901  THR A CB  1 
ATOM   673 O OG1 . THR A 1 107 ? -9.459  -9.607  0.625   1.00 24.81 ? 901  THR A OG1 1 
ATOM   674 C CG2 . THR A 1 107 ? -8.809  -7.312  1.015   1.00 24.52 ? 901  THR A CG2 1 
ATOM   675 N N   . GLU A 1 108 ? -8.352  -9.482  -2.101  1.00 28.33 ? 902  GLU A N   1 
ATOM   676 C CA  . GLU A 1 108 ? -8.921  -9.153  -3.390  1.00 27.89 ? 902  GLU A CA  1 
ATOM   677 C C   . GLU A 1 108 ? -10.352 -8.684  -3.216  1.00 36.43 ? 902  GLU A C   1 
ATOM   678 O O   . GLU A 1 108 ? -10.970 -8.219  -4.169  1.00 37.59 ? 902  GLU A O   1 
ATOM   679 C CB  . GLU A 1 108 ? -8.874  -10.359 -4.341  1.00 34.67 ? 902  GLU A CB  1 
ATOM   680 C CG  . GLU A 1 108 ? -7.459  -10.794 -4.737  1.00 41.93 ? 902  GLU A CG  1 
ATOM   681 C CD  . GLU A 1 108 ? -7.455  -11.975 -5.703  1.00 49.88 ? 902  GLU A CD  1 
ATOM   682 O OE1 . GLU A 1 108 ? -8.536  -12.325 -6.234  1.00 57.21 ? 902  GLU A OE1 1 
ATOM   683 O OE2 . GLU A 1 108 ? -6.374  -12.558 -5.934  1.00 50.69 ? 902  GLU A OE2 1 
ATOM   684 N N   . PHE A 1 109 ? -10.881 -8.824  -2.004  1.00 30.31 ? 903  PHE A N   1 
ATOM   685 C CA  . PHE A 1 109 ? -12.249 -8.358  -1.718  1.00 29.43 ? 903  PHE A CA  1 
ATOM   686 C C   . PHE A 1 109 ? -12.298 -6.832  -1.714  1.00 27.27 ? 903  PHE A C   1 
ATOM   687 O O   . PHE A 1 109 ? -11.293 -6.157  -1.475  1.00 27.32 ? 903  PHE A O   1 
ATOM   688 C CB  . PHE A 1 109 ? -12.750 -8.851  -0.368  1.00 28.84 ? 903  PHE A CB  1 
ATOM   689 C CG  . PHE A 1 109 ? -12.763 -10.360 -0.208  1.00 35.41 ? 903  PHE A CG  1 
ATOM   690 C CD1 . PHE A 1 109 ? -12.535 -11.210 -1.285  1.00 32.48 ? 903  PHE A CD1 1 
ATOM   691 C CD2 . PHE A 1 109 ? -13.038 -10.914 1.037   1.00 41.35 ? 903  PHE A CD2 1 
ATOM   692 C CE1 . PHE A 1 109 ? -12.554 -12.608 -1.111  1.00 39.66 ? 903  PHE A CE1 1 
ATOM   693 C CE2 . PHE A 1 109 ? -13.056 -12.294 1.212   1.00 39.80 ? 903  PHE A CE2 1 
ATOM   694 C CZ  . PHE A 1 109 ? -12.810 -13.129 0.133   1.00 40.18 ? 903  PHE A CZ  1 
ATOM   695 N N   . ASN A 1 110 ? -13.484 -6.286  -1.971  1.00 27.00 ? 904  ASN A N   1 
ATOM   696 C CA  . ASN A 1 110 ? -13.684 -4.871  -1.714  1.00 27.56 ? 904  ASN A CA  1 
ATOM   697 C C   . ASN A 1 110 ? -13.768 -4.676  -0.222  1.00 27.40 ? 904  ASN A C   1 
ATOM   698 O O   . ASN A 1 110 ? -14.245 -5.557  0.513   1.00 30.01 ? 904  ASN A O   1 
ATOM   699 C CB  . ASN A 1 110 ? -14.947 -4.356  -2.390  1.00 31.43 ? 904  ASN A CB  1 
ATOM   700 C CG  . ASN A 1 110 ? -15.045 -4.794  -3.824  1.00 47.02 ? 904  ASN A CG  1 
ATOM   701 O OD1 . ASN A 1 110 ? -14.346 -4.285  -4.692  1.00 51.68 ? 904  ASN A OD1 1 
ATOM   702 N ND2 . ASN A 1 110 ? -15.931 -5.752  -4.084  1.00 50.03 ? 904  ASN A ND2 1 
ATOM   703 N N   . VAL A 1 111 ? -13.303 -3.534  0.252   1.00 25.91 ? 905  VAL A N   1 
ATOM   704 C CA  . VAL A 1 111 ? -13.450 -3.262  1.666   1.00 27.89 ? 905  VAL A CA  1 
ATOM   705 C C   . VAL A 1 111 ? -14.218 -1.953  1.741   1.00 31.67 ? 905  VAL A C   1 
ATOM   706 O O   . VAL A 1 111 ? -13.748 -0.923  1.240   1.00 31.23 ? 905  VAL A O   1 
ATOM   707 C CB  . VAL A 1 111 ? -12.099 -3.187  2.396   1.00 31.36 ? 905  VAL A CB  1 
ATOM   708 C CG1 . VAL A 1 111 ? -12.344 -2.935  3.891   1.00 30.72 ? 905  VAL A CG1 1 
ATOM   709 C CG2 . VAL A 1 111 ? -11.345 -4.511  2.191   1.00 28.69 ? 905  VAL A CG2 1 
ATOM   710 N N   . MET A 1 112 ? -15.403 -1.989  2.340   1.00 26.84 ? 906  MET A N   1 
ATOM   711 C CA  . MET A 1 112 ? -16.235 -0.776  2.351   1.00 30.66 ? 906  MET A CA  1 
ATOM   712 C C   . MET A 1 112 ? -16.485 -0.189  3.728   1.00 35.22 ? 906  MET A C   1 
ATOM   713 O O   . MET A 1 112 ? -17.042 0.901   3.847   1.00 40.83 ? 906  MET A O   1 
ATOM   714 C CB  . MET A 1 112 ? -17.579 -1.044  1.707   1.00 31.91 ? 906  MET A CB  1 
ATOM   715 C CG  . MET A 1 112 ? -17.539 -1.187  0.215   1.00 36.16 ? 906  MET A CG  1 
ATOM   716 S SD  . MET A 1 112 ? -19.230 -1.263  -0.379  1.00 43.85 ? 906  MET A SD  1 
ATOM   717 C CE  . MET A 1 112 ? -19.792 0.388   0.039   1.00 66.37 ? 906  MET A CE  1 
ATOM   718 N N   . LEU A 1 113 ? -16.126 -0.930  4.755   1.00 31.18 ? 907  LEU A N   1 
ATOM   719 C CA  . LEU A 1 113 ? -16.238 -0.393  6.126   1.00 34.68 ? 907  LEU A CA  1 
ATOM   720 C C   . LEU A 1 113 ? -14.946 -0.781  6.841   1.00 40.34 ? 907  LEU A C   1 
ATOM   721 O O   . LEU A 1 113 ? -14.441 -1.841  6.577   1.00 42.25 ? 907  LEU A O   1 
ATOM   722 C CB  . LEU A 1 113 ? -17.450 -0.994  6.841   1.00 36.85 ? 907  LEU A CB  1 
ATOM   723 C CG  . LEU A 1 113 ? -18.821 -0.455  6.457   1.00 38.30 ? 907  LEU A CG  1 
ATOM   724 C CD1 . LEU A 1 113 ? -19.892 -1.210  7.218   1.00 36.30 ? 907  LEU A CD1 1 
ATOM   725 C CD2 . LEU A 1 113 ? -18.937 1.025   6.746   1.00 40.43 ? 907  LEU A CD2 1 
ATOM   726 O OXT . LEU A 1 113 ? -14.480 0.016   7.642   1.00 30.00 ? 907  LEU A OXT 1 
ATOM   727 N N   . ARG B 2 3   ? -7.253  30.506  -4.660  1.00 62.50 ? 3500 ARG B N   1 
ATOM   728 C CA  . ARG B 2 3   ? -7.881  29.363  -5.314  1.00 60.90 ? 3500 ARG B CA  1 
ATOM   729 C C   . ARG B 2 3   ? -6.877  28.588  -6.171  1.00 56.14 ? 3500 ARG B C   1 
ATOM   730 O O   . ARG B 2 3   ? -7.255  27.702  -6.940  1.00 55.20 ? 3500 ARG B O   1 
ATOM   731 C CB  . ARG B 2 3   ? -9.064  29.817  -6.172  1.00 61.60 ? 3500 ARG B CB  1 
ATOM   732 N N   . LEU B 2 4   ? -5.599  28.938  -6.049  1.00 50.64 ? 3501 LEU B N   1 
ATOM   733 C CA  . LEU B 2 4   ? -4.536  28.177  -6.707  1.00 41.25 ? 3501 LEU B CA  1 
ATOM   734 C C   . LEU B 2 4   ? -3.868  27.235  -5.706  1.00 34.72 ? 3501 LEU B C   1 
ATOM   735 O O   . LEU B 2 4   ? -2.634  27.186  -5.605  1.00 32.87 ? 3501 LEU B O   1 
ATOM   736 C CB  . LEU B 2 4   ? -3.495  29.108  -7.330  1.00 39.30 ? 3501 LEU B CB  1 
ATOM   737 C CG  . LEU B 2 4   ? -3.940  29.920  -8.554  1.00 39.21 ? 3501 LEU B CG  1 
ATOM   738 C CD1 . LEU B 2 4   ? -2.753  30.632  -9.210  1.00 37.08 ? 3501 LEU B CD1 1 
ATOM   739 C CD2 . LEU B 2 4   ? -4.678  29.043  -9.562  1.00 38.98 ? 3501 LEU B CD2 1 
ATOM   740 N N   . THR B 2 5   ? -4.695  26.517  -4.946  1.00 31.90 ? 3502 THR B N   1 
ATOM   741 C CA  . THR B 2 5   ? -4.205  25.611  -3.914  1.00 31.49 ? 3502 THR B CA  1 
ATOM   742 C C   . THR B 2 5   ? -4.898  24.255  -4.035  1.00 29.41 ? 3502 THR B C   1 
ATOM   743 O O   . THR B 2 5   ? -6.117  24.200  -4.138  1.00 36.40 ? 3502 THR B O   1 
ATOM   744 C CB  . THR B 2 5   ? -4.448  26.184  -2.495  1.00 35.32 ? 3502 THR B CB  1 
ATOM   745 O OG1 . THR B 2 5   ? -5.847  26.452  -2.306  1.00 37.63 ? 3502 THR B OG1 1 
ATOM   746 C CG2 . THR B 2 5   ? -3.683  27.473  -2.301  1.00 36.56 ? 3502 THR B CG2 1 
ATOM   747 N N   . LEU B 2 6   ? -4.135  23.162  -4.018  1.00 27.58 ? 3503 LEU B N   1 
ATOM   748 C CA  . LEU B 2 6   ? -4.752  21.820  -4.004  1.00 26.28 ? 3503 LEU B CA  1 
ATOM   749 C C   . LEU B 2 6   ? -5.190  21.414  -2.599  1.00 30.37 ? 3503 LEU B C   1 
ATOM   750 O O   . LEU B 2 6   ? -4.563  21.789  -1.609  1.00 27.41 ? 3503 LEU B O   1 
ATOM   751 C CB  . LEU B 2 6   ? -3.757  20.772  -4.493  1.00 26.84 ? 3503 LEU B CB  1 
ATOM   752 C CG  . LEU B 2 6   ? -3.111  20.849  -5.875  1.00 31.21 ? 3503 LEU B CG  1 
ATOM   753 C CD1 . LEU B 2 6   ? -2.175  19.685  -6.024  1.00 31.78 ? 3503 LEU B CD1 1 
ATOM   754 C CD2 . LEU B 2 6   ? -4.176  20.835  -6.946  1.00 36.74 ? 3503 LEU B CD2 1 
ATOM   755 N N   . PRO B 2 7   ? -6.222  20.577  -2.498  1.00 30.38 ? 3504 PRO B N   1 
ATOM   756 C CA  . PRO B 2 7   ? -6.554  19.947  -1.216  1.00 27.72 ? 3504 PRO B CA  1 
ATOM   757 C C   . PRO B 2 7   ? -5.460  18.972  -0.824  1.00 28.57 ? 3504 PRO B C   1 
ATOM   758 O O   . PRO B 2 7   ? -4.640  18.601  -1.672  1.00 27.87 ? 3504 PRO B O   1 
ATOM   759 C CB  . PRO B 2 7   ? -7.862  19.210  -1.512  1.00 34.05 ? 3504 PRO B CB  1 
ATOM   760 C CG  . PRO B 2 7   ? -7.775  18.907  -2.979  1.00 33.39 ? 3504 PRO B CG  1 
ATOM   761 C CD  . PRO B 2 7   ? -7.051  20.072  -3.609  1.00 32.94 ? 3504 PRO B CD  1 
ATOM   762 N N   . PRO B 2 8   ? -5.427  18.552  0.447   1.00 32.95 ? 3505 PRO B N   1 
ATOM   763 C CA  . PRO B 2 8   ? -4.625  17.378  0.821   1.00 33.55 ? 3505 PRO B CA  1 
ATOM   764 C C   . PRO B 2 8   ? -4.907  16.211  -0.139  1.00 32.76 ? 3505 PRO B C   1 
ATOM   765 O O   . PRO B 2 8   ? -6.078  15.977  -0.447  1.00 35.70 ? 3505 PRO B O   1 
ATOM   766 C CB  . PRO B 2 8   ? -5.111  17.042  2.234   1.00 37.51 ? 3505 PRO B CB  1 
ATOM   767 C CG  . PRO B 2 8   ? -5.750  18.291  2.741   1.00 38.56 ? 3505 PRO B CG  1 
ATOM   768 C CD  . PRO B 2 8   ? -6.232  19.073  1.568   1.00 39.36 ? 3505 PRO B CD  1 
ATOM   769 N N   . SER B 2 9   ? -3.893  15.528  -0.659  1.00 30.88 ? 3506 SER B N   1 
ATOM   770 C CA  . SER B 2 9   ? -4.243  14.478  -1.617  1.00 34.10 ? 3506 SER B CA  1 
ATOM   771 C C   . SER B 2 9   ? -4.614  13.203  -0.887  1.00 34.73 ? 3506 SER B C   1 
ATOM   772 O O   . SER B 2 9   ? -4.118  12.940  0.210   1.00 34.55 ? 3506 SER B O   1 
ATOM   773 C CB  . SER B 2 9   ? -3.134  14.171  -2.618  1.00 37.87 ? 3506 SER B CB  1 
ATOM   774 O OG  . SER B 2 9   ? -3.630  13.205  -3.556  1.00 39.95 ? 3506 SER B OG  1 
ATOM   775 N N   . GLU B 2 10  ? -5.505  12.434  -1.498  1.00 35.59 ? 3507 GLU B N   1 
ATOM   776 C CA  . GLU B 2 10  ? -5.957  11.192  -0.927  1.00 30.87 ? 3507 GLU B CA  1 
ATOM   777 C C   . GLU B 2 10  ? -5.310  10.027  -1.667  1.00 28.50 ? 3507 GLU B C   1 
ATOM   778 O O   . GLU B 2 10  ? -5.659  8.861   -1.461  1.00 30.20 ? 3507 GLU B O   1 
ATOM   779 C CB  . GLU B 2 10  ? -7.501  11.087  -0.986  1.00 40.81 ? 3507 GLU B CB  1 
ATOM   780 N N   . ILE B 2 11  ? -4.342  10.371  -2.525  1.00 25.16 ? 3508 ILE B N   1 
ATOM   781 C CA  . ILE B 2 11  ? -3.600  9.359   -3.281  1.00 25.42 ? 3508 ILE B CA  1 
ATOM   782 C C   . ILE B 2 11  ? -2.124  9.632   -3.176  1.00 25.44 ? 3508 ILE B C   1 
ATOM   783 O O   . ILE B 2 11  ? -1.702  10.781  -3.335  1.00 24.01 ? 3508 ILE B O   1 
ATOM   784 C CB  . ILE B 2 11  ? -3.987  9.346   -4.752  1.00 28.75 ? 3508 ILE B CB  1 
ATOM   785 C CG1 . ILE B 2 11  ? -5.484  9.072   -4.889  1.00 33.52 ? 3508 ILE B CG1 1 
ATOM   786 C CG2 . ILE B 2 11  ? -3.170  8.317   -5.506  1.00 32.34 ? 3508 ILE B CG2 1 
ATOM   787 C CD1 . ILE B 2 11  ? -5.981  9.213   -6.317  1.00 40.97 ? 3508 ILE B CD1 1 
ATOM   788 N N   . THR B 2 12  ? -1.342  8.586   -2.925  1.00 24.02 ? 3509 THR B N   1 
ATOM   789 C CA  . THR B 2 12  ? 0.114   8.756   -2.762  1.00 24.67 ? 3509 THR B CA  1 
ATOM   790 C C   . THR B 2 12  ? 0.893   7.784   -3.635  1.00 26.28 ? 3509 THR B C   1 
ATOM   791 O O   . THR B 2 12  ? 0.538   6.605   -3.735  1.00 26.98 ? 3509 THR B O   1 
ATOM   792 C CB  . THR B 2 12  ? 0.530   8.544   -1.289  1.00 26.19 ? 3509 THR B CB  1 
ATOM   793 O OG1 . THR B 2 12  ? -0.113  9.530   -0.481  1.00 27.86 ? 3509 THR B OG1 1 
ATOM   794 C CG2 . THR B 2 12  ? 2.042   8.624   -1.116  1.00 25.89 ? 3509 THR B CG2 1 
ATOM   795 N N   . LEU B 2 13  ? 1.930   8.292   -4.304  1.00 23.40 ? 3510 LEU B N   1 
ATOM   796 C CA  . LEU B 2 13  ? 2.859   7.484   -5.125  1.00 24.04 ? 3510 LEU B CA  1 
ATOM   797 C C   . LEU B 2 13  ? 4.014   7.014   -4.235  1.00 29.32 ? 3510 LEU B C   1 
ATOM   798 O O   . LEU B 2 13  ? 4.624   7.829   -3.588  1.00 27.86 ? 3510 LEU B O   1 
ATOM   799 C CB  . LEU B 2 13  ? 3.382   8.338   -6.278  1.00 30.00 ? 3510 LEU B CB  1 
ATOM   800 C CG  . LEU B 2 13  ? 2.371   8.593   -7.384  1.00 30.00 ? 3510 LEU B CG  1 
ATOM   801 C CD1 . LEU B 2 13  ? 2.740   9.811   -8.211  1.00 30.00 ? 3510 LEU B CD1 1 
ATOM   802 C CD2 . LEU B 2 13  ? 2.276   7.379   -8.272  1.00 30.00 ? 3510 LEU B CD2 1 
ATOM   803 N N   . LEU B 2 14  ? 4.236   5.707   -4.206  1.00 30.56 ? 3511 LEU B N   1 
ATOM   804 C CA  . LEU B 2 14  ? 5.316   5.081   -3.418  1.00 31.41 ? 3511 LEU B CA  1 
ATOM   805 C C   . LEU B 2 14  ? 6.252   4.307   -4.362  1.00 36.32 ? 3511 LEU B C   1 
ATOM   806 O O   . LEU B 2 14  ? 6.031   4.202   -5.529  1.00 35.03 ? 3511 LEU B O   1 
ATOM   807 C CB  . LEU B 2 14  ? 4.698   4.160   -2.357  1.00 30.57 ? 3511 LEU B CB  1 
ATOM   808 C CG  . LEU B 2 14  ? 3.766   4.822   -1.345  1.00 32.31 ? 3511 LEU B CG  1 
ATOM   809 C CD1 . LEU B 2 14  ? 2.804   3.824   -0.742  1.00 32.62 ? 3511 LEU B CD1 1 
ATOM   810 C CD2 . LEU B 2 14  ? 4.541   5.502   -0.254  1.00 33.93 ? 3511 LEU B CD2 1 
ATOM   811 O OXT . LEU B 2 14  ? 7.241   3.810   -3.849  1.00 30.00 ? 3511 LEU B OXT 1 
HETATM 812 O O   . HOH C 3 .   ? -8.229  -12.293 -1.316  1.00 35.66 ? 1001 HOH A O   1 
HETATM 813 O O   . HOH C 3 .   ? -3.805  -12.616 -8.209  1.00 59.30 ? 1002 HOH A O   1 
HETATM 814 O O   . HOH C 3 .   ? 4.896   -13.749 -1.310  1.00 33.81 ? 1003 HOH A O   1 
HETATM 815 O O   . HOH C 3 .   ? -11.099 -6.355  -5.645  1.00 43.54 ? 1004 HOH A O   1 
HETATM 816 O O   . HOH C 3 .   ? -5.522  -12.509 -1.638  1.00 48.21 ? 1005 HOH A O   1 
HETATM 817 O O   . HOH C 3 .   ? -4.516  -12.081 -4.416  1.00 38.33 ? 1006 HOH A O   1 
HETATM 818 O O   . HOH C 3 .   ? 0.440   -9.654  8.146   1.00 36.30 ? 1007 HOH A O   1 
HETATM 819 O O   . HOH C 3 .   ? -10.382 -5.139  -4.211  1.00 31.19 ? 1008 HOH A O   1 
HETATM 820 O O   . HOH C 3 .   ? -7.188  2.025   -9.729  1.00 42.09 ? 1009 HOH A O   1 
HETATM 821 O O   . HOH C 3 .   ? 5.854   -9.376  8.383   1.00 45.42 ? 1010 HOH A O   1 
HETATM 822 O O   . HOH C 3 .   ? 2.459   -14.536 -1.524  1.00 43.94 ? 1011 HOH A O   1 
HETATM 823 O O   . HOH C 3 .   ? -9.447  3.427   -5.359  1.00 55.60 ? 1012 HOH A O   1 
HETATM 824 O O   . HOH C 3 .   ? -5.523  2.940   6.471   1.00 33.26 ? 1013 HOH A O   1 
HETATM 825 O O   . HOH C 3 .   ? 10.372  -7.043  -6.294  1.00 33.33 ? 1014 HOH A O   1 
HETATM 826 O O   . HOH C 3 .   ? 15.880  -9.386  4.351   1.00 28.51 ? 1015 HOH A O   1 
HETATM 827 O O   . HOH C 3 .   ? -17.464 2.842   2.014   1.00 51.60 ? 1016 HOH A O   1 
HETATM 828 O O   . HOH C 3 .   ? 6.098   -1.404  -9.391  1.00 29.02 ? 1017 HOH A O   1 
HETATM 829 O O   . HOH C 3 .   ? -4.685  6.203   13.656  1.00 50.08 ? 1018 HOH A O   1 
HETATM 830 O O   . HOH C 3 .   ? -4.922  1.971   14.124  1.00 47.60 ? 1019 HOH A O   1 
HETATM 831 O O   . HOH C 3 .   ? 17.187  -5.577  -2.034  1.00 53.27 ? 1020 HOH A O   1 
HETATM 832 O O   . HOH C 3 .   ? 6.630   0.864   8.758   1.00 34.99 ? 1021 HOH A O   1 
HETATM 833 O O   . HOH C 3 .   ? 10.371  -3.772  5.509   1.00 28.43 ? 1022 HOH A O   1 
HETATM 834 O O   . HOH C 3 .   ? -9.120  6.145   12.856  0.50 52.24 ? 1023 HOH A O   1 
HETATM 835 O O   . HOH C 3 .   ? -11.971 -2.867  -4.323  1.00 40.70 ? 1024 HOH A O   1 
HETATM 836 O O   . HOH C 3 .   ? -9.460  2.357   8.522   1.00 36.84 ? 1025 HOH A O   1 
HETATM 837 O O   . HOH C 3 .   ? -7.728  8.988   5.437   1.00 31.83 ? 1026 HOH A O   1 
HETATM 838 O O   . HOH C 3 .   ? -5.560  17.667  7.545   1.00 39.29 ? 1027 HOH A O   1 
HETATM 839 O O   . HOH C 3 .   ? 1.847   -7.761  6.969   1.00 31.85 ? 1028 HOH A O   1 
HETATM 840 O O   . HOH C 3 .   ? -6.403  -4.682  8.826   1.00 46.73 ? 1029 HOH A O   1 
HETATM 841 O O   . HOH C 3 .   ? 9.266   -10.224 -4.378  1.00 40.55 ? 1030 HOH A O   1 
HETATM 842 O O   . HOH C 3 .   ? 8.844   -10.317 8.633   1.00 40.47 ? 1031 HOH A O   1 
HETATM 843 O O   . HOH C 3 .   ? -7.125  -4.254  12.778  1.00 55.62 ? 1032 HOH A O   1 
HETATM 844 O O   . HOH C 3 .   ? -9.910  -10.893 3.174   1.00 39.25 ? 1033 HOH A O   1 
HETATM 845 O O   . HOH C 3 .   ? 13.195  -8.414  10.132  1.00 52.62 ? 1034 HOH A O   1 
HETATM 846 O O   . HOH C 3 .   ? -14.474 0.877   -0.980  1.00 48.91 ? 1035 HOH A O   1 
HETATM 847 O O   . HOH C 3 .   ? -12.129 -1.794  -1.840  1.00 35.71 ? 1036 HOH A O   1 
HETATM 848 O O   . HOH C 3 .   ? -3.655  7.960   11.523  1.00 38.25 ? 1037 HOH A O   1 
HETATM 849 O O   . HOH C 3 .   ? 2.436   10.424  3.839   1.00 49.09 ? 1038 HOH A O   1 
HETATM 850 O O   . HOH C 3 .   ? 11.088  -15.300 6.949   1.00 30.28 ? 1039 HOH A O   1 
HETATM 851 O O   . HOH C 3 .   ? 17.464  1.945   8.215   1.00 45.51 ? 1040 HOH A O   1 
HETATM 852 O O   . HOH C 3 .   ? -12.328 0.647   11.930  1.00 51.47 ? 1041 HOH A O   1 
HETATM 853 O O   . HOH C 3 .   ? 7.547   -1.894  9.430   1.00 43.79 ? 1042 HOH A O   1 
HETATM 854 O O   . HOH C 3 .   ? 11.787  -13.177 8.503   1.00 52.98 ? 1043 HOH A O   1 
HETATM 855 O O   . HOH C 3 .   ? -5.107  -14.728 9.222   1.00 55.13 ? 1044 HOH A O   1 
HETATM 856 O O   . HOH C 3 .   ? 7.563   -13.979 -2.178  1.00 52.83 ? 1045 HOH A O   1 
HETATM 857 O O   . HOH C 3 .   ? -12.049 3.473   9.246   1.00 45.37 ? 1046 HOH A O   1 
HETATM 858 O O   . HOH C 3 .   ? 2.845   9.381   -12.242 1.00 45.29 ? 1047 HOH A O   1 
HETATM 859 O O   . HOH D 3 .   ? -7.077  12.687  -3.456  1.00 52.83 ? 3601 HOH B O   1 
HETATM 860 O O   . HOH D 3 .   ? -7.436  8.684   0.503   1.00 39.26 ? 3602 HOH B O   1 
HETATM 861 O O   . HOH D 3 .   ? -1.900  18.667  -2.172  1.00 40.57 ? 3603 HOH B O   1 
HETATM 862 O O   . HOH D 3 .   ? -4.370  17.215  -4.127  1.00 33.52 ? 3604 HOH B O   1 
HETATM 863 O O   . HOH D 3 .   ? -5.712  13.728  -5.571  1.00 50.81 ? 3605 HOH B O   1 
HETATM 864 O O   . HOH D 3 .   ? -7.597  10.749  2.139   1.00 54.03 ? 3606 HOH B O   1 
# 
loop_
_atom_site_anisotrop.id 
_atom_site_anisotrop.type_symbol 
_atom_site_anisotrop.pdbx_label_atom_id 
_atom_site_anisotrop.pdbx_label_alt_id 
_atom_site_anisotrop.pdbx_label_comp_id 
_atom_site_anisotrop.pdbx_label_asym_id 
_atom_site_anisotrop.pdbx_label_seq_id 
_atom_site_anisotrop.pdbx_PDB_ins_code 
_atom_site_anisotrop.U[1][1] 
_atom_site_anisotrop.U[2][2] 
_atom_site_anisotrop.U[3][3] 
_atom_site_anisotrop.U[1][2] 
_atom_site_anisotrop.U[1][3] 
_atom_site_anisotrop.U[2][3] 
_atom_site_anisotrop.pdbx_auth_seq_id 
_atom_site_anisotrop.pdbx_auth_comp_id 
_atom_site_anisotrop.pdbx_auth_asym_id 
_atom_site_anisotrop.pdbx_auth_atom_id 
1   N N   . GLY A 17  ? 0.8445 0.8699 1.0642 -0.0296 0.0619  0.0441  811  GLY A N   
2   C CA  . GLY A 17  ? 0.7815 0.8114 1.0079 -0.0325 0.0607  0.0334  811  GLY A CA  
3   C C   . GLY A 17  ? 0.6445 0.6699 0.8732 -0.0292 0.0578  0.0235  811  GLY A C   
4   O O   . GLY A 17  ? 0.5339 0.5549 0.7564 -0.0238 0.0565  0.0244  811  GLY A O   
5   N N   . PRO A 18  ? 0.4720 0.4991 0.7098 -0.0325 0.0569  0.0137  812  PRO A N   
6   C CA  . PRO A 18  ? 0.3510 0.3777 0.5933 -0.0304 0.0543  0.0019  812  PRO A CA  
7   C C   . PRO A 18  ? 0.3780 0.4159 0.6101 -0.0258 0.0515  -0.0044 812  PRO A C   
8   O O   . PRO A 18  ? 0.3572 0.4049 0.5819 -0.0257 0.0512  -0.0026 812  PRO A O   
9   C CB  . PRO A 18  ? 0.4050 0.4330 0.6598 -0.0368 0.0548  -0.0046 812  PRO A CB  
10  C CG  . PRO A 18  ? 0.4460 0.4720 0.7046 -0.0420 0.0577  0.0053  812  PRO A CG  
11  C CD  . PRO A 18  ? 0.4480 0.4793 0.6933 -0.0392 0.0589  0.0142  812  PRO A CD  
12  N N   . GLY A 19  ? 0.3778 0.4150 0.6106 -0.0221 0.0492  -0.0120 813  GLY A N   
13  C CA  . GLY A 19  ? 0.3721 0.4218 0.5978 -0.0186 0.0461  -0.0187 813  GLY A CA  
14  C C   . GLY A 19  ? 0.3243 0.3752 0.5385 -0.0124 0.0445  -0.0135 813  GLY A C   
15  O O   . GLY A 19  ? 0.3600 0.4219 0.5680 -0.0095 0.0415  -0.0172 813  GLY A O   
16  N N   . SER A 20  ? 0.2488 0.2892 0.4605 -0.0106 0.0461  -0.0045 814  SER A N   
17  C CA  . SER A 20  ? 0.2275 0.2696 0.4281 -0.0045 0.0443  0.0004  814  SER A CA  
18  C C   . SER A 20  ? 0.2563 0.2902 0.4594 -0.0011 0.0440  -0.0020 814  SER A C   
19  O O   . SER A 20  ? 0.2517 0.2754 0.4650 -0.0032 0.0454  -0.0040 814  SER A O   
20  C CB  . SER A 20  ? 0.3535 0.3923 0.5472 -0.0037 0.0458  0.0122  814  SER A CB  
21  O OG  . SER A 20  ? 0.4315 0.4570 0.6297 -0.0051 0.0489  0.0186  814  SER A OG  
22  N N   . THR A 21  ? 0.2263 0.2659 0.4212 0.0043  0.0415  -0.0019 815  THR A N   
23  C CA  . THR A 21  ? 0.2606 0.2949 0.4565 0.0085  0.0407  -0.0046 815  THR A CA  
24  C C   . THR A 21  ? 0.2945 0.3278 0.4793 0.0135  0.0398  0.0044  815  THR A C   
25  O O   . THR A 21  ? 0.2535 0.2968 0.4300 0.0151  0.0378  0.0077  815  THR A O   
26  C CB  . THR A 21  ? 0.2896 0.3360 0.4877 0.0101  0.0379  -0.0167 815  THR A CB  
27  O OG1 . THR A 21  ? 0.3300 0.3787 0.5384 0.0056  0.0383  -0.0260 815  THR A OG1 
28  C CG2 . THR A 21  ? 0.3021 0.3439 0.5023 0.0146  0.0372  -0.0203 815  THR A CG2 
29  N N   . LEU A 22  ? 0.2790 0.3002 0.4644 0.0159  0.0411  0.0087  816  LEU A N   
30  C CA  . LEU A 22  ? 0.2991 0.3194 0.4744 0.0211  0.0400  0.0164  816  LEU A CA  
31  C C   . LEU A 22  ? 0.2789 0.3061 0.4523 0.0257  0.0374  0.0099  816  LEU A C   
32  O O   . LEU A 22  ? 0.3053 0.3276 0.4861 0.0263  0.0376  0.0031  816  LEU A O   
33  C CB  . LEU A 22  ? 0.3579 0.3623 0.5343 0.0216  0.0426  0.0253  816  LEU A CB  
34  C CG  . LEU A 22  ? 0.3987 0.4005 0.5644 0.0265  0.0421  0.0349  816  LEU A CG  
35  C CD1 . LEU A 22  ? 0.3722 0.3829 0.5292 0.0269  0.0408  0.0409  816  LEU A CD1 
36  C CD2 . LEU A 22  ? 0.4895 0.4758 0.6579 0.0261  0.0449  0.0430  816  LEU A CD2 
37  N N   . VAL A 23  ? 0.2262 0.2659 0.3906 0.0286  0.0345  0.0119  817  VAL A N   
38  C CA  . VAL A 23  ? 0.2315 0.2818 0.3928 0.0328  0.0316  0.0070  817  VAL A CA  
39  C C   . VAL A 23  ? 0.2614 0.3095 0.4134 0.0380  0.0304  0.0160  817  VAL A C   
40  O O   . VAL A 23  ? 0.2524 0.3027 0.3975 0.0389  0.0289  0.0247  817  VAL A O   
41  C CB  . VAL A 23  ? 0.2041 0.2738 0.3633 0.0316  0.0283  0.0023  817  VAL A CB  
42  C CG1 . VAL A 23  ? 0.2747 0.3580 0.4301 0.0356  0.0252  -0.0012 817  VAL A CG1 
43  C CG2 . VAL A 23  ? 0.2559 0.3281 0.4245 0.0267  0.0295  -0.0077 817  VAL A CG2 
44  N N   . ARG A 24  ? 0.2214 0.2649 0.3744 0.0414  0.0306  0.0136  818  ARG A N   
45  C CA  . ARG A 24  ? 0.1960 0.2378 0.3407 0.0466  0.0294  0.0218  818  ARG A CA  
46  C C   . ARG A 24  ? 0.2503 0.3102 0.3908 0.0496  0.0257  0.0180  818  ARG A C   
47  O O   . ARG A 24  ? 0.2604 0.3266 0.4051 0.0508  0.0254  0.0084  818  ARG A O   
48  C CB  . ARG A 24  ? 0.2362 0.2617 0.3844 0.0487  0.0318  0.0228  818  ARG A CB  
49  C CG  . ARG A 24  ? 0.2405 0.2634 0.3801 0.0540  0.0307  0.0305  818  ARG A CG  
50  C CD  . ARG A 24  ? 0.2540 0.2587 0.3975 0.0553  0.0333  0.0335  818  ARG A CD  
51  N NE  . ARG A 24  ? 0.2681 0.2612 0.4115 0.0522  0.0358  0.0422  818  ARG A NE  
52  C CZ  . ARG A 24  ? 0.2883 0.2655 0.4338 0.0524  0.0380  0.0483  818  ARG A CZ  
53  N NH1 . ARG A 24  ? 0.3052 0.2746 0.4538 0.0555  0.0380  0.0462  818  ARG A NH1 
54  N NH2 . ARG A 24  ? 0.3261 0.2963 0.4710 0.0494  0.0402  0.0565  818  ARG A NH2 
55  N N   . VAL A 25  ? 0.2139 0.2830 0.3465 0.0509  0.0226  0.0259  819  VAL A N   
56  C CA  . VAL A 25  ? 0.1934 0.2817 0.3222 0.0530  0.0186  0.0244  819  VAL A CA  
57  C C   . VAL A 25  ? 0.2457 0.3329 0.3679 0.0582  0.0172  0.0317  819  VAL A C   
58  O O   . VAL A 25  ? 0.2297 0.3096 0.3467 0.0598  0.0163  0.0422  819  VAL A O   
59  C CB  . VAL A 25  ? 0.1827 0.2843 0.3094 0.0505  0.0147  0.0286  819  VAL A CB  
60  C CG1 . VAL A 25  ? 0.2478 0.3714 0.3709 0.0522  0.0098  0.0290  819  VAL A CG1 
61  C CG2 . VAL A 25  ? 0.2206 0.3237 0.3535 0.0453  0.0161  0.0214  819  VAL A CG2 
62  N N   . LYS A 26  ? 0.1933 0.2876 0.3159 0.0611  0.0168  0.0256  820  LYS A N   
63  C CA  . LYS A 26  ? 0.2392 0.3349 0.3555 0.0661  0.0153  0.0320  820  LYS A CA  
64  C C   . LYS A 26  ? 0.2651 0.3771 0.3753 0.0667  0.0102  0.0404  820  LYS A C   
65  O O   . LYS A 26  ? 0.2443 0.3741 0.3560 0.0641  0.0074  0.0372  820  LYS A O   
66  C CB  . LYS A 26  ? 0.2788 0.3817 0.3980 0.0689  0.0159  0.0220  820  LYS A CB  
67  C CG  . LYS A 26  ? 0.3816 0.4852 0.4948 0.0741  0.0147  0.0281  820  LYS A CG  
68  C CD  . LYS A 26  ? 0.4760 0.5980 0.5903 0.0768  0.0133  0.0190  820  LYS A CD  
69  C CE  . LYS A 26  ? 0.5225 0.6414 0.6318 0.0821  0.0130  0.0241  820  LYS A CE  
70  N NZ  . LYS A 26  ? 0.5519 0.6608 0.6538 0.0832  0.0118  0.0395  820  LYS A NZ  
71  N N   . LYS A 27  ? 0.2494 0.3004 0.3928 -0.0074 0.0259  -0.0986 821  LYS A N   
72  C CA  . LYS A 27  ? 0.2426 0.3040 0.4163 -0.0066 0.0264  -0.0570 821  LYS A CA  
73  C C   . LYS A 27  ? 0.2877 0.4046 0.4691 -0.0026 0.0367  -0.0351 821  LYS A C   
74  O O   . LYS A 27  ? 0.3791 0.4874 0.5842 -0.0062 0.0380  -0.0209 821  LYS A O   
75  C CB  . LYS A 27  ? 0.3135 0.3169 0.5163 -0.0140 0.0183  -0.0505 821  LYS A CB  
76  C CG  . LYS A 27  ? 0.3801 0.3569 0.5453 -0.0102 0.0078  -0.0538 821  LYS A CG  
77  C CD  . LYS A 27  ? 0.3613 0.3286 0.5192 -0.0087 0.0018  -0.0397 821  LYS A CD  
78  C CE  . LYS A 27  ? 0.3604 0.3323 0.5166 -0.0053 -0.0040 -0.0441 821  LYS A CE  
79  N NZ  . LYS A 27  ? 0.3262 0.2989 0.5050 -0.0038 -0.0093 -0.0378 821  LYS A NZ  
80  N N   . SER A 28  ? 0.2664 0.4416 0.4273 0.0053  0.0441  -0.0339 822  SER A N   
81  C CA  . SER A 28  ? 0.2481 0.4807 0.4089 0.0104  0.0543  -0.0201 822  SER A CA  
82  C C   . SER A 28  ? 0.2677 0.5330 0.4568 0.0146  0.0590  0.0274  822  SER A C   
83  O O   . SER A 28  ? 0.3079 0.6120 0.5065 0.0177  0.0670  0.0453  822  SER A O   
84  C CB  . SER A 28  ? 0.2801 0.5630 0.4063 0.0177  0.0598  -0.0406 822  SER A CB  
85  O OG  . SER A 28  ? 0.2943 0.5953 0.4109 0.0231  0.0581  -0.0312 822  SER A OG  
86  N N   . ALA A 29  ? 0.2637 0.5138 0.4671 0.0150  0.0546  0.0481  823  ALA A N   
87  C CA  . ALA A 29  ? 0.2935 0.5736 0.5256 0.0196  0.0592  0.0946  823  ALA A CA  
88  C C   . ALA A 29  ? 0.3267 0.5505 0.5937 0.0125  0.0514  0.1118  823  ALA A C   
89  O O   . ALA A 29  ? 0.3604 0.5267 0.6253 0.0053  0.0423  0.0865  823  ALA A O   
90  C CB  . ALA A 29  ? 0.3169 0.6447 0.5326 0.0291  0.0628  0.1061  823  ALA A CB  
91  N N   . ALA A 30  ? 0.3193 0.5604 0.6196 0.0152  0.0549  0.1545  824  ALA A N   
92  C CA  . ALA A 30  ? 0.3381 0.5275 0.6762 0.0086  0.0479  0.1718  824  ALA A CA  
93  C C   . ALA A 30  ? 0.3570 0.5138 0.6916 0.0081  0.0398  0.1666  824  ALA A C   
94  O O   . ALA A 30  ? 0.3393 0.4446 0.7002 0.0019  0.0318  0.1707  824  ALA A O   
95  C CB  . ALA A 30  ? 0.3517 0.5563 0.7128 0.0130  0.0515  0.2147  824  ALA A CB  
96  N N   . THR A 31  ? 0.2850 0.4721 0.5881 0.0149  0.0415  0.1571  825  THR A N   
97  C CA  . THR A 31  ? 0.2683 0.4252 0.5643 0.0146  0.0339  0.1491  825  THR A CA  
98  C C   . THR A 31  ? 0.2048 0.3699 0.4552 0.0169  0.0324  0.1104  825  THR A C   
99  O O   . THR A 31  ? 0.2462 0.4471 0.4732 0.0197  0.0382  0.0948  825  THR A O   
100 C CB  . THR A 31  ? 0.3115 0.5000 0.6239 0.0219  0.0379  0.1876  825  THR A CB  
101 O OG1 . THR A 31  ? 0.3545 0.6124 0.6419 0.0318  0.0470  0.1938  825  THR A OG1 
102 C CG2 . THR A 31  ? 0.2908 0.4785 0.6526 0.0207  0.0413  0.2302  825  THR A CG2 
103 N N   . LEU A 32  ? 0.2217 0.3529 0.4614 0.0156  0.0247  0.0951  826  LEU A N   
104 C CA  . LEU A 32  ? 0.2158 0.3528 0.4154 0.0177  0.0229  0.0601  826  LEU A CA  
105 C C   . LEU A 32  ? 0.2394 0.4434 0.4221 0.0278  0.0305  0.0744  826  LEU A C   
106 O O   . LEU A 32  ? 0.2984 0.5364 0.4497 0.0315  0.0340  0.0506  826  LEU A O   
107 C CB  . LEU A 32  ? 0.3371 0.4171 0.5338 0.0136  0.0124  0.0428  826  LEU A CB  
108 C CG  . LEU A 32  ? 0.4130 0.4752 0.5742 0.0127  0.0079  0.0013  826  LEU A CG  
109 C CD1 . LEU A 32  ? 0.3165 0.3768 0.4595 0.0096  0.0099  -0.0307 826  LEU A CD1 
110 C CD2 . LEU A 32  ? 0.4403 0.4375 0.6105 0.0077  -0.0028 -0.0079 826  LEU A CD2 
111 N N   . GLY A 33  ? 0.2544 0.4784 0.4604 0.0325  0.0332  0.1137  827  GLY A N   
112 C CA  . GLY A 33  ? 0.2255 0.5167 0.4206 0.0431  0.0410  0.1342  827  GLY A CA  
113 C C   . GLY A 33  ? 0.2746 0.5667 0.4410 0.0463  0.0367  0.1138  827  GLY A C   
114 O O   . GLY A 33  ? 0.2947 0.6392 0.4340 0.0536  0.0414  0.1048  827  GLY A O   
115 N N   . ILE A 34  ? 0.2271 0.4617 0.3993 0.0410  0.0275  0.1049  828  ILE A N   
116 C CA  . ILE A 34  ? 0.2547 0.4905 0.4054 0.0445  0.0237  0.0928  828  ILE A CA  
117 C C   . ILE A 34  ? 0.2857 0.4938 0.4628 0.0446  0.0196  0.1211  828  ILE A C   
118 O O   . ILE A 34  ? 0.2619 0.4330 0.4728 0.0394  0.0171  0.1392  828  ILE A O   
119 C CB  . ILE A 34  ? 0.2757 0.4680 0.3996 0.0387  0.0159  0.0457  828  ILE A CB  
120 C CG1 . ILE A 34  ? 0.2757 0.3931 0.4196 0.0296  0.0070  0.0385  828  ILE A CG1 
121 C CG2 . ILE A 34  ? 0.2449 0.4612 0.3457 0.0382  0.0202  0.0171  828  ILE A CG2 
122 C CD1 . ILE A 34  ? 0.3375 0.4092 0.4571 0.0243  -0.0004 -0.0062 828  ILE A CD1 
123 N N   . ALA A 35  ? 0.2134 0.4439 0.3772 0.0508  0.0194  0.1262  829  ALA A N   
124 C CA  . ALA A 35  ? 0.1785 0.3764 0.3603 0.0507  0.0141  0.1435  829  ALA A CA  
125 C C   . ALA A 35  ? 0.2497 0.4094 0.4047 0.0477  0.0055  0.1063  829  ALA A C   
126 O O   . ALA A 35  ? 0.2387 0.4266 0.3595 0.0508  0.0066  0.0804  829  ALA A O   
127 C CB  . ALA A 35  ? 0.2048 0.4567 0.3939 0.0607  0.0208  0.1808  829  ALA A CB  
128 N N   . ILE A 36  ? 0.2015 0.2997 0.3723 0.0422  -0.0031 0.1034  830  ILE A N   
129 C CA  . ILE A 36  ? 0.1952 0.2565 0.3422 0.0401  -0.0113 0.0709  830  ILE A CA  
130 C C   . ILE A 36  ? 0.2489 0.2896 0.4108 0.0424  -0.0156 0.0906  830  ILE A C   
131 O O   . ILE A 36  ? 0.2649 0.2942 0.4621 0.0419  -0.0150 0.1231  830  ILE A O   
132 C CB  . ILE A 36  ? 0.2159 0.2154 0.3611 0.0312  -0.0189 0.0386  830  ILE A CB  
133 C CG1 . ILE A 36  ? 0.3157 0.2727 0.4959 0.0247  -0.0224 0.0568  830  ILE A CG1 
134 C CG2 . ILE A 36  ? 0.2734 0.2914 0.4015 0.0289  -0.0147 0.0153  830  ILE A CG2 
135 C CD1 . ILE A 36  ? 0.3891 0.3182 0.5309 0.0114  -0.0250 0.0204  830  ILE A CD1 
136 N N   . GLU A 37  ? 0.2059 0.2418 0.3425 0.0446  -0.0196 0.0709  831  GLU A N   
137 C CA  . GLU A 37  ? 0.2117 0.2289 0.3570 0.0473  -0.0238 0.0851  831  GLU A CA  
138 C C   . GLU A 37  ? 0.2796 0.2428 0.4080 0.0429  -0.0334 0.0499  831  GLU A C   
139 O O   . GLU A 37  ? 0.3309 0.2972 0.4292 0.0418  -0.0341 0.0164  831  GLU A O   
140 C CB  . GLU A 37  ? 0.2931 0.3707 0.4231 0.0567  -0.0180 0.1008  831  GLU A CB  
141 C CG  . GLU A 37  ? 0.3943 0.4587 0.5360 0.0604  -0.0211 0.1206  831  GLU A CG  
142 C CD  . GLU A 37  ? 0.5572 0.6866 0.6862 0.0704  -0.0145 0.1400  831  GLU A CD  
143 O OE1 . GLU A 37  ? 0.6121 0.7929 0.7166 0.0742  -0.0092 0.1288  831  GLU A OE1 
144 O OE2 . GLU A 37  ? 0.6296 0.7536 0.7663 0.0691  -0.0121 0.1571  831  GLU A OE2 
145 N N   . GLY A 38  ? 0.3366 0.3087 0.3384 0.0754  -0.0239 -0.0272 832  GLY A N   
146 C CA  . GLY A 38  ? 0.3441 0.3438 0.3722 0.0576  -0.0174 -0.0322 832  GLY A CA  
147 C C   . GLY A 38  ? 0.3406 0.3431 0.3648 0.0394  -0.0024 -0.0214 832  GLY A C   
148 O O   . GLY A 38  ? 0.3661 0.3484 0.3666 0.0401  0.0036  -0.0092 832  GLY A O   
149 N N   . GLY A 39  ? 0.2425 0.2701 0.2906 0.0229  0.0036  -0.0257 833  GLY A N   
150 C CA  . GLY A 39  ? 0.2718 0.3063 0.3193 0.0057  0.0185  -0.0172 833  GLY A CA  
151 C C   . GLY A 39  ? 0.2479 0.3131 0.3211 -0.0011 0.0237  -0.0280 833  GLY A C   
152 O O   . GLY A 39  ? 0.2626 0.3418 0.3520 0.0079  0.0157  -0.0413 833  GLY A O   
153 N N   . ALA A 40  ? 0.2699 0.3451 0.3461 -0.0169 0.0372  -0.0221 834  ALA A N   
154 C CA  . ALA A 40  ? 0.3124 0.4181 0.4148 -0.0281 0.0432  -0.0308 834  ALA A CA  
155 C C   . ALA A 40  ? 0.3723 0.4905 0.4819 -0.0131 0.0410  -0.0437 834  ALA A C   
156 O O   . ALA A 40  ? 0.3706 0.4751 0.4617 0.0017  0.0415  -0.0423 834  ALA A O   
157 C CB  . ALA A 40  ? 0.3560 0.4674 0.4566 -0.0462 0.0586  -0.0211 834  ALA A CB  
158 N N   . ASN A 41  ? 0.3907 0.5348 0.5277 -0.0168 0.0381  -0.0562 835  ASN A N   
159 C CA  . ASN A 41  ? 0.5323 0.6919 0.6804 -0.0043 0.0355  -0.0698 835  ASN A CA  
160 C C   . ASN A 41  ? 0.5230 0.6679 0.6599 0.0191  0.0234  -0.0758 835  ASN A C   
161 O O   . ASN A 41  ? 0.5491 0.6946 0.6807 0.0330  0.0238  -0.0812 835  ASN A O   
162 C CB  . ASN A 41  ? 0.6619 0.8279 0.8049 -0.0069 0.0487  -0.0671 835  ASN A CB  
163 C CG  . ASN A 41  ? 0.7660 0.9392 0.9125 -0.0290 0.0612  -0.0576 835  ASN A CG  
164 O OD1 . ASN A 41  ? 0.7904 0.9482 0.9169 -0.0330 0.0698  -0.0454 835  ASN A OD1 
165 N ND2 . ASN A 41  ? 0.8102 1.0064 0.9824 -0.0440 0.0621  -0.0630 835  ASN A ND2 
166 N N   . THR A 42  ? 0.4560 0.5880 0.5898 0.0230  0.0124  -0.0747 836  THR A N   
167 C CA  . THR A 42  ? 0.4229 0.5442 0.5507 0.0437  -0.0010 -0.0821 836  THR A CA  
168 C C   . THR A 42  ? 0.3707 0.5030 0.5195 0.0398  -0.0115 -0.0901 836  THR A C   
169 O O   . THR A 42  ? 0.3498 0.4934 0.5130 0.0214  -0.0080 -0.0875 836  THR A O   
170 C CB  . THR A 42  ? 0.4710 0.5593 0.5681 0.0550  -0.0045 -0.0711 836  THR A CB  
171 O OG1 . THR A 42  ? 0.4218 0.4988 0.5155 0.0447  -0.0074 -0.0626 836  THR A OG1 
172 C CG2 . THR A 42  ? 0.5317 0.6083 0.6076 0.0545  0.0077  -0.0606 836  THR A CG2 
173 N N   . ARG A 43  ? 0.3601 0.4898 0.5112 0.0569  -0.0242 -0.0997 837  ARG A N   
174 C CA  . ARG A 43  ? 0.3816 0.5204 0.5515 0.0553  -0.0354 -0.1079 837  ARG A CA  
175 C C   . ARG A 43  ? 0.3767 0.4989 0.5383 0.0465  -0.0387 -0.0975 837  ARG A C   
176 O O   . ARG A 43  ? 0.4158 0.5468 0.5942 0.0396  -0.0454 -0.1019 837  ARG A O   
177 C CB  . ARG A 43  ? 0.4512 0.5869 0.6211 0.0772  -0.0484 -0.1192 837  ARG A CB  
178 N N   . GLN A 44  ? 0.3630 0.4611 0.4985 0.0467  -0.0338 -0.0838 838  GLN A N   
179 C CA  . GLN A 44  ? 0.3137 0.3940 0.4384 0.0381  -0.0355 -0.0723 838  GLN A CA  
180 C C   . GLN A 44  ? 0.3255 0.4041 0.4426 0.0204  -0.0209 -0.0594 838  GLN A C   
181 O O   . GLN A 44  ? 0.3472 0.4066 0.4399 0.0247  -0.0149 -0.0491 838  GLN A O   
182 C CB  . GLN A 44  ? 0.3274 0.3783 0.4263 0.0562  -0.0444 -0.0675 838  GLN A CB  
183 C CG  . GLN A 44  ? 0.3463 0.3752 0.4300 0.0498  -0.0466 -0.0550 838  GLN A CG  
184 C CD  . GLN A 44  ? 0.4042 0.4398 0.5054 0.0438  -0.0565 -0.0599 838  GLN A CD  
185 O OE1 . GLN A 44  ? 0.5002 0.5390 0.6099 0.0563  -0.0683 -0.0706 838  GLN A OE1 
186 N NE2 . GLN A 44  ? 0.3579 0.3953 0.4644 0.0247  -0.0517 -0.0520 838  GLN A NE2 
187 N N   . PRO A 45  ? 0.2244 0.3239 0.3626 0.0006  -0.0146 -0.0601 839  PRO A N   
188 C CA  . PRO A 45  ? 0.2539 0.3577 0.3889 -0.0158 0.0006  -0.0504 839  PRO A CA  
189 C C   . PRO A 45  ? 0.2895 0.3711 0.4044 -0.0249 0.0050  -0.0342 839  PRO A C   
190 O O   . PRO A 45  ? 0.2985 0.3767 0.4026 -0.0337 0.0170  -0.0246 839  PRO A O   
191 C CB  . PRO A 45  ? 0.2580 0.3913 0.4232 -0.0330 0.0041  -0.0573 839  PRO A CB  
192 C CG  . PRO A 45  ? 0.2679 0.4063 0.4487 -0.0299 -0.0091 -0.0660 839  PRO A CG  
193 C CD  . PRO A 45  ? 0.2656 0.3877 0.4327 -0.0065 -0.0208 -0.0711 839  PRO A CD  
194 N N   . LEU A 46  ? 0.3134 0.3805 0.4233 -0.0227 -0.0048 -0.0314 840  LEU A N   
195 C CA  . LEU A 46  ? 0.3040 0.3461 0.3914 -0.0276 -0.0025 -0.0162 840  LEU A CA  
196 C C   . LEU A 46  ? 0.3176 0.3344 0.3834 -0.0069 -0.0131 -0.0153 840  LEU A C   
197 O O   . LEU A 46  ? 0.3249 0.3450 0.3990 0.0060  -0.0248 -0.0262 840  LEU A O   
198 C CB  . LEU A 46  ? 0.3079 0.3534 0.4073 -0.0443 -0.0044 -0.0123 840  LEU A CB  
199 C CG  . LEU A 46  ? 0.3339 0.4003 0.4505 -0.0671 0.0075  -0.0096 840  LEU A CG  
200 C CD1 . LEU A 46  ? 0.4124 0.4871 0.5469 -0.0798 0.0023  -0.0109 840  LEU A CD1 
201 C CD2 . LEU A 46  ? 0.3889 0.4412 0.4851 -0.0765 0.0199  0.0058  840  LEU A CD2 
202 N N   . PRO A 47  ? 0.2908 0.2823 0.3289 -0.0036 -0.0091 -0.0023 841  PRO A N   
203 C CA  . PRO A 47  ? 0.2726 0.2402 0.2892 0.0172  -0.0184 -0.0015 841  PRO A CA  
204 C C   . PRO A 47  ? 0.2743 0.2315 0.2918 0.0231  -0.0324 -0.0038 841  PRO A C   
205 O O   . PRO A 47  ? 0.3004 0.2539 0.3207 0.0102  -0.0332 0.0025  841  PRO A O   
206 C CB  . PRO A 47  ? 0.3091 0.2532 0.2975 0.0151  -0.0100 0.0143  841  PRO A CB  
207 C CG  . PRO A 47  ? 0.3563 0.3157 0.3521 -0.0017 0.0048  0.0184  841  PRO A CG  
208 C CD  . PRO A 47  ? 0.3393 0.3241 0.3646 -0.0174 0.0046  0.0114  841  PRO A CD  
209 N N   . ARG A 48  ? 0.2353 0.2704 0.3209 -0.0023 -0.0361 -0.0175 842  ARG A N   
210 C CA  . ARG A 48  ? 0.2106 0.2529 0.2723 0.0067  -0.0348 -0.0058 842  ARG A CA  
211 C C   . ARG A 48  ? 0.2608 0.3025 0.3292 0.0111  -0.0287 0.0142  842  ARG A C   
212 O O   . ARG A 48  ? 0.2681 0.3031 0.3617 0.0117  -0.0251 0.0226  842  ARG A O   
213 C CB  . ARG A 48  ? 0.3065 0.3505 0.3628 0.0158  -0.0363 -0.0036 842  ARG A CB  
214 C CG  . ARG A 48  ? 0.4305 0.4815 0.4637 0.0258  -0.0349 0.0091  842  ARG A CG  
215 C CD  . ARG A 48  ? 0.5295 0.5805 0.5633 0.0348  -0.0360 0.0121  842  ARG A CD  
216 N NE  . ARG A 48  ? 0.6465 0.6978 0.6820 0.0449  -0.0310 0.0332  842  ARG A NE  
217 C CZ  . ARG A 48  ? 0.6717 0.7298 0.6841 0.0532  -0.0305 0.0422  842  ARG A CZ  
218 N NH1 . ARG A 48  ? 0.6983 0.7633 0.6852 0.0525  -0.0349 0.0314  842  ARG A NH1 
219 N NH2 . ARG A 48  ? 0.6409 0.6987 0.6554 0.0620  -0.0259 0.0614  842  ARG A NH2 
220 N N   . ILE A 49  ? 0.2050 0.2532 0.2518 0.0138  -0.0274 0.0217  843  ILE A N   
221 C CA  . ILE A 49  ? 0.2195 0.2675 0.2720 0.0189  -0.0212 0.0416  843  ILE A CA  
222 C C   . ILE A 49  ? 0.2705 0.3190 0.3224 0.0305  -0.0187 0.0562  843  ILE A C   
223 O O   . ILE A 49  ? 0.2767 0.3311 0.3070 0.0371  -0.0209 0.0563  843  ILE A O   
224 C CB  . ILE A 49  ? 0.2214 0.2762 0.2520 0.0184  -0.0204 0.0457  843  ILE A CB  
225 C CG1 . ILE A 49  ? 0.2392 0.2928 0.2722 0.0066  -0.0228 0.0313  843  ILE A CG1 
226 C CG2 . ILE A 49  ? 0.2790 0.3338 0.3157 0.0242  -0.0137 0.0669  843  ILE A CG2 
227 C CD1 . ILE A 49  ? 0.2695 0.3298 0.2801 0.0050  -0.0228 0.0330  843  ILE A CD1 
228 N N   . VAL A 50  ? 0.2385 0.2807 0.3145 0.0332  -0.0144 0.0682  844  VAL A N   
229 C CA  . VAL A 50  ? 0.2813 0.3233 0.3571 0.0444  -0.0121 0.0821  844  VAL A CA  
230 C C   . VAL A 50  ? 0.3337 0.3780 0.4046 0.0514  -0.0063 0.1031  844  VAL A C   
231 O O   . VAL A 50  ? 0.3382 0.3852 0.3992 0.0613  -0.0051 0.1142  844  VAL A O   
232 C CB  . VAL A 50  ? 0.3991 0.4326 0.5026 0.0449  -0.0114 0.0826  844  VAL A CB  
233 C CG1 . VAL A 50  ? 0.4358 0.4679 0.5415 0.0398  -0.0174 0.0624  844  VAL A CG1 
234 C CG2 . VAL A 50  ? 0.3838 0.4104 0.5123 0.0391  -0.0076 0.0874  844  VAL A CG2 
235 N N   . THR A 51  ? 0.2909 0.3345 0.3684 0.0464  -0.0028 0.1085  845  THR A N   
236 C CA  . THR A 51  ? 0.2839 0.3303 0.3564 0.0521  0.0028  0.1276  845  THR A CA  
237 C C   . THR A 51  ? 0.3087 0.3586 0.3735 0.0454  0.0038  0.1257  845  THR A C   
238 O O   . THR A 51  ? 0.3066 0.3535 0.3820 0.0356  0.0019  0.1133  845  THR A O   
239 C CB  . THR A 51  ? 0.3996 0.4383 0.4993 0.0546  0.0085  0.1427  845  THR A CB  
240 O OG1 . THR A 51  ? 0.4596 0.4936 0.5703 0.0593  0.0072  0.1423  845  THR A OG1 
241 C CG2 . THR A 51  ? 0.4361 0.4778 0.5289 0.0621  0.0143  0.1635  845  THR A CG2 
242 N N   . ILE A 52  ? 0.3020 0.3582 0.3488 0.0507  0.0067  0.1378  846  ILE A N   
243 C CA  . ILE A 52  ? 0.3026 0.3621 0.3438 0.0456  0.0086  0.1394  846  ILE A CA  
244 C C   . ILE A 52  ? 0.3748 0.4342 0.4222 0.0515  0.0155  0.1607  846  ILE A C   
245 O O   . ILE A 52  ? 0.3999 0.4630 0.4329 0.0578  0.0174  0.1642  846  ILE A O   
246 C CB  . ILE A 52  ? 0.3097 0.3779 0.3198 0.0454  0.0047  0.1315  846  ILE A CB  
247 C CG1 . ILE A 52  ? 0.3174 0.3852 0.3231 0.0379  -0.0020 0.1095  846  ILE A CG1 
248 C CG2 . ILE A 52  ? 0.3217 0.3935 0.3256 0.0414  0.0072  0.1356  846  ILE A CG2 
249 C CD1 . ILE A 52  ? 0.3801 0.4560 0.3554 0.0377  -0.0061 0.1013  846  ILE A CD1 
250 N N   . GLN A 53  ? 0.2923 0.4890 0.3267 0.0013  0.0093  0.0155  847  GLN A N   
251 C CA  . GLN A 53  ? 0.3307 0.5443 0.3627 0.0022  0.0116  0.0171  847  GLN A CA  
252 C C   . GLN A 53  ? 0.3381 0.5615 0.3672 0.0111  0.0128  0.0133  847  GLN A C   
253 O O   . GLN A 53  ? 0.3441 0.5685 0.3760 0.0144  0.0130  0.0119  847  GLN A O   
254 C CB  . GLN A 53  ? 0.4043 0.6285 0.4415 -0.0045 0.0137  0.0235  847  GLN A CB  
255 C CG  . GLN A 53  ? 0.5386 0.7544 0.5791 -0.0132 0.0124  0.0273  847  GLN A CG  
256 C CD  . GLN A 53  ? 0.6737 0.9000 0.7209 -0.0194 0.0137  0.0332  847  GLN A CD  
257 O OE1 . GLN A 53  ? 0.7048 0.9402 0.7550 -0.0173 0.0149  0.0340  847  GLN A OE1 
258 N NE2 . GLN A 53  ? 0.7034 0.9278 0.7536 -0.0270 0.0130  0.0371  847  GLN A NE2 
259 N N   . ARG A 54  ? 0.3607 0.5926 0.3843 0.0149  0.0137  0.0117  848  ARG A N   
260 C CA  . ARG A 54  ? 0.4199 0.6632 0.4405 0.0235  0.0152  0.0080  848  ARG A CA  
261 C C   . ARG A 54  ? 0.4431 0.7010 0.4689 0.0221  0.0185  0.0125  848  ARG A C   
262 O O   . ARG A 54  ? 0.4094 0.6738 0.4391 0.0151  0.0202  0.0187  848  ARG A O   
263 C CB  . ARG A 54  ? 0.4829 0.7343 0.4962 0.0276  0.0161  0.0063  848  ARG A CB  
264 N N   . GLY A 55  ? 0.4575 0.7200 0.4843 0.0284  0.0190  0.0093  849  GLY A N   
265 C CA  . GLY A 55  ? 0.4784 0.7549 0.5107 0.0278  0.0217  0.0131  849  GLY A CA  
266 C C   . GLY A 55  ? 0.4629 0.7330 0.5016 0.0236  0.0205  0.0153  849  GLY A C   
267 O O   . GLY A 55  ? 0.4574 0.7373 0.5011 0.0241  0.0219  0.0173  849  GLY A O   
268 N N   . GLY A 56  ? 0.3608 0.6147 0.3999 0.0198  0.0177  0.0148  850  GLY A N   
269 C CA  . GLY A 56  ? 0.3250 0.5724 0.3691 0.0165  0.0166  0.0167  850  GLY A CA  
270 C C   . GLY A 56  ? 0.3041 0.5439 0.3480 0.0230  0.0149  0.0121  850  GLY A C   
271 O O   . GLY A 56  ? 0.3241 0.5617 0.3644 0.0294  0.0141  0.0070  850  GLY A O   
272 N N   . SER A 57  ? 0.2398 0.4753 0.2877 0.0214  0.0140  0.0136  851  SER A N   
273 C CA  . SER A 57  ? 0.2313 0.4601 0.2797 0.0274  0.0125  0.0100  851  SER A CA  
274 C C   . SER A 57  ? 0.2683 0.4814 0.3143 0.0296  0.0102  0.0065  851  SER A C   
275 O O   . SER A 57  ? 0.2889 0.4986 0.3348 0.0363  0.0089  0.0022  851  SER A O   
276 C CB  . SER A 57  ? 0.2271 0.4534 0.2793 0.0249  0.0119  0.0129  851  SER A CB  
277 O OG  . SER A 57  ? 0.2184 0.4595 0.2741 0.0236  0.0133  0.0157  851  SER A OG  
278 N N   . ALA A 58  ? 0.2049 0.4078 0.2503 0.0240  0.0095  0.0085  852  ALA A N   
279 C CA  . ALA A 58  ? 0.1930 0.3801 0.2377 0.0259  0.0072  0.0058  852  ALA A CA  
280 C C   . ALA A 58  ? 0.2470 0.4348 0.2884 0.0312  0.0060  0.0007  852  ALA A C   
281 O O   . ALA A 58  ? 0.2820 0.4607 0.3242 0.0368  0.0036  -0.0036 852  ALA A O   
282 C CB  . ALA A 58  ? 0.2124 0.3891 0.2576 0.0186  0.0068  0.0091  852  ALA A CB  
283 N N   . HIS A 59  ? 0.2583 0.4566 0.2963 0.0299  0.0076  0.0012  853  HIS A N   
284 C CA  . HIS A 59  ? 0.3022 0.5024 0.3358 0.0354  0.0065  -0.0038 853  HIS A CA  
285 C C   . HIS A 59  ? 0.3453 0.5517 0.3791 0.0443  0.0060  -0.0087 853  HIS A C   
286 O O   . HIS A 59  ? 0.3781 0.5795 0.4103 0.0506  0.0034  -0.0144 853  HIS A O   
287 C CB  . HIS A 59  ? 0.3566 0.5693 0.3861 0.0328  0.0088  -0.0016 853  HIS A CB  
288 C CG  . HIS A 59  ? 0.4953 0.7090 0.5189 0.0386  0.0075  -0.0067 853  HIS A CG  
289 N ND1 . HIS A 59  ? 0.5603 0.7641 0.5809 0.0365  0.0053  -0.0079 853  HIS A ND1 
290 C CD2 . HIS A 59  ? 0.5603 0.7838 0.5802 0.0467  0.0079  -0.0113 853  HIS A CD2 
291 C CE1 . HIS A 59  ? 0.5830 0.7903 0.5981 0.0434  0.0040  -0.0131 853  HIS A CE1 
292 N NE2 . HIS A 59  ? 0.6082 0.8275 0.6225 0.0497  0.0057  -0.0153 853  HIS A NE2 
293 N N   . ASN A 60  ? 0.3612 0.5786 0.3974 0.0446  0.0083  -0.0065 854  ASN A N   
294 C CA  . ASN A 60  ? 0.3787 0.6035 0.4155 0.0528  0.0082  -0.0108 854  ASN A CA  
295 C C   . ASN A 60  ? 0.3710 0.5829 0.4114 0.0573  0.0048  -0.0145 854  ASN A C   
296 O O   . ASN A 60  ? 0.4165 0.6291 0.4571 0.0650  0.0029  -0.0200 854  ASN A O   
297 C CB  . ASN A 60  ? 0.4031 0.6420 0.4429 0.0516  0.0112  -0.0072 854  ASN A CB  
298 C CG  . ASN A 60  ? 0.4565 0.7112 0.4943 0.0488  0.0147  -0.0038 854  ASN A CG  
299 O OD1 . ASN A 60  ? 0.5237 0.7813 0.5565 0.0501  0.0152  -0.0053 854  ASN A OD1 
300 N ND2 . ASN A 60  ? 0.4540 0.7190 0.4961 0.0454  0.0169  0.0009  854  ASN A ND2 
301 N N   . CYS A 61  ? 0.3695 0.5694 0.4130 0.0525  0.0040  -0.0111 855  CYS A N   
302 C CA  . CYS A 61  ? 0.3929 0.5806 0.4409 0.0558  0.0012  -0.0127 855  CYS A CA  
303 C C   . CYS A 61  ? 0.4518 0.6278 0.5003 0.0598  -0.0024 -0.0175 855  CYS A C   
304 O O   . CYS A 61  ? 0.5052 0.6762 0.5573 0.0663  -0.0052 -0.0216 855  CYS A O   
305 C CB  . CYS A 61  ? 0.4067 0.5861 0.4572 0.0495  0.0020  -0.0069 855  CYS A CB  
306 S SG  . CYS A 61  ? 0.5795 0.7408 0.6351 0.0514  -0.0008 -0.0069 855  CYS A SG  
307 N N   . GLY A 62  ? 0.4131 0.5842 0.4583 0.0561  -0.0027 -0.0172 856  GLY A N   
308 C CA  . GLY A 62  ? 0.4456 0.6055 0.4915 0.0597  -0.0067 -0.0219 856  GLY A CA  
309 C C   . GLY A 62  ? 0.4596 0.6015 0.5119 0.0582  -0.0093 -0.0205 856  GLY A C   
310 O O   . GLY A 62  ? 0.4849 0.6160 0.5389 0.0602  -0.0127 -0.0238 856  GLY A O   
311 N N   . GLN A 63  ? 0.4211 0.5600 0.4770 0.0551  -0.0076 -0.0156 857  GLN A N   
312 C CA  . GLN A 63  ? 0.4317 0.5546 0.4937 0.0536  -0.0089 -0.0128 857  GLN A CA  
313 C C   . GLN A 63  ? 0.3382 0.4533 0.3997 0.0455  -0.0074 -0.0078 857  GLN A C   
314 O O   . GLN A 63  ? 0.3806 0.4819 0.4473 0.0446  -0.0087 -0.0061 857  GLN A O   
315 C CB  . GLN A 63  ? 0.5708 0.6947 0.6366 0.0552  -0.0078 -0.0099 857  GLN A CB  
316 C CG  . GLN A 63  ? 0.7464 0.8672 0.8180 0.0628  -0.0106 -0.0131 857  GLN A CG  
317 C CD  . GLN A 63  ? 0.8780 1.0116 0.9486 0.0661  -0.0093 -0.0137 857  GLN A CD  
318 O OE1 . GLN A 63  ? 0.9420 1.0825 1.0124 0.0720  -0.0110 -0.0191 857  GLN A OE1 
319 N NE2 . GLN A 63  ? 0.9594 1.0976 1.0284 0.0621  -0.0062 -0.0085 857  GLN A NE2 
320 N N   . LEU A 64  ? 0.3031 0.4270 0.3594 0.0397  -0.0046 -0.0051 858  LEU A N   
321 C CA  . LEU A 64  ? 0.2964 0.4132 0.3524 0.0318  -0.0033 -0.0005 858  LEU A CA  
322 C C   . LEU A 64  ? 0.3137 0.4282 0.3671 0.0300  -0.0048 -0.0029 858  LEU A C   
323 O O   . LEU A 64  ? 0.3276 0.4517 0.3768 0.0330  -0.0052 -0.0065 858  LEU A O   
324 C CB  . LEU A 64  ? 0.2543 0.3811 0.3075 0.0262  0.0000  0.0041  858  LEU A CB  
325 C CG  . LEU A 64  ? 0.2490 0.3769 0.3043 0.0264  0.0015  0.0074  858  LEU A CG  
326 C CD1 . LEU A 64  ? 0.2732 0.4109 0.3260 0.0207  0.0038  0.0112  858  LEU A CD1 
327 C CD2 . LEU A 64  ? 0.2409 0.3536 0.3002 0.0255  0.0011  0.0102  858  LEU A CD2 
328 N N   . LYS A 65  ? 0.2875 0.3892 0.3436 0.0257  -0.0057 -0.0010 859  LYS A N   
329 C CA  . LYS A 65  ? 0.2832 0.3807 0.3372 0.0236  -0.0076 -0.0030 859  LYS A CA  
330 C C   . LYS A 65  ? 0.2640 0.3565 0.3180 0.0150  -0.0062 0.0017  859  LYS A C   
331 O O   . LYS A 65  ? 0.2595 0.3465 0.3168 0.0114  -0.0046 0.0059  859  LYS A O   
332 C CB  . LYS A 65  ? 0.3303 0.4140 0.3894 0.0286  -0.0120 -0.0071 859  LYS A CB  
333 C CG  . LYS A 65  ? 0.4186 0.5066 0.4785 0.0377  -0.0143 -0.0127 859  LYS A CG  
334 C CD  . LYS A 65  ? 0.5652 0.6408 0.6301 0.0428  -0.0195 -0.0177 859  LYS A CD  
335 C CE  . LYS A 65  ? 0.6820 0.7620 0.7483 0.0521  -0.0222 -0.0235 859  LYS A CE  
336 N NZ  . LYS A 65  ? 0.7365 0.8191 0.8070 0.0536  -0.0202 -0.0206 859  LYS A NZ  
337 N N   . VAL A 66  ? 0.2523 0.3463 0.3028 0.0120  -0.0071 0.0007  860  VAL A N   
338 C CA  . VAL A 66  ? 0.2478 0.3361 0.2991 0.0039  -0.0065 0.0046  860  VAL A CA  
339 C C   . VAL A 66  ? 0.2718 0.3426 0.3297 0.0034  -0.0083 0.0050  860  VAL A C   
340 O O   . VAL A 66  ? 0.2974 0.3598 0.3580 0.0083  -0.0116 0.0011  860  VAL A O   
341 C CB  . VAL A 66  ? 0.2687 0.3614 0.3152 0.0016  -0.0075 0.0032  860  VAL A CB  
342 C CG1 . VAL A 66  ? 0.3343 0.4186 0.3830 -0.0064 -0.0076 0.0067  860  VAL A CG1 
343 C CG2 . VAL A 66  ? 0.2582 0.3696 0.2994 0.0011  -0.0048 0.0045  860  VAL A CG2 
344 N N   . GLY A 67  ? 0.2563 0.3214 0.3171 -0.0023 -0.0063 0.0098  861  GLY A N   
345 C CA  . GLY A 67  ? 0.2646 0.3138 0.3325 -0.0024 -0.0072 0.0113  861  GLY A CA  
346 C C   . GLY A 67  ? 0.2477 0.2939 0.3195 0.0007  -0.0054 0.0137  861  GLY A C   
347 O O   . GLY A 67  ? 0.2837 0.3184 0.3610 -0.0007 -0.0049 0.0167  861  GLY A O   
348 N N   . HIS A 68  ? 0.2294 0.2862 0.2982 0.0050  -0.0044 0.0127  862  HIS A N   
349 C CA  . HIS A 68  ? 0.2144 0.2694 0.2863 0.0077  -0.0026 0.0156  862  HIS A CA  
350 C C   . HIS A 68  ? 0.2567 0.3107 0.3279 0.0018  0.0004  0.0209  862  HIS A C   
351 O O   . HIS A 68  ? 0.2645 0.3265 0.3313 -0.0033 0.0016  0.0220  862  HIS A O   
352 C CB  . HIS A 68  ? 0.2705 0.3383 0.3389 0.0126  -0.0020 0.0138  862  HIS A CB  
353 C CG  . HIS A 68  ? 0.2534 0.3189 0.3253 0.0204  -0.0046 0.0098  862  HIS A CG  
354 N ND1 . HIS A 68  ? 0.2780 0.3549 0.3466 0.0253  -0.0055 0.0057  862  HIS A ND1 
355 C CD2 . HIS A 68  ? 0.2672 0.3204 0.3464 0.0244  -0.0067 0.0095  862  HIS A CD2 
356 C CE1 . HIS A 68  ? 0.3022 0.3738 0.3756 0.0319  -0.0083 0.0024  862  HIS A CE1 
357 N NE2 . HIS A 68  ? 0.2762 0.3336 0.3566 0.0315  -0.0092 0.0048  862  HIS A NE2 
358 N N   . VAL A 69  ? 0.2185 0.2629 0.2941 0.0029  0.0017  0.0243  863  VAL A N   
359 C CA  . VAL A 69  ? 0.2355 0.2793 0.3098 -0.0014 0.0046  0.0290  863  VAL A CA  
360 C C   . VAL A 69  ? 0.2324 0.2828 0.3046 0.0028  0.0062  0.0306  863  VAL A C   
361 O O   . VAL A 69  ? 0.2291 0.2765 0.3046 0.0088  0.0057  0.0303  863  VAL A O   
362 C CB  . VAL A 69  ? 0.2581 0.2875 0.3383 -0.0032 0.0054  0.0324  863  VAL A CB  
363 C CG1 . VAL A 69  ? 0.2726 0.3016 0.3509 -0.0058 0.0087  0.0372  863  VAL A CG1 
364 C CG2 . VAL A 69  ? 0.2579 0.2812 0.3399 -0.0083 0.0037  0.0310  863  VAL A CG2 
365 N N   . ILE A 70  ? 0.1913 0.2512 0.2585 -0.0002 0.0076  0.0318  864  ILE A N   
366 C CA  . ILE A 70  ? 0.1972 0.2645 0.2618 0.0036  0.0087  0.0330  864  ILE A CA  
367 C C   . ILE A 70  ? 0.2773 0.3374 0.3424 0.0039  0.0108  0.0375  864  ILE A C   
368 O O   . ILE A 70  ? 0.2581 0.3166 0.3215 -0.0010 0.0120  0.0398  864  ILE A O   
369 C CB  . ILE A 70  ? 0.1787 0.2604 0.2385 0.0007  0.0086  0.0320  864  ILE A CB  
370 C CG1 . ILE A 70  ? 0.1839 0.2733 0.2430 0.0007  0.0070  0.0280  864  ILE A CG1 
371 C CG2 . ILE A 70  ? 0.1990 0.2873 0.2567 0.0049  0.0091  0.0327  864  ILE A CG2 
372 C CD1 . ILE A 70  ? 0.2000 0.3039 0.2561 -0.0031 0.0072  0.0279  864  ILE A CD1 
373 N N   . LEU A 71  ? 0.2438 0.2994 0.3113 0.0098  0.0114  0.0391  865  LEU A N   
374 C CA  . LEU A 71  ? 0.2467 0.2954 0.3146 0.0113  0.0137  0.0441  865  LEU A CA  
375 C C   . LEU A 71  ? 0.2679 0.3251 0.3299 0.0133  0.0147  0.0454  865  LEU A C   
376 O O   . LEU A 71  ? 0.2784 0.3336 0.3374 0.0122  0.0165  0.0487  865  LEU A O   
377 C CB  . LEU A 71  ? 0.2538 0.2931 0.3285 0.0167  0.0139  0.0459  865  LEU A CB  
378 C CG  . LEU A 71  ? 0.2492 0.2800 0.3308 0.0156  0.0121  0.0440  865  LEU A CG  
379 C CD1 . LEU A 71  ? 0.3154 0.3378 0.4053 0.0217  0.0114  0.0455  865  LEU A CD1 
380 C CD2 . LEU A 71  ? 0.3221 0.3449 0.4046 0.0097  0.0135  0.0462  865  LEU A CD2 
381 N N   . GLU A 72  ? 0.2576 0.3241 0.3182 0.0168  0.0131  0.0427  866  GLU A N   
382 C CA  . GLU A 72  ? 0.2608 0.3353 0.3166 0.0194  0.0133  0.0435  866  GLU A CA  
383 C C   . GLU A 72  ? 0.2399 0.3274 0.2939 0.0194  0.0113  0.0394  866  GLU A C   
384 O O   . GLU A 72  ? 0.2633 0.3531 0.3200 0.0204  0.0101  0.0361  866  GLU A O   
385 C CB  . GLU A 72  ? 0.2952 0.3657 0.3529 0.0263  0.0139  0.0462  866  GLU A CB  
386 C CG  . GLU A 72  ? 0.3642 0.4221 0.4247 0.0273  0.0164  0.0513  866  GLU A CG  
387 C CD  . GLU A 72  ? 0.4694 0.5244 0.5322 0.0341  0.0171  0.0546  866  GLU A CD  
388 O OE1 . GLU A 72  ? 0.4118 0.4737 0.4739 0.0380  0.0154  0.0526  866  GLU A OE1 
389 O OE2 . GLU A 72  ? 0.5208 0.5662 0.5863 0.0356  0.0195  0.0597  866  GLU A OE2 
390 N N   . VAL A 73  ? 0.2279 0.3240 0.2778 0.0189  0.0109  0.0397  867  VAL A N   
391 C CA  . VAL A 73  ? 0.2276 0.3367 0.2767 0.0190  0.0093  0.0365  867  VAL A CA  
392 C C   . VAL A 73  ? 0.2759 0.3891 0.3228 0.0241  0.0088  0.0373  867  VAL A C   
393 O O   . VAL A 73  ? 0.2792 0.3915 0.3226 0.0238  0.0090  0.0397  867  VAL A O   
394 C CB  . VAL A 73  ? 0.2284 0.3451 0.2761 0.0127  0.0086  0.0358  867  VAL A CB  
395 C CG1 . VAL A 73  ? 0.2403 0.3709 0.2883 0.0134  0.0072  0.0335  867  VAL A CG1 
396 C CG2 . VAL A 73  ? 0.2455 0.3580 0.2952 0.0075  0.0090  0.0351  867  VAL A CG2 
397 N N   . ASN A 74  ? 0.2570 0.3808 0.2573 0.0529  -0.0216 0.0469  868  ASN A N   
398 C CA  . ASN A 74  ? 0.2551 0.3933 0.2259 0.0638  -0.0307 0.0443  868  ASN A CA  
399 C C   . ASN A 74  ? 0.3398 0.4808 0.2800 0.0736  -0.0221 0.0492  868  ASN A C   
400 O O   . ASN A 74  ? 0.3775 0.5324 0.2936 0.0818  -0.0273 0.0395  868  ASN A O   
401 C CB  . ASN A 74  ? 0.3139 0.4679 0.2879 0.0626  -0.0425 0.0202  868  ASN A CB  
402 C CG  . ASN A 74  ? 0.3366 0.4903 0.3350 0.0551  -0.0536 0.0173  868  ASN A CG  
403 O OD1 . ASN A 74  ? 0.2968 0.4420 0.3022 0.0536  -0.0552 0.0338  868  ASN A OD1 
404 N ND2 . ASN A 74  ? 0.2952 0.4583 0.3064 0.0501  -0.0612 -0.0038 868  ASN A ND2 
405 N N   . GLY A 75  ? 0.3468 0.4741 0.2875 0.0727  -0.0091 0.0652  869  GLY A N   
406 C CA  . GLY A 75  ? 0.4017 0.5301 0.3141 0.0816  -0.0003 0.0723  869  GLY A CA  
407 C C   . GLY A 75  ? 0.4351 0.5663 0.3464 0.0805  0.0091  0.0581  869  GLY A C   
408 O O   . GLY A 75  ? 0.4380 0.5695 0.3273 0.0870  0.0179  0.0634  869  GLY A O   
409 N N   . LEU A 76  ? 0.3863 0.5200 0.3207 0.0725  0.0070  0.0399  870  LEU A N   
410 C CA  . LEU A 76  ? 0.4352 0.5707 0.3717 0.0706  0.0160  0.0257  870  LEU A CA  
411 C C   . LEU A 76  ? 0.3765 0.4953 0.3350 0.0625  0.0293  0.0344  870  LEU A C   
412 O O   . LEU A 76  ? 0.3359 0.4454 0.3225 0.0533  0.0279  0.0364  870  LEU A O   
413 C CB  . LEU A 76  ? 0.4622 0.6087 0.4115 0.0661  0.0072  0.0008  870  LEU A CB  
414 C CG  . LEU A 76  ? 0.5694 0.7186 0.5231 0.0637  0.0151  -0.0159 870  LEU A CG  
415 C CD1 . LEU A 76  ? 0.6369 0.7925 0.5590 0.0738  0.0222  -0.0147 870  LEU A CD1 
416 C CD2 . LEU A 76  ? 0.5753 0.7360 0.5398 0.0598  0.0054  -0.0403 870  LEU A CD2 
417 N N   . THR A 77  ? 0.3620 0.4770 0.3079 0.0658  0.0420  0.0392  871  THR A N   
418 C CA  . THR A 77  ? 0.3415 0.4410 0.3080 0.0585  0.0548  0.0476  871  THR A CA  
419 C C   . THR A 77  ? 0.3570 0.4553 0.3511 0.0489  0.0557  0.0292  871  THR A C   
420 O O   . THR A 77  ? 0.3810 0.4911 0.3714 0.0498  0.0516  0.0090  871  THR A O   
421 C CB  . THR A 77  ? 0.4021 0.4983 0.3490 0.0641  0.0687  0.0563  871  THR A CB  
422 O OG1 . THR A 77  ? 0.4057 0.4858 0.3734 0.0568  0.0806  0.0663  871  THR A OG1 
423 C CG2 . THR A 77  ? 0.4455 0.5541 0.3787 0.0680  0.0709  0.0369  871  THR A CG2 
424 N N   . LEU A 78  ? 0.2954 0.3791 0.3175 0.0394  0.0606  0.0363  872  LEU A N   
425 C CA  . LEU A 78  ? 0.2875 0.3677 0.3362 0.0300  0.0631  0.0209  872  LEU A CA  
426 C C   . LEU A 78  ? 0.3315 0.4042 0.3816 0.0290  0.0784  0.0222  872  LEU A C   
427 O O   . LEU A 78  ? 0.3164 0.3853 0.3877 0.0216  0.0818  0.0098  872  LEU A O   
428 C CB  . LEU A 78  ? 0.2701 0.3389 0.3507 0.0196  0.0594  0.0260  872  LEU A CB  
429 C CG  . LEU A 78  ? 0.2510 0.3276 0.3341 0.0192  0.0439  0.0225  872  LEU A CG  
430 C CD1 . LEU A 78  ? 0.2184 0.2844 0.3345 0.0080  0.0403  0.0244  872  LEU A CD1 
431 C CD2 . LEU A 78  ? 0.2495 0.3437 0.3224 0.0224  0.0341  -0.0006 872  LEU A CD2 
432 N N   . ARG A 79  ? 0.3099 0.3798 0.3382 0.0362  0.0875  0.0372  873  ARG A N   
433 C CA  . ARG A 79  ? 0.3378 0.4013 0.3660 0.0356  0.1022  0.0385  873  ARG A CA  
434 C C   . ARG A 79  ? 0.3758 0.4518 0.3960 0.0380  0.1023  0.0160  873  ARG A C   
435 O O   . ARG A 79  ? 0.3767 0.4671 0.3735 0.0457  0.0956  0.0078  873  ARG A O   
436 C CB  . ARG A 79  ? 0.3552 0.4145 0.3594 0.0433  0.1113  0.0587  873  ARG A CB  
437 C CG  . ARG A 79  ? 0.4638 0.5172 0.4670 0.0430  0.1268  0.0602  873  ARG A CG  
438 C CD  . ARG A 79  ? 0.5611 0.6056 0.5498 0.0474  0.1363  0.0841  873  ARG A CD  
439 N NE  . ARG A 79  ? 0.6010 0.6300 0.6115 0.0406  0.1379  0.1009  873  ARG A NE  
440 C CZ  . ARG A 79  ? 0.6131 0.6266 0.6482 0.0317  0.1375  0.0975  873  ARG A CZ  
441 N NH1 . ARG A 79  ? 0.6288 0.6433 0.6715 0.0289  0.1476  0.0864  873  ARG A NH1 
442 N NH2 . ARG A 79  ? 0.5641 0.5634 0.6138 0.0273  0.1227  0.0998  873  ARG A NH2 
443 N N   . GLY A 80  ? 0.3535 0.4242 0.3934 0.0312  0.1094  0.0055  874  GLY A N   
444 C CA  . GLY A 80  ? 0.3634 0.4452 0.3965 0.0331  0.1101  -0.0157 874  GLY A CA  
445 C C   . GLY A 80  ? 0.3537 0.4428 0.4031 0.0277  0.0985  -0.0363 874  GLY A C   
446 O O   . GLY A 80  ? 0.4103 0.5069 0.4603 0.0273  0.0990  -0.0553 874  GLY A O   
447 N N   . LYS A 81  ? 0.2846 0.3716 0.3475 0.0234  0.0881  -0.0329 875  LYS A N   
448 C CA  . LYS A 81  ? 0.3026 0.3963 0.3822 0.0176  0.0767  -0.0519 875  LYS A CA  
449 C C   . LYS A 81  ? 0.3463 0.4272 0.4600 0.0058  0.0806  -0.0563 875  LYS A C   
450 O O   . LYS A 81  ? 0.2958 0.3626 0.4260 0.0004  0.0847  -0.0408 875  LYS A O   
451 C CB  . LYS A 81  ? 0.2979 0.3960 0.3760 0.0183  0.0631  -0.0474 875  LYS A CB  
452 C CG  . LYS A 81  ? 0.3978 0.5082 0.4424 0.0301  0.0579  -0.0421 875  LYS A CG  
453 C CD  . LYS A 81  ? 0.5700 0.6954 0.5939 0.0367  0.0574  -0.0599 875  LYS A CD  
454 C CE  . LYS A 81  ? 0.6960 0.8331 0.6866 0.0483  0.0522  -0.0544 875  LYS A CE  
455 N NZ  . LYS A 81  ? 0.7310 0.8745 0.7230 0.0483  0.0375  -0.0555 875  LYS A NZ  
456 N N   . GLU A 82  ? 0.3280 0.4139 0.4521 0.0018  0.0791  -0.0775 876  GLU A N   
457 C CA  . GLU A 82  ? 0.2963 0.3711 0.4531 -0.0097 0.0813  -0.0841 876  GLU A CA  
458 C C   . GLU A 82  ? 0.2887 0.3596 0.4657 -0.0169 0.0704  -0.0814 876  GLU A C   
459 O O   . GLU A 82  ? 0.2934 0.3735 0.4588 -0.0128 0.0600  -0.0801 876  GLU A O   
460 C CB  . GLU A 82  ? 0.4494 0.5324 0.6100 -0.0115 0.0805  -0.1088 876  GLU A CB  
461 C CG  . GLU A 82  ? 0.6626 0.7347 0.8551 -0.0227 0.0838  -0.1181 876  GLU A CG  
462 C CD  . GLU A 82  ? 0.8667 0.9402 1.0805 -0.0310 0.0713  -0.1292 876  GLU A CD  
463 O OE1 . GLU A 82  ? 0.9865 1.0732 1.1881 -0.0272 0.0599  -0.1373 876  GLU A OE1 
464 O OE2 . GLU A 82  ? 0.9093 0.9703 1.1515 -0.0412 0.0729  -0.1300 876  GLU A OE2 
465 N N   . HIS A 83  ? 0.3528 0.2783 0.4079 -0.0062 -0.0190 -0.0651 877  HIS A N   
466 C CA  . HIS A 83  ? 0.3379 0.2784 0.4146 -0.0097 -0.0079 -0.0398 877  HIS A CA  
467 C C   . HIS A 83  ? 0.2998 0.2504 0.4273 -0.0109 -0.0186 -0.0448 877  HIS A C   
468 O O   . HIS A 83  ? 0.3051 0.2654 0.4243 -0.0091 -0.0165 -0.0368 877  HIS A O   
469 C CB  . HIS A 83  ? 0.3651 0.3098 0.4718 -0.0170 0.0072  -0.0156 877  HIS A CB  
470 C CG  . HIS A 83  ? 0.3136 0.2741 0.4469 -0.0211 0.0184  0.0104  877  HIS A CG  
471 N ND1 . HIS A 83  ? 0.3030 0.2694 0.3964 -0.0197 0.0321  0.0293  877  HIS A ND1 
472 C CD2 . HIS A 83  ? 0.3273 0.2991 0.5230 -0.0265 0.0181  0.0206  877  HIS A CD2 
473 C CE1 . HIS A 83  ? 0.3005 0.2816 0.4310 -0.0242 0.0396  0.0500  877  HIS A CE1 
474 N NE2 . HIS A 83  ? 0.2950 0.2798 0.4874 -0.0284 0.0312  0.0450  877  HIS A NE2 
475 N N   . ARG A 84  ? 0.2967 0.2454 0.4757 -0.0136 -0.0300 -0.0579 878  ARG A N   
476 C CA  . ARG A 84  ? 0.2623 0.2210 0.4916 -0.0151 -0.0394 -0.0613 878  ARG A CA  
477 C C   . ARG A 84  ? 0.3431 0.3016 0.5458 -0.0083 -0.0521 -0.0801 878  ARG A C   
478 O O   . ARG A 84  ? 0.3895 0.3593 0.6158 -0.0085 -0.0551 -0.0760 878  ARG A O   
479 C CB  . ARG A 84  ? 0.3169 0.2721 0.6051 -0.0192 -0.0497 -0.0731 878  ARG A CB  
480 C CG  . ARG A 84  ? 0.3661 0.3239 0.6875 -0.0264 -0.0370 -0.0522 878  ARG A CG  
481 C CD  . ARG A 84  ? 0.5364 0.4880 0.9093 -0.0301 -0.0468 -0.0651 878  ARG A CD  
482 N NE  . ARG A 84  ? 0.5817 0.5177 0.9223 -0.0263 -0.0539 -0.0862 878  ARG A NE  
483 C CZ  . ARG A 84  ? 0.6018 0.5357 0.9634 -0.0265 -0.0570 -0.0919 878  ARG A CZ  
484 N NH1 . ARG A 84  ? 0.5755 0.5201 0.9884 -0.0298 -0.0539 -0.0790 878  ARG A NH1 
485 N NH2 . ARG A 84  ? 0.6528 0.5779 0.9764 -0.0215 -0.0615 -0.1076 878  ARG A NH2 
486 N N   . GLU A 85  ? 0.3515 0.2974 0.5049 -0.0023 -0.0596 -0.1006 879  GLU A N   
487 C CA  . GLU A 85  ? 0.4267 0.3713 0.5520 0.0044  -0.0722 -0.1198 879  GLU A CA  
488 C C   . GLU A 85  ? 0.3721 0.3232 0.4529 0.0074  -0.0623 -0.1050 879  GLU A C   
489 O O   . GLU A 85  ? 0.3736 0.3321 0.4561 0.0100  -0.0681 -0.1082 879  GLU A O   
490 C CB  . GLU A 85  ? 0.5231 0.4527 0.6098 0.0098  -0.0835 -0.1463 879  GLU A CB  
491 C CG  . GLU A 85  ? 0.7190 0.6551 0.7633 0.0167  -0.0864 -0.1489 879  GLU A CG  
492 C CD  . GLU A 85  ? 0.9700 0.9143 1.0529 0.0184  -0.0991 -0.1592 879  GLU A CD  
493 O OE1 . GLU A 85  ? 1.0654 1.0131 1.2046 0.0135  -0.1048 -0.1610 879  GLU A OE1 
494 O OE2 . GLU A 85  ? 1.0129 0.9604 1.0727 0.0232  -0.1016 -0.1624 879  GLU A OE2 
495 N N   . ALA A 86  ? 0.3331 0.2816 0.3738 0.0070  -0.0473 -0.0890 880  ALA A N   
496 C CA  . ALA A 86  ? 0.3143 0.2698 0.3147 0.0094  -0.0365 -0.0725 880  ALA A CA  
497 C C   . ALA A 86  ? 0.3316 0.3038 0.3745 0.0052  -0.0302 -0.0519 880  ALA A C   
498 O O   . ALA A 86  ? 0.3062 0.2862 0.3336 0.0083  -0.0307 -0.0489 880  ALA A O   
499 C CB  . ALA A 86  ? 0.3707 0.3211 0.3277 0.0087  -0.0204 -0.0566 880  ALA A CB  
500 N N   . ALA A 87  ? 0.3083 0.2864 0.4049 -0.0018 -0.0241 -0.0376 881  ALA A N   
501 C CA  . ALA A 87  ? 0.3190 0.3134 0.4566 -0.0061 -0.0176 -0.0174 881  ALA A CA  
502 C C   . ALA A 87  ? 0.3197 0.3201 0.4878 -0.0042 -0.0329 -0.0324 881  ALA A C   
503 O O   . ALA A 87  ? 0.3042 0.3167 0.4776 -0.0037 -0.0306 -0.0224 881  ALA A O   
504 C CB  . ALA A 87  ? 0.3193 0.3183 0.5094 -0.0142 -0.0089 -0.0002 881  ALA A CB  
505 N N   . ARG A 88  ? 0.3107 0.3027 0.4980 -0.0029 -0.0486 -0.0570 882  ARG A N   
506 C CA  . ARG A 88  ? 0.3353 0.3323 0.5535 -0.0012 -0.0636 -0.0723 882  ARG A CA  
507 C C   . ARG A 88  ? 0.3200 0.3166 0.4890 0.0062  -0.0693 -0.0827 882  ARG A C   
508 O O   . ARG A 88  ? 0.2957 0.3022 0.4823 0.0072  -0.0747 -0.0834 882  ARG A O   
509 C CB  . ARG A 88  ? 0.3810 0.3685 0.6290 -0.0012 -0.0794 -0.0969 882  ARG A CB  
510 C CG  . ARG A 88  ? 0.4806 0.4740 0.7677 -0.0003 -0.0947 -0.1118 882  ARG A CG  
511 C CD  . ARG A 88  ? 0.6594 0.6405 0.9276 0.0056  -0.1125 -0.1439 882  ARG A CD  
512 N NE  . ARG A 88  ? 0.8122 0.7896 1.0176 0.0129  -0.1148 -0.1525 882  ARG A NE  
513 C CZ  . ARG A 88  ? 0.9245 0.8922 1.0909 0.0195  -0.1234 -0.1724 882  ARG A CZ  
514 N NH1 . ARG A 88  ? 0.9847 0.9499 1.1638 0.0211  -0.1262 -0.1785 882  ARG A NH1 
515 N NH2 . ARG A 88  ? 0.9529 0.9213 1.0624 0.0260  -0.1198 -0.1703 882  ARG A NH2 
516 N N   . ILE A 89  ? 0.3022 0.2880 0.4084 0.0112  -0.0676 -0.0899 883  ILE A N   
517 C CA  . ILE A 89  ? 0.3160 0.3010 0.3726 0.0182  -0.0726 -0.0995 883  ILE A CA  
518 C C   . ILE A 89  ? 0.3532 0.3519 0.4029 0.0177  -0.0607 -0.0762 883  ILE A C   
519 O O   . ILE A 89  ? 0.3634 0.3682 0.4068 0.0211  -0.0669 -0.0808 883  ILE A O   
520 C CB  . ILE A 89  ? 0.3722 0.3428 0.3620 0.0232  -0.0715 -0.1095 883  ILE A CB  
521 C CG1 . ILE A 89  ? 0.4620 0.4196 0.4559 0.0253  -0.0869 -0.1375 883  ILE A CG1 
522 C CG2 . ILE A 89  ? 0.4368 0.4080 0.3686 0.0297  -0.0710 -0.1107 883  ILE A CG2 
523 C CD1 . ILE A 89  ? 0.5033 0.4537 0.4544 0.0246  -0.0746 -0.1280 883  ILE A CD1 
524 N N   . ILE A 90  ? 0.3048 0.3079 0.3546 0.0131  -0.0435 -0.0510 884  ILE A N   
525 C CA  . ILE A 90  ? 0.2630 0.2794 0.3038 0.0124  -0.0307 -0.0273 884  ILE A CA  
526 C C   . ILE A 90  ? 0.2711 0.3025 0.3716 0.0084  -0.0332 -0.0192 884  ILE A C   
527 O O   . ILE A 90  ? 0.2848 0.3263 0.3804 0.0107  -0.0334 -0.0142 884  ILE A O   
528 C CB  . ILE A 90  ? 0.2784 0.2957 0.3059 0.0083  -0.0115 -0.0022 884  ILE A CB  
529 C CG1 . ILE A 90  ? 0.2866 0.2902 0.2466 0.0129  -0.0079 -0.0086 884  ILE A CG1 
530 C CG2 . ILE A 90  ? 0.2938 0.3263 0.3226 0.0066  0.0016  0.0233  884  ILE A CG2 
531 C CD1 . ILE A 90  ? 0.3339 0.3352 0.2832 0.0088  0.0090  0.0117  884  ILE A CD1 
532 N N   . ALA A 91  ? 0.2670 0.3001 0.4258 0.0026  -0.0358 -0.0187 885  ALA A N   
533 C CA  . ALA A 91  ? 0.2206 0.2676 0.4399 -0.0014 -0.0394 -0.0127 885  ALA A CA  
534 C C   . ALA A 91  ? 0.2542 0.3027 0.4765 0.0035  -0.0560 -0.0336 885  ALA A C   
535 O O   . ALA A 91  ? 0.2878 0.3494 0.5283 0.0033  -0.0559 -0.0256 885  ALA A O   
536 C CB  . ALA A 91  ? 0.3240 0.3698 0.6025 -0.0080 -0.0416 -0.0127 885  ALA A CB  
537 N N   . GLU A 92  ? 0.2845 0.3198 0.4869 0.0082  -0.0699 -0.0602 886  GLU A N   
538 C CA  . GLU A 92  ? 0.3589 0.3946 0.5633 0.0131  -0.0863 -0.0817 886  GLU A CA  
539 C C   . GLU A 92  ? 0.3613 0.4003 0.5141 0.0190  -0.0842 -0.0795 886  GLU A C   
540 O O   . GLU A 92  ? 0.3627 0.4099 0.5270 0.0213  -0.0917 -0.0843 886  GLU A O   
541 C CB  . GLU A 92  ? 0.4975 0.5180 0.6928 0.0165  -0.1016 -0.1107 886  GLU A CB  
542 C CG  . GLU A 92  ? 0.6311 0.6486 0.8838 0.0110  -0.1068 -0.1162 886  GLU A CG  
543 C CD  . GLU A 92  ? 0.7810 0.8128 1.1027 0.0051  -0.1072 -0.1051 886  GLU A CD  
544 O OE1 . GLU A 92  ? 0.8337 0.8724 1.1721 0.0072  -0.1171 -0.1137 886  GLU A OE1 
545 O OE2 . GLU A 92  ? 0.8146 0.8507 1.1746 -0.0017 -0.0979 -0.0881 886  GLU A OE2 
546 N N   . ALA A 93  ? 0.3321 0.3650 0.4283 0.0216  -0.0739 -0.0720 887  ALA A N   
547 C CA  . ALA A 93  ? 0.2946 0.3311 0.3405 0.0268  -0.0696 -0.0664 887  ALA A CA  
548 C C   . ALA A 93  ? 0.2971 0.3514 0.3673 0.0235  -0.0590 -0.0419 887  ALA A C   
549 O O   . ALA A 93  ? 0.2968 0.3578 0.3471 0.0276  -0.0611 -0.0418 887  ALA A O   
550 C CB  . ALA A 93  ? 0.3200 0.3463 0.3031 0.0293  -0.0594 -0.0614 887  ALA A CB  
551 N N   . PHE A 94  ? 0.2721 0.3346 0.3848 0.0163  -0.0478 -0.0210 888  PHE A N   
552 C CA  . PHE A 94  ? 0.2415 0.3216 0.3796 0.0128  -0.0377 0.0026  888  PHE A CA  
553 C C   . PHE A 94  ? 0.2649 0.3551 0.4547 0.0118  -0.0494 -0.0051 888  PHE A C   
554 O O   . PHE A 94  ? 0.2653 0.3680 0.4576 0.0130  -0.0481 0.0031  888  PHE A O   
555 C CB  . PHE A 94  ? 0.2272 0.3131 0.3942 0.0052  -0.0215 0.0282  888  PHE A CB  
556 C CG  . PHE A 94  ? 0.2469 0.3509 0.4319 0.0020  -0.0092 0.0542  888  PHE A CG  
557 C CD1 . PHE A 94  ? 0.3493 0.4569 0.4856 0.0048  0.0029  0.0694  888  PHE A CD1 
558 C CD2 . PHE A 94  ? 0.3147 0.4319 0.5636 -0.0037 -0.0104 0.0628  888  PHE A CD2 
559 C CE1 . PHE A 94  ? 0.3023 0.4267 0.4537 0.0021  0.0139  0.0926  888  PHE A CE1 
560 C CE2 . PHE A 94  ? 0.3569 0.4912 0.6212 -0.0065 0.0007  0.0862  888  PHE A CE2 
561 C CZ  . PHE A 94  ? 0.3418 0.4796 0.5568 -0.0036 0.0129  0.1011  888  PHE A CZ  
562 N N   . LYS A 95  ? 0.2786 0.3632 0.5086 0.0097  -0.0614 -0.0215 889  LYS A N   
563 C CA  . LYS A 95  ? 0.2602 0.3538 0.5464 0.0076  -0.0723 -0.0285 889  LYS A CA  
564 C C   . LYS A 95  ? 0.2797 0.3725 0.5454 0.0146  -0.0868 -0.0492 889  LYS A C   
565 O O   . LYS A 95  ? 0.3434 0.4470 0.6450 0.0139  -0.0934 -0.0505 889  LYS A O   
566 C CB  . LYS A 95  ? 0.2844 0.3713 0.6175 0.0037  -0.0812 -0.0410 889  LYS A CB  
567 C CG  . LYS A 95  ? 0.4118 0.5019 0.7837 -0.0043 -0.0693 -0.0212 889  LYS A CG  
568 C CD  . LYS A 95  ? 0.5571 0.6362 0.9606 -0.0065 -0.0797 -0.0388 889  LYS A CD  
569 C CE  . LYS A 95  ? 0.6343 0.7154 1.0798 -0.0146 -0.0696 -0.0214 889  LYS A CE  
570 N NZ  . LYS A 95  ? 0.6611 0.7549 1.1770 -0.0207 -0.0722 -0.0138 889  LYS A NZ  
571 N N   . THR A 96  ? 0.3304 0.4308 0.3212 0.0847  -0.0348 -0.0318 890  THR A N   
572 C CA  . THR A 96  ? 0.3841 0.4661 0.3484 0.0927  -0.0455 -0.0248 890  THR A CA  
573 C C   . THR A 96  ? 0.3707 0.4336 0.3381 0.1018  -0.0599 -0.0248 890  THR A C   
574 O O   . THR A 96  ? 0.3684 0.4224 0.3494 0.0981  -0.0601 -0.0237 890  THR A O   
575 C CB  . THR A 96  ? 0.4211 0.4850 0.3560 0.0841  -0.0396 -0.0095 890  THR A CB  
576 O OG1 . THR A 96  ? 0.4707 0.5183 0.3792 0.0932  -0.0507 -0.0040 890  THR A OG1 
577 C CG2 . THR A 96  ? 0.4491 0.4927 0.3845 0.0752  -0.0368 -0.0002 890  THR A CG2 
578 N N   . LYS A 97  ? 0.4174 0.4750 0.3726 0.1141  -0.0726 -0.0269 891  LYS A N   
579 C CA  . LYS A 97  ? 0.4296 0.4691 0.3862 0.1239  -0.0873 -0.0274 891  LYS A CA  
580 C C   . LYS A 97  ? 0.4457 0.4531 0.3726 0.1235  -0.0930 -0.0121 891  LYS A C   
581 O O   . LYS A 97  ? 0.4742 0.4631 0.3985 0.1318  -0.1058 -0.0110 891  LYS A O   
582 C CB  . LYS A 97  ? 0.5643 0.6154 0.5258 0.1383  -0.0991 -0.0393 891  LYS A CB  
583 C CG  . LYS A 97  ? 0.6824 0.7580 0.6765 0.1410  -0.0978 -0.0556 891  LYS A CG  
584 C CD  . LYS A 97  ? 0.8502 0.9152 0.8638 0.1363  -0.0979 -0.0577 891  LYS A CD  
585 C CE  . LYS A 97  ? 0.9882 1.0478 1.0094 0.1318  -0.0979 -0.0676 891  LYS A CE  
586 N NZ  . LYS A 97  ? 1.0328 1.0753 1.0612 0.1303  -0.1028 -0.0656 891  LYS A NZ  
587 N N   . ASP A 98  ? 0.4687 0.4689 0.3731 0.1137  -0.0832 -0.0007 892  ASP A N   
588 C CA  . ASP A 98  ? 0.5176 0.4861 0.3904 0.1121  -0.0872 0.0145  892  ASP A CA  
589 C C   . ASP A 98  ? 0.4934 0.4391 0.3706 0.1077  -0.0892 0.0211  892  ASP A C   
590 O O   . ASP A 98  ? 0.5541 0.4710 0.4096 0.1113  -0.0983 0.0307  892  ASP A O   
591 C CB  . ASP A 98  ? 0.6227 0.5902 0.4727 0.1000  -0.0737 0.0246  892  ASP A CB  
592 C CG  . ASP A 98  ? 0.7580 0.7407 0.5947 0.1052  -0.0736 0.0210  892  ASP A CG  
593 O OD1 . ASP A 98  ? 0.7698 0.7617 0.6130 0.1185  -0.0849 0.0114  892  ASP A OD1 
594 O OD2 . ASP A 98  ? 0.7866 0.7719 0.6062 0.0960  -0.0623 0.0276  892  ASP A OD2 
595 N N   . ARG A 99  ? 0.4522 0.4105 0.3570 0.1000  -0.0809 0.0160  893  ARG A N   
596 C CA  . ARG A 99  ? 0.4033 0.3427 0.3151 0.0947  -0.0813 0.0214  893  ARG A CA  
597 C C   . ARG A 99  ? 0.3612 0.3204 0.3097 0.0926  -0.0775 0.0098  893  ARG A C   
598 O O   . ARG A 99  ? 0.3702 0.3569 0.3363 0.0927  -0.0718 -0.0007 893  ARG A O   
599 C CB  . ARG A 99  ? 0.4401 0.3638 0.3326 0.0795  -0.0692 0.0355  893  ARG A CB  
600 C CG  . ARG A 99  ? 0.4384 0.3862 0.3431 0.0664  -0.0516 0.0330  893  ARG A CG  
601 C CD  . ARG A 99  ? 0.4388 0.3715 0.3173 0.0529  -0.0404 0.0469  893  ARG A CD  
602 N NE  . ARG A 99  ? 0.4859 0.4120 0.3331 0.0563  -0.0425 0.0530  893  ARG A NE  
603 C CZ  . ARG A 99  ? 0.5246 0.4731 0.3691 0.0552  -0.0352 0.0486  893  ARG A CZ  
604 N NH1 . ARG A 99  ? 0.4983 0.4771 0.3696 0.0510  -0.0257 0.0383  893  ARG A NH1 
605 N NH2 . ARG A 99  ? 0.5817 0.5217 0.3963 0.0585  -0.0377 0.0546  893  ARG A NH2 
606 N N   . ASP A 100 ? 0.3664 0.3105 0.3256 0.0906  -0.0804 0.0119  894  ASP A N   
607 C CA  . ASP A 100 ? 0.3403 0.3015 0.3339 0.0899  -0.0783 0.0005  894  ASP A CA  
608 C C   . ASP A 100 ? 0.3335 0.2962 0.3377 0.0748  -0.0647 0.0044  894  ASP A C   
609 O O   . ASP A 100 ? 0.3121 0.2798 0.3411 0.0731  -0.0640 -0.0018 894  ASP A O   
610 C CB  . ASP A 100 ? 0.3833 0.3308 0.3872 0.1002  -0.0926 -0.0038 894  ASP A CB  
611 C CG  . ASP A 100 ? 0.5738 0.4911 0.5682 0.0956  -0.0953 0.0076  894  ASP A CG  
612 O OD1 . ASP A 100 ? 0.5669 0.4679 0.5399 0.0857  -0.0884 0.0206  894  ASP A OD1 
613 O OD2 . ASP A 100 ? 0.6248 0.5341 0.6336 0.1019  -0.1046 0.0029  894  ASP A OD2 
614 N N   . TYR A 101 ? 0.2615 0.2682 0.3584 0.0394  -0.0195 -0.0116 895  TYR A N   
615 C CA  . TYR A 101 ? 0.2358 0.2428 0.3335 0.0327  -0.0162 -0.0065 895  TYR A CA  
616 C C   . TYR A 101 ? 0.2397 0.2583 0.3331 0.0365  -0.0163 -0.0042 895  TYR A C   
617 O O   . TYR A 101 ? 0.2366 0.2625 0.3262 0.0445  -0.0185 -0.0054 895  TYR A O   
618 C CB  . TYR A 101 ? 0.2494 0.2508 0.3466 0.0296  -0.0126 0.0023  895  TYR A CB  
619 C CG  . TYR A 101 ? 0.2629 0.2696 0.3550 0.0372  -0.0123 0.0083  895  TYR A CG  
620 C CD1 . TYR A 101 ? 0.2782 0.2816 0.3693 0.0424  -0.0137 0.0075  895  TYR A CD1 
621 C CD2 . TYR A 101 ? 0.2910 0.3062 0.3789 0.0392  -0.0105 0.0147  895  TYR A CD2 
622 C CE1 . TYR A 101 ? 0.3384 0.3465 0.4244 0.0495  -0.0134 0.0131  895  TYR A CE1 
623 C CE2 . TYR A 101 ? 0.3044 0.3243 0.3872 0.0463  -0.0101 0.0202  895  TYR A CE2 
624 C CZ  . TYR A 101 ? 0.3218 0.3381 0.4035 0.0513  -0.0116 0.0193  895  TYR A CZ  
625 O OH  . TYR A 101 ? 0.3663 0.3872 0.4429 0.0584  -0.0113 0.0246  895  TYR A OH  
626 N N   . ILE A 102 ? 0.2391 0.2595 0.3332 0.0308  -0.0139 -0.0009 896  ILE A N   
627 C CA  . ILE A 102 ? 0.2364 0.2673 0.3266 0.0336  -0.0129 0.0036  896  ILE A CA  
628 C C   . ILE A 102 ? 0.2612 0.2905 0.3513 0.0288  -0.0088 0.0127  896  ILE A C   
629 O O   . ILE A 102 ? 0.2692 0.2913 0.3631 0.0208  -0.0069 0.0134  896  ILE A O   
630 C CB  . ILE A 102 ? 0.2681 0.3045 0.3595 0.0315  -0.0141 -0.0014 896  ILE A CB  
631 C CG1 . ILE A 102 ? 0.3125 0.3494 0.4048 0.0350  -0.0181 -0.0111 896  ILE A CG1 
632 C CG2 . ILE A 102 ? 0.3099 0.3573 0.3970 0.0347  -0.0129 0.0038  896  ILE A CG2 
633 C CD1 . ILE A 102 ? 0.3319 0.3733 0.4253 0.0322  -0.0189 -0.0159 896  ILE A CD1 
634 N N   . ASP A 103 ? 0.2389 0.2748 0.3242 0.0335  -0.0074 0.0195  897  ASP A N   
635 C CA  . ASP A 103 ? 0.2486 0.2842 0.3332 0.0294  -0.0033 0.0285  897  ASP A CA  
636 C C   . ASP A 103 ? 0.3018 0.3454 0.3860 0.0272  -0.0023 0.0300  897  ASP A C   
637 O O   . ASP A 103 ? 0.3329 0.3860 0.4136 0.0333  -0.0035 0.0292  897  ASP A O   
638 C CB  . ASP A 103 ? 0.2877 0.3262 0.3673 0.0357  -0.0020 0.0355  897  ASP A CB  
639 C CG  . ASP A 103 ? 0.3338 0.3629 0.4144 0.0356  -0.0015 0.0370  897  ASP A CG  
640 O OD1 . ASP A 103 ? 0.3710 0.3908 0.4563 0.0294  -0.0013 0.0342  897  ASP A OD1 
641 O OD2 . ASP A 103 ? 0.3493 0.3802 0.4256 0.0418  -0.0012 0.0411  897  ASP A OD2 
642 N N   . PHE A 104 ? 0.2681 0.3081 0.3559 0.0188  0.0002  0.0323  898  PHE A N   
643 C CA  . PHE A 104 ? 0.2008 0.2482 0.2883 0.0164  0.0015  0.0344  898  PHE A CA  
644 C C   . PHE A 104 ? 0.2486 0.2961 0.3355 0.0130  0.0055  0.0440  898  PHE A C   
645 O O   . PHE A 104 ? 0.2653 0.3040 0.3550 0.0068  0.0075  0.0466  898  PHE A O   
646 C CB  . PHE A 104 ? 0.2060 0.2501 0.2984 0.0089  0.0009  0.0292  898  PHE A CB  
647 C CG  . PHE A 104 ? 0.2190 0.2634 0.3125 0.0114  -0.0030 0.0194  898  PHE A CG  
648 C CD1 . PHE A 104 ? 0.2632 0.3174 0.3545 0.0158  -0.0049 0.0160  898  PHE A CD1 
649 C CD2 . PHE A 104 ? 0.2721 0.3072 0.3690 0.0090  -0.0047 0.0135  898  PHE A CD2 
650 C CE1 . PHE A 104 ? 0.2468 0.3013 0.3390 0.0180  -0.0083 0.0069  898  PHE A CE1 
651 C CE2 . PHE A 104 ? 0.2584 0.2938 0.3564 0.0111  -0.0082 0.0044  898  PHE A CE2 
652 C CZ  . PHE A 104 ? 0.2756 0.3207 0.3712 0.0155  -0.0100 0.0011  898  PHE A CZ  
653 N N   . LEU A 105 ? 0.2091 0.2661 0.2923 0.0166  0.0069  0.0491  899  LEU A N   
654 C CA  . LEU A 105 ? 0.2135 0.2707 0.2967 0.0122  0.0110  0.0579  899  LEU A CA  
655 C C   . LEU A 105 ? 0.2462 0.3062 0.3327 0.0059  0.0116  0.0569  899  LEU A C   
656 O O   . LEU A 105 ? 0.2450 0.3135 0.3302 0.0089  0.0102  0.0539  899  LEU A O   
657 C CB  . LEU A 105 ? 0.2334 0.2989 0.3111 0.0189  0.0125  0.0646  899  LEU A CB  
658 C CG  . LEU A 105 ? 0.2592 0.3248 0.3367 0.0149  0.0169  0.0740  899  LEU A CG  
659 C CD1 . LEU A 105 ? 0.2901 0.3453 0.3687 0.0122  0.0185  0.0772  899  LEU A CD1 
660 C CD2 . LEU A 105 ? 0.2969 0.3724 0.3688 0.0221  0.0181  0.0796  899  LEU A CD2 
661 N N   . VAL A 106 ? 0.2337 0.2866 0.3243 -0.0029 0.0137  0.0590  900  VAL A N   
662 C CA  . VAL A 106 ? 0.1997 0.2547 0.2939 -0.0093 0.0140  0.0575  900  VAL A CA  
663 C C   . VAL A 106 ? 0.2196 0.2746 0.3151 -0.0151 0.0180  0.0658  900  VAL A C   
664 O O   . VAL A 106 ? 0.2533 0.3044 0.3477 -0.0158 0.0206  0.0720  900  VAL A O   
665 C CB  . VAL A 106 ? 0.2161 0.2621 0.3150 -0.0153 0.0122  0.0504  900  VAL A CB  
666 C CG1 . VAL A 106 ? 0.2281 0.2742 0.3262 -0.0097 0.0083  0.0417  900  VAL A CG1 
667 C CG2 . VAL A 106 ? 0.2325 0.2670 0.3338 -0.0209 0.0142  0.0534  900  VAL A CG2 
668 N N   . THR A 107 ? 0.1981 0.2578 0.2958 -0.0195 0.0185  0.0657  901  THR A N   
669 C CA  . THR A 107 ? 0.2067 0.2662 0.3062 -0.0260 0.0222  0.0733  901  THR A CA  
670 C C   . THR A 107 ? 0.1938 0.2499 0.2985 -0.0346 0.0218  0.0698  901  THR A C   
671 O O   . THR A 107 ? 0.2299 0.2879 0.3357 -0.0342 0.0190  0.0625  901  THR A O   
672 C CB  . THR A 107 ? 0.2281 0.2989 0.3246 -0.0223 0.0241  0.0793  901  THR A CB  
673 O OG1 . THR A 107 ? 0.2581 0.3278 0.3569 -0.0291 0.0277  0.0865  901  THR A OG1 
674 C CG2 . THR A 107 ? 0.2518 0.3318 0.3482 -0.0201 0.0221  0.0748  901  THR A CG2 
675 N N   . GLU A 108 ? 0.3051 0.2907 0.4808 -0.0560 0.0157  -0.0455 902  GLU A N   
676 C CA  . GLU A 108 ? 0.3144 0.2684 0.4770 -0.0696 0.0104  -0.0555 902  GLU A CA  
677 C C   . GLU A 108 ? 0.4200 0.3813 0.5827 -0.0711 0.0040  -0.0466 902  GLU A C   
678 O O   . GLU A 108 ? 0.4462 0.3853 0.5969 -0.0816 -0.0011 -0.0543 902  GLU A O   
679 C CB  . GLU A 108 ? 0.4077 0.3315 0.5780 -0.0788 0.0109  -0.0540 902  GLU A CB  
680 C CG  . GLU A 108 ? 0.5048 0.4159 0.6726 -0.0793 0.0169  -0.0651 902  GLU A CG  
681 C CD  . GLU A 108 ? 0.6130 0.4938 0.7884 -0.0888 0.0171  -0.0637 902  GLU A CD  
682 O OE1 . GLU A 108 ? 0.7094 0.5752 0.8890 -0.0963 0.0120  -0.0569 902  GLU A OE1 
683 O OE2 . GLU A 108 ? 0.6255 0.4973 0.8031 -0.0885 0.0222  -0.0694 902  GLU A OE2 
684 N N   . PHE A 109 ? 0.3276 0.3198 0.5043 -0.0607 0.0041  -0.0303 903  PHE A N   
685 C CA  . PHE A 109 ? 0.3128 0.3150 0.4906 -0.0610 -0.0019 -0.0208 903  PHE A CA  
686 C C   . PHE A 109 ? 0.2896 0.2990 0.4473 -0.0609 -0.0045 -0.0337 903  PHE A C   
687 O O   . PHE A 109 ? 0.2909 0.3091 0.4380 -0.0561 -0.0010 -0.0456 903  PHE A O   
688 C CB  . PHE A 109 ? 0.2877 0.3228 0.4851 -0.0492 -0.0007 -0.0002 903  PHE A CB  
689 C CG  . PHE A 109 ? 0.3645 0.3969 0.5838 -0.0480 0.0019  0.0146  903  PHE A CG  
690 C CD1 . PHE A 109 ? 0.3375 0.3381 0.5586 -0.0581 0.0022  0.0105  903  PHE A CD1 
691 C CD2 . PHE A 109 ? 0.4234 0.4859 0.6617 -0.0367 0.0039  0.0331  903  PHE A CD2 
692 C CE1 . PHE A 109 ? 0.4223 0.4208 0.6639 -0.0566 0.0046  0.0245  903  PHE A CE1 
693 C CE2 . PHE A 109 ? 0.3975 0.4584 0.6563 -0.0354 0.0063  0.0471  903  PHE A CE2 
694 C CZ  . PHE A 109 ? 0.4125 0.4414 0.6728 -0.0454 0.0066  0.0426  903  PHE A CZ  
695 N N   . ASN A 110 ? 0.2893 0.2949 0.4418 -0.0660 -0.0107 -0.0312 904  ASN A N   
696 C CA  . ASN A 110 ? 0.2971 0.3161 0.4341 -0.0637 -0.0135 -0.0398 904  ASN A CA  
697 C C   . ASN A 110 ? 0.2786 0.3371 0.4255 -0.0494 -0.0114 -0.0276 904  ASN A C   
698 O O   . ASN A 110 ? 0.3001 0.3738 0.4664 -0.0434 -0.0107 -0.0094 904  ASN A O   
699 C CB  . ASN A 110 ? 0.3537 0.3578 0.4826 -0.0731 -0.0208 -0.0402 904  ASN A CB  
700 C CG  . ASN A 110 ? 0.5661 0.5313 0.6893 -0.0872 -0.0231 -0.0482 904  ASN A CG  
701 O OD1 . ASN A 110 ? 0.6372 0.5822 0.7439 -0.0939 -0.0225 -0.0659 904  ASN A OD1 
702 N ND2 . ASN A 110 ? 0.6033 0.5575 0.7400 -0.0919 -0.0257 -0.0350 904  ASN A ND2 
703 N N   . VAL A 111 ? 0.2583 0.3339 0.3924 -0.0435 -0.0106 -0.0373 905  VAL A N   
704 C CA  . VAL A 111 ? 0.2676 0.3815 0.4105 -0.0299 -0.0091 -0.0260 905  VAL A CA  
705 C C   . VAL A 111 ? 0.3173 0.4394 0.4465 -0.0307 -0.0144 -0.0309 905  VAL A C   
706 O O   . VAL A 111 ? 0.3209 0.4346 0.4311 -0.0343 -0.0151 -0.0482 905  VAL A O   
707 C CB  . VAL A 111 ? 0.3053 0.4379 0.4483 -0.0197 -0.0025 -0.0312 905  VAL A CB  
708 C CG1 . VAL A 111 ? 0.2805 0.4533 0.4333 -0.0056 -0.0012 -0.0183 905  VAL A CG1 
709 C CG2 . VAL A 111 ? 0.2710 0.3920 0.4271 -0.0203 0.0025  -0.0273 905  VAL A CG2 
710 N N   . MET A 112 ? 0.2477 0.3857 0.3864 -0.0275 -0.0180 -0.0157 906  MET A N   
711 C CA  . MET A 112 ? 0.2982 0.4424 0.4243 -0.0291 -0.0235 -0.0198 906  MET A CA  
712 C C   . MET A 112 ? 0.3416 0.5244 0.4721 -0.0160 -0.0230 -0.0110 906  MET A C   
713 O O   . MET A 112 ? 0.4136 0.6047 0.5330 -0.0159 -0.0269 -0.0152 906  MET A O   
714 C CB  . MET A 112 ? 0.3189 0.4456 0.4480 -0.0386 -0.0297 -0.0121 906  MET A CB  
715 C CG  . MET A 112 ? 0.3893 0.4766 0.5079 -0.0531 -0.0319 -0.0242 906  MET A CG  
716 S SD  . MET A 112 ? 0.4911 0.5631 0.6120 -0.0629 -0.0398 -0.0150 906  MET A SD  
717 C CE  . MET A 112 ? 0.7753 0.8660 0.8805 -0.0597 -0.0440 -0.0214 906  MET A CE  
718 N N   . LEU A 113 ? 0.2771 0.4834 0.4242 -0.0052 -0.0184 0.0017  907  LEU A N   
719 C CA  . LEU A 113 ? 0.3071 0.5515 0.4590 0.0082  -0.0173 0.0100  907  LEU A CA  
720 C C   . LEU A 113 ? 0.3708 0.6332 0.5288 0.0186  -0.0103 0.0095  907  LEU A C   
721 O O   . LEU A 113 ? 0.3954 0.6469 0.5631 0.0174  -0.0064 0.0122  907  LEU A O   
722 C CB  . LEU A 113 ? 0.3230 0.5842 0.4928 0.0125  -0.0199 0.0317  907  LEU A CB  
723 C CG  . LEU A 113 ? 0.3457 0.5991 0.5105 0.0054  -0.0271 0.0347  907  LEU A CG  
724 C CD1 . LEU A 113 ? 0.3074 0.5804 0.4916 0.0110  -0.0290 0.0573  907  LEU A CD1 
725 C CD2 . LEU A 113 ? 0.3755 0.6388 0.5219 0.0068  -0.0297 0.0224  907  LEU A CD2 
727 N N   . ARG B 3   ? 0.7986 0.7470 0.8290 0.0471  -0.0012 0.0468  3500 ARG B N   
728 C CA  . ARG B 3   ? 0.7614 0.7346 0.8179 0.0489  0.0098  0.0357  3500 ARG B CA  
729 C C   . ARG B 3   ? 0.6867 0.6879 0.7584 0.0481  0.0007  0.0387  3500 ARG B C   
730 O O   . ARG B 3   ? 0.6575 0.6857 0.7542 0.0498  0.0070  0.0304  3500 ARG B O   
731 C CB  . ARG B 3   ? 0.7538 0.7524 0.8345 0.0530  0.0159  0.0273  3500 ARG B CB  
732 N N   . LEU B 4   ? 0.6241 0.6188 0.6810 0.0455  -0.0142 0.0505  3501 LEU B N   
733 C CA  . LEU B 4   ? 0.4944 0.5109 0.5621 0.0442  -0.0231 0.0543  3501 LEU B CA  
734 C C   . LEU B 4   ? 0.4272 0.4163 0.4756 0.0405  -0.0205 0.0566  3501 LEU B C   
735 O O   . LEU B 4   ? 0.4088 0.3937 0.4464 0.0379  -0.0327 0.0662  3501 LEU B O   
736 C CB  . LEU B 4   ? 0.4656 0.4959 0.5319 0.0438  -0.0419 0.0661  3501 LEU B CB  
737 C CG  . LEU B 4   ? 0.4452 0.5099 0.5347 0.0474  -0.0468 0.0647  3501 LEU B CG  
738 C CD1 . LEU B 4   ? 0.4131 0.4935 0.5024 0.0468  -0.0657 0.0767  3501 LEU B CD1 
739 C CD2 . LEU B 4   ? 0.4201 0.5194 0.5417 0.0502  -0.0378 0.0532  3501 LEU B CD2 
740 N N   . THR B 5   ? 0.3993 0.3694 0.4432 0.0404  -0.0047 0.0478  3502 THR B N   
741 C CA  . THR B 5   ? 0.4097 0.3517 0.4350 0.0370  -0.0004 0.0491  3502 THR B CA  
742 C C   . THR B 5   ? 0.3742 0.3262 0.4170 0.0379  0.0146  0.0371  3502 THR B C   
743 O O   . THR B 5   ? 0.4572 0.4139 0.5121 0.0406  0.0272  0.0272  3502 THR B O   
744 C CB  . THR B 5   ? 0.4840 0.3810 0.4771 0.0354  0.0040  0.0520  3502 THR B CB  
745 O OG1 . THR B 5   ? 0.5132 0.4051 0.5113 0.0380  0.0178  0.0425  3502 THR B OG1 
746 C CG2 . THR B 5   ? 0.5100 0.3950 0.4842 0.0342  -0.0111 0.0642  3502 THR B CG2 
747 N N   . LEU B 6   ? 0.3493 0.3045 0.3941 0.0356  0.0133  0.0380  3503 LEU B N   
748 C CA  . LEU B 6   ? 0.3259 0.2872 0.3854 0.0361  0.0279  0.0270  3503 LEU B CA  
749 C C   . LEU B 6   ? 0.3988 0.3199 0.4354 0.0343  0.0403  0.0241  3503 LEU B C   
750 O O   . LEU B 6   ? 0.3816 0.2704 0.3896 0.0314  0.0352  0.0324  3503 LEU B O   
751 C CB  . LEU B 6   ? 0.3235 0.3028 0.3937 0.0343  0.0220  0.0291  3503 LEU B CB  
752 C CG  . LEU B 6   ? 0.3576 0.3773 0.4509 0.0355  0.0096  0.0321  3503 LEU B CG  
753 C CD1 . LEU B 6   ? 0.3602 0.3885 0.4588 0.0330  0.0063  0.0336  3503 LEU B CD1 
754 C CD2 . LEU B 6   ? 0.4063 0.4598 0.5299 0.0397  0.0166  0.0218  3503 LEU B CD2 
755 N N   . PRO B 7   ? 0.3942 0.3170 0.4432 0.0359  0.0565  0.0123  3504 PRO B N   
756 C CA  . PRO B 7   ? 0.3787 0.2659 0.4083 0.0340  0.0688  0.0090  3504 PRO B CA  
757 C C   . PRO B 7   ? 0.3955 0.2740 0.4161 0.0303  0.0646  0.0139  3504 PRO B C   
758 O O   . PRO B 7   ? 0.3732 0.2778 0.4082 0.0298  0.0550  0.0171  3504 PRO B O   
759 C CB  . PRO B 7   ? 0.4469 0.3478 0.4989 0.0370  0.0858  -0.0050 3504 PRO B CB  
760 C CG  . PRO B 7   ? 0.4126 0.3590 0.4971 0.0393  0.0809  -0.0083 3504 PRO B CG  
761 C CD  . PRO B 7   ? 0.4032 0.3626 0.4859 0.0394  0.0639  0.0016  3504 PRO B CD  
762 N N   . PRO B 8   ? 0.4711 0.3130 0.4678 0.0277  0.0717  0.0145  3505 PRO B N   
763 C CA  . PRO B 8   ? 0.4825 0.3174 0.4747 0.0245  0.0717  0.0162  3505 PRO B CA  
764 C C   . PRO B 8   ? 0.4502 0.3197 0.4747 0.0262  0.0780  0.0070  3505 PRO B C   
765 O O   . PRO B 8   ? 0.4778 0.3590 0.5198 0.0293  0.0906  -0.0039 3505 PRO B O   
766 C CB  . PRO B 8   ? 0.5541 0.3483 0.5227 0.0230  0.0843  0.0136  3505 PRO B CB  
767 C CG  . PRO B 8   ? 0.5795 0.3535 0.5320 0.0242  0.0856  0.0150  3505 PRO B CG  
768 C CD  . PRO B 8   ? 0.5712 0.3778 0.5462 0.0278  0.0815  0.0126  3505 PRO B CD  
769 N N   . SER B 9   ? 0.4176 0.3048 0.4509 0.0245  0.0694  0.0108  3506 SER B N   
770 C CA  . SER B 9   ? 0.4364 0.3577 0.5015 0.0264  0.0757  0.0014  3506 SER B CA  
771 C C   . SER B 9   ? 0.4501 0.3558 0.5137 0.0251  0.0901  -0.0059 3506 SER B C   
772 O O   . SER B 9   ? 0.4669 0.3401 0.5059 0.0219  0.0906  -0.0009 3506 SER B O   
773 C CB  . SER B 9   ? 0.4690 0.4206 0.5493 0.0255  0.0621  0.0066  3506 SER B CB  
774 O OG  . SER B 9   ? 0.4736 0.4586 0.5856 0.0278  0.0696  -0.0035 3506 SER B OG  
775 N N   . GLU B 10  ? 0.4444 0.3732 0.5345 0.0279  0.1016  -0.0176 3507 GLU B N   
776 C CA  . GLU B 10  ? 0.3874 0.3054 0.4800 0.0272  0.1160  -0.0256 3507 GLU B CA  
777 C C   . GLU B 10  ? 0.3415 0.2865 0.4550 0.0264  0.1133  -0.0273 3507 GLU B C   
778 O O   . GLU B 10  ? 0.3601 0.3049 0.4826 0.0262  0.1246  -0.0350 3507 GLU B O   
779 C CB  . GLU B 10  ? 0.5073 0.4292 0.6143 0.0310  0.1326  -0.0381 3507 GLU B CB  
780 N N   . ILE B 11  ? 0.2889 0.2570 0.4098 0.0259  0.0978  -0.0201 3508 ILE B N   
781 C CA  . ILE B 11  ? 0.2770 0.2718 0.4171 0.0249  0.0932  -0.0206 3508 ILE B CA  
782 C C   . ILE B 11  ? 0.2846 0.2731 0.4089 0.0213  0.0766  -0.0076 3508 ILE B C   
783 O O   . ILE B 11  ? 0.2702 0.2575 0.3844 0.0213  0.0648  0.0007  3508 ILE B O   
784 C CB  . ILE B 11  ? 0.2931 0.3325 0.4666 0.0285  0.0917  -0.0269 3508 ILE B CB  
785 C CG1 . ILE B 11  ? 0.3456 0.3921 0.5360 0.0322  0.1082  -0.0401 3508 ILE B CG1 
786 C CG2 . ILE B 11  ? 0.3233 0.3895 0.5158 0.0273  0.0865  -0.0269 3508 ILE B CG2 
787 C CD1 . ILE B 11  ? 0.4150 0.5043 0.6375 0.0361  0.1069  -0.0464 3508 ILE B CD1 
788 N N   . THR B 12  ? 0.2682 0.2533 0.3910 0.0182  0.0757  -0.0058 3509 THR B N   
789 C CA  . THR B 12  ? 0.2843 0.2616 0.3914 0.0145  0.0601  0.0068  3509 THR B CA  
790 C C   . THR B 12  ? 0.2877 0.2949 0.4161 0.0136  0.0546  0.0065  3509 THR B C   
791 O O   . THR B 12  ? 0.2882 0.3047 0.4323 0.0138  0.0650  -0.0020 3509 THR B O   
792 C CB  . THR B 12  ? 0.3288 0.2622 0.4041 0.0106  0.0624  0.0122  3509 THR B CB  
793 O OG1 . THR B 12  ? 0.3665 0.2717 0.4206 0.0113  0.0662  0.0134  3509 THR B OG1 
794 C CG2 . THR B 12  ? 0.3326 0.2584 0.3928 0.0066  0.0467  0.0248  3509 THR B CG2 
795 N N   . LEU B 13  ? 0.2456 0.2682 0.3752 0.0126  0.0384  0.0157  3510 LEU B N   
796 C CA  . LEU B 13  ? 0.2387 0.2883 0.3864 0.0114  0.0315  0.0170  3510 LEU B CA  
797 C C   . LEU B 13  ? 0.3217 0.3453 0.4472 0.0065  0.0252  0.0260  3510 LEU B C   
798 O O   . LEU B 13  ? 0.3199 0.3189 0.4198 0.0043  0.0157  0.0364  3510 LEU B O   
803 N N   . LEU B 14  ? 0.3317 0.3616 0.4677 0.0048  0.0299  0.0221  3511 LEU B N   
804 C CA  . LEU B 14  ? 0.3567 0.3629 0.4739 0.0002  0.0256  0.0294  3511 LEU B CA  
805 C C   . LEU B 14  ? 0.4038 0.4374 0.5386 -0.0014 0.0165  0.0321  3511 LEU B C   
806 O O   . LEU B 14  ? 0.3657 0.4368 0.5283 0.0012  0.0155  0.0269  3511 LEU B O   
807 C CB  . LEU B 14  ? 0.3569 0.3382 0.4664 -0.0010 0.0414  0.0222  3511 LEU B CB  
808 C CG  . LEU B 14  ? 0.3974 0.3451 0.4850 -0.0002 0.0507  0.0205  3511 LEU B CG  
809 C CD1 . LEU B 14  ? 0.4048 0.3395 0.4951 0.0000  0.0685  0.0103  3511 LEU B CD1 
810 C CD2 . LEU B 14  ? 0.4414 0.3530 0.4948 -0.0038 0.0414  0.0326  3511 LEU B CD2 
# 
loop_
_pdbx_poly_seq_scheme.asym_id 
_pdbx_poly_seq_scheme.entity_id 
_pdbx_poly_seq_scheme.seq_id 
_pdbx_poly_seq_scheme.mon_id 
_pdbx_poly_seq_scheme.ndb_seq_num 
_pdbx_poly_seq_scheme.pdb_seq_num 
_pdbx_poly_seq_scheme.auth_seq_num 
_pdbx_poly_seq_scheme.pdb_mon_id 
_pdbx_poly_seq_scheme.auth_mon_id 
_pdbx_poly_seq_scheme.pdb_strand_id 
_pdbx_poly_seq_scheme.pdb_ins_code 
_pdbx_poly_seq_scheme.hetero 
A 1 1   MET 1   795  ?    ?   ?   A . n 
A 1 2   HIS 2   796  ?    ?   ?   A . n 
A 1 3   HIS 3   797  ?    ?   ?   A . n 
A 1 4   HIS 4   798  ?    ?   ?   A . n 
A 1 5   HIS 5   799  ?    ?   ?   A . n 
A 1 6   HIS 6   800  ?    ?   ?   A . n 
A 1 7   HIS 7   801  ?    ?   ?   A . n 
A 1 8   SER 8   802  ?    ?   ?   A . n 
A 1 9   SER 9   803  ?    ?   ?   A . n 
A 1 10  GLY 10  804  ?    ?   ?   A . n 
A 1 11  LEU 11  805  ?    ?   ?   A . n 
A 1 12  GLU 12  806  ?    ?   ?   A . n 
A 1 13  VAL 13  807  ?    ?   ?   A . n 
A 1 14  LEU 14  808  ?    ?   ?   A . n 
A 1 15  PHE 15  809  ?    ?   ?   A . n 
A 1 16  GLN 16  810  ?    ?   ?   A . n 
A 1 17  GLY 17  811  811  GLY GLY A . n 
A 1 18  PRO 18  812  812  PRO PRO A . n 
A 1 19  GLY 19  813  813  GLY GLY A . n 
A 1 20  SER 20  814  814  SER SER A . n 
A 1 21  THR 21  815  815  THR THR A . n 
A 1 22  LEU 22  816  816  LEU LEU A . n 
A 1 23  VAL 23  817  817  VAL VAL A . n 
A 1 24  ARG 24  818  818  ARG ARG A . n 
A 1 25  VAL 25  819  819  VAL VAL A . n 
A 1 26  LYS 26  820  820  LYS LYS A . n 
A 1 27  LYS 27  821  821  LYS LYS A . n 
A 1 28  SER 28  822  822  SER SER A . n 
A 1 29  ALA 29  823  823  ALA ALA A . n 
A 1 30  ALA 30  824  824  ALA ALA A . n 
A 1 31  THR 31  825  825  THR THR A . n 
A 1 32  LEU 32  826  826  LEU LEU A . n 
A 1 33  GLY 33  827  827  GLY GLY A . n 
A 1 34  ILE 34  828  828  ILE ILE A . n 
A 1 35  ALA 35  829  829  ALA ALA A . n 
A 1 36  ILE 36  830  830  ILE ILE A . n 
A 1 37  GLU 37  831  831  GLU GLU A . n 
A 1 38  GLY 38  832  832  GLY GLY A . n 
A 1 39  GLY 39  833  833  GLY GLY A . n 
A 1 40  ALA 40  834  834  ALA ALA A . n 
A 1 41  ASN 41  835  835  ASN ASN A . n 
A 1 42  THR 42  836  836  THR THR A . n 
A 1 43  ARG 43  837  837  ARG ARG A . n 
A 1 44  GLN 44  838  838  GLN GLN A . n 
A 1 45  PRO 45  839  839  PRO PRO A . n 
A 1 46  LEU 46  840  840  LEU LEU A . n 
A 1 47  PRO 47  841  841  PRO PRO A . n 
A 1 48  ARG 48  842  842  ARG ARG A . n 
A 1 49  ILE 49  843  843  ILE ILE A . n 
A 1 50  VAL 50  844  844  VAL VAL A . n 
A 1 51  THR 51  845  845  THR THR A . n 
A 1 52  ILE 52  846  846  ILE ILE A . n 
A 1 53  GLN 53  847  847  GLN GLN A . n 
A 1 54  ARG 54  848  848  ARG ARG A . n 
A 1 55  GLY 55  849  849  GLY GLY A . n 
A 1 56  GLY 56  850  850  GLY GLY A . n 
A 1 57  SER 57  851  851  SER SER A . n 
A 1 58  ALA 58  852  852  ALA ALA A . n 
A 1 59  HIS 59  853  853  HIS HIS A . n 
A 1 60  ASN 60  854  854  ASN ASN A . n 
A 1 61  CYS 61  855  855  CYS CYS A . n 
A 1 62  GLY 62  856  856  GLY GLY A . n 
A 1 63  GLN 63  857  857  GLN GLN A . n 
A 1 64  LEU 64  858  858  LEU LEU A . n 
A 1 65  LYS 65  859  859  LYS LYS A . n 
A 1 66  VAL 66  860  860  VAL VAL A . n 
A 1 67  GLY 67  861  861  GLY GLY A . n 
A 1 68  HIS 68  862  862  HIS HIS A . n 
A 1 69  VAL 69  863  863  VAL VAL A . n 
A 1 70  ILE 70  864  864  ILE ILE A . n 
A 1 71  LEU 71  865  865  LEU LEU A . n 
A 1 72  GLU 72  866  866  GLU GLU A . n 
A 1 73  VAL 73  867  867  VAL VAL A . n 
A 1 74  ASN 74  868  868  ASN ASN A . n 
A 1 75  GLY 75  869  869  GLY GLY A . n 
A 1 76  LEU 76  870  870  LEU LEU A . n 
A 1 77  THR 77  871  871  THR THR A . n 
A 1 78  LEU 78  872  872  LEU LEU A . n 
A 1 79  ARG 79  873  873  ARG ARG A . n 
A 1 80  GLY 80  874  874  GLY GLY A . n 
A 1 81  LYS 81  875  875  LYS LYS A . n 
A 1 82  GLU 82  876  876  GLU GLU A . n 
A 1 83  HIS 83  877  877  HIS HIS A . n 
A 1 84  ARG 84  878  878  ARG ARG A . n 
A 1 85  GLU 85  879  879  GLU GLU A . n 
A 1 86  ALA 86  880  880  ALA ALA A . n 
A 1 87  ALA 87  881  881  ALA ALA A . n 
A 1 88  ARG 88  882  882  ARG ARG A . n 
A 1 89  ILE 89  883  883  ILE ILE A . n 
A 1 90  ILE 90  884  884  ILE ILE A . n 
A 1 91  ALA 91  885  885  ALA ALA A . n 
A 1 92  GLU 92  886  886  GLU GLU A . n 
A 1 93  ALA 93  887  887  ALA ALA A . n 
A 1 94  PHE 94  888  888  PHE PHE A . n 
A 1 95  LYS 95  889  889  LYS LYS A . n 
A 1 96  THR 96  890  890  THR THR A . n 
A 1 97  LYS 97  891  891  LYS LYS A . n 
A 1 98  ASP 98  892  892  ASP ASP A . n 
A 1 99  ARG 99  893  893  ARG ARG A . n 
A 1 100 ASP 100 894  894  ASP ASP A . n 
A 1 101 TYR 101 895  895  TYR TYR A . n 
A 1 102 ILE 102 896  896  ILE ILE A . n 
A 1 103 ASP 103 897  897  ASP ASP A . n 
A 1 104 PHE 104 898  898  PHE PHE A . n 
A 1 105 LEU 105 899  899  LEU LEU A . n 
A 1 106 VAL 106 900  900  VAL VAL A . n 
A 1 107 THR 107 901  901  THR THR A . n 
A 1 108 GLU 108 902  902  GLU GLU A . n 
A 1 109 PHE 109 903  903  PHE PHE A . n 
A 1 110 ASN 110 904  904  ASN ASN A . n 
A 1 111 VAL 111 905  905  VAL VAL A . n 
A 1 112 MET 112 906  906  MET MET A . n 
A 1 113 LEU 113 907  907  LEU LEU A . n 
B 2 1   GLU 1   3498 ?    ?   ?   B . n 
B 2 2   LYS 2   3499 ?    ?   ?   B . n 
B 2 3   ARG 3   3500 3500 ARG ARG B . n 
B 2 4   LEU 4   3501 3501 LEU LEU B . n 
B 2 5   THR 5   3502 3502 THR THR B . n 
B 2 6   LEU 6   3503 3503 LEU LEU B . n 
B 2 7   PRO 7   3504 3504 PRO PRO B . n 
B 2 8   PRO 8   3505 3505 PRO PRO B . n 
B 2 9   SER 9   3506 3506 SER SER B . n 
B 2 10  GLU 10  3507 3507 GLU GLU B . n 
B 2 11  ILE 11  3508 3508 ILE ILE B . n 
B 2 12  THR 12  3509 3509 THR THR B . n 
B 2 13  LEU 13  3510 3510 LEU LEU B . n 
B 2 14  LEU 14  3511 3511 LEU LEU B . n 
# 
loop_
_pdbx_nonpoly_scheme.asym_id 
_pdbx_nonpoly_scheme.entity_id 
_pdbx_nonpoly_scheme.mon_id 
_pdbx_nonpoly_scheme.ndb_seq_num 
_pdbx_nonpoly_scheme.pdb_seq_num 
_pdbx_nonpoly_scheme.auth_seq_num 
_pdbx_nonpoly_scheme.pdb_mon_id 
_pdbx_nonpoly_scheme.auth_mon_id 
_pdbx_nonpoly_scheme.pdb_strand_id 
_pdbx_nonpoly_scheme.pdb_ins_code 
C 3 HOH 1  1001 11 HOH HOH A . 
C 3 HOH 2  1002 43 HOH HOH A . 
C 3 HOH 3  1003 9  HOH HOH A . 
C 3 HOH 4  1004 33 HOH HOH A . 
C 3 HOH 5  1005 31 HOH HOH A . 
C 3 HOH 6  1006 17 HOH HOH A . 
C 3 HOH 7  1007 14 HOH HOH A . 
C 3 HOH 8  1008 10 HOH HOH A . 
C 3 HOH 9  1009 23 HOH HOH A . 
C 3 HOH 10 1010 29 HOH HOH A . 
C 3 HOH 11 1011 49 HOH HOH A . 
C 3 HOH 12 1012 44 HOH HOH A . 
C 3 HOH 13 1013 12 HOH HOH A . 
C 3 HOH 14 1014 4  HOH HOH A . 
C 3 HOH 15 1015 1  HOH HOH A . 
C 3 HOH 16 1016 42 HOH HOH A . 
C 3 HOH 17 1017 2  HOH HOH A . 
C 3 HOH 18 1018 41 HOH HOH A . 
C 3 HOH 19 1019 28 HOH HOH A . 
C 3 HOH 20 1020 32 HOH HOH A . 
C 3 HOH 21 1021 8  HOH HOH A . 
C 3 HOH 22 1022 3  HOH HOH A . 
C 3 HOH 23 1023 27 HOH HOH A . 
C 3 HOH 24 1024 25 HOH HOH A . 
C 3 HOH 25 1025 16 HOH HOH A . 
C 3 HOH 26 1026 5  HOH HOH A . 
C 3 HOH 27 1027 22 HOH HOH A . 
C 3 HOH 28 1028 7  HOH HOH A . 
C 3 HOH 29 1029 34 HOH HOH A . 
C 3 HOH 30 1030 13 HOH HOH A . 
C 3 HOH 31 1031 20 HOH HOH A . 
C 3 HOH 32 1032 54 HOH HOH A . 
C 3 HOH 33 1033 24 HOH HOH A . 
C 3 HOH 34 1034 48 HOH HOH A . 
C 3 HOH 35 1035 38 HOH HOH A . 
C 3 HOH 36 1036 18 HOH HOH A . 
C 3 HOH 37 1037 21 HOH HOH A . 
C 3 HOH 38 1038 35 HOH HOH A . 
C 3 HOH 39 1039 6  HOH HOH A . 
C 3 HOH 40 1040 50 HOH HOH A . 
C 3 HOH 41 1041 45 HOH HOH A . 
C 3 HOH 42 1042 37 HOH HOH A . 
C 3 HOH 43 1043 47 HOH HOH A . 
C 3 HOH 44 1044 51 HOH HOH A . 
C 3 HOH 45 1045 52 HOH HOH A . 
C 3 HOH 46 1046 36 HOH HOH A . 
C 3 HOH 47 1047 40 HOH HOH A . 
D 3 HOH 1  3601 26 HOH HOH B . 
D 3 HOH 2  3602 30 HOH HOH B . 
D 3 HOH 3  3603 19 HOH HOH B . 
D 3 HOH 4  3604 15 HOH HOH B . 
D 3 HOH 5  3605 53 HOH HOH B . 
D 3 HOH 6  3606 46 HOH HOH B . 
# 
_pdbx_struct_assembly.id                   1 
_pdbx_struct_assembly.details              author_and_software_defined_assembly 
_pdbx_struct_assembly.method_details       PISA 
_pdbx_struct_assembly.oligomeric_details   dimeric 
_pdbx_struct_assembly.oligomeric_count     2 
# 
loop_
_pdbx_struct_assembly_gen.assembly_id 
_pdbx_struct_assembly_gen.oper_expression 
_pdbx_struct_assembly_gen.asym_id_list 
1 1 A,C 
1 2 B,D 
# 
loop_
_pdbx_struct_assembly_prop.biol_id 
_pdbx_struct_assembly_prop.type 
_pdbx_struct_assembly_prop.value 
_pdbx_struct_assembly_prop.details 
1 'ABSA (A^2)' 1160 ? 
1 MORE         -11  ? 
1 'SSA (A^2)'  6130 ? 
# 
loop_
_pdbx_struct_oper_list.id 
_pdbx_struct_oper_list.type 
_pdbx_struct_oper_list.name 
_pdbx_struct_oper_list.symmetry_operation 
_pdbx_struct_oper_list.matrix[1][1] 
_pdbx_struct_oper_list.matrix[1][2] 
_pdbx_struct_oper_list.matrix[1][3] 
_pdbx_struct_oper_list.vector[1] 
_pdbx_struct_oper_list.matrix[2][1] 
_pdbx_struct_oper_list.matrix[2][2] 
_pdbx_struct_oper_list.matrix[2][3] 
_pdbx_struct_oper_list.vector[2] 
_pdbx_struct_oper_list.matrix[3][1] 
_pdbx_struct_oper_list.matrix[3][2] 
_pdbx_struct_oper_list.matrix[3][3] 
_pdbx_struct_oper_list.vector[3] 
1 'identity operation'         1_555 x,y,z            1.0000000000 0.0000000000 0.0000000000  0.0000000000   0.0000000000 1.0000000000 0.0000000000 0.0000000000  0.0000000000 0.0000000000  1.0000000000  0.0000000000 
2 'crystal symmetry operation' 2_665 -y+1,x-y+1,z+1/3 0.2004131398 0.7289423854 -0.6545819828 -25.4006796670 0.7670942388 0.2988590783 0.5676703975 -8.2756226525 0.6094267817 -0.6158946745 -0.4992722180 3.8693504712 
# 
_pdbx_struct_special_symmetry.id              1 
_pdbx_struct_special_symmetry.PDB_model_num   1 
_pdbx_struct_special_symmetry.auth_asym_id    A 
_pdbx_struct_special_symmetry.auth_comp_id    HOH 
_pdbx_struct_special_symmetry.auth_seq_id     1023 
_pdbx_struct_special_symmetry.PDB_ins_code    ? 
_pdbx_struct_special_symmetry.label_asym_id   C 
_pdbx_struct_special_symmetry.label_comp_id   HOH 
_pdbx_struct_special_symmetry.label_seq_id    . 
# 
loop_
_pdbx_audit_revision_history.ordinal 
_pdbx_audit_revision_history.data_content_type 
_pdbx_audit_revision_history.major_revision 
_pdbx_audit_revision_history.minor_revision 
_pdbx_audit_revision_history.revision_date 
1 'Structure model' 1 0 2020-09-23 
2 'Structure model' 1 1 2021-04-07 
3 'Structure model' 1 2 2023-11-22 
# 
_pdbx_audit_revision_details.ordinal             1 
_pdbx_audit_revision_details.revision_ordinal    1 
_pdbx_audit_revision_details.data_content_type   'Structure model' 
_pdbx_audit_revision_details.provider            repository 
_pdbx_audit_revision_details.type                'Initial release' 
_pdbx_audit_revision_details.description         ? 
_pdbx_audit_revision_details.details             ? 
# 
loop_
_pdbx_audit_revision_group.ordinal 
_pdbx_audit_revision_group.revision_ordinal 
_pdbx_audit_revision_group.data_content_type 
_pdbx_audit_revision_group.group 
1 2 'Structure model' 'Database references'    
2 3 'Structure model' 'Data collection'        
3 3 'Structure model' 'Database references'    
4 3 'Structure model' 'Refinement description' 
# 
loop_
_pdbx_audit_revision_category.ordinal 
_pdbx_audit_revision_category.revision_ordinal 
_pdbx_audit_revision_category.data_content_type 
_pdbx_audit_revision_category.category 
1 2 'Structure model' citation                      
2 2 'Structure model' citation_author               
3 3 'Structure model' chem_comp_atom                
4 3 'Structure model' chem_comp_bond                
5 3 'Structure model' database_2                    
6 3 'Structure model' pdbx_initial_refinement_model 
# 
loop_
_pdbx_audit_revision_item.ordinal 
_pdbx_audit_revision_item.revision_ordinal 
_pdbx_audit_revision_item.data_content_type 
_pdbx_audit_revision_item.item 
1  2 'Structure model' '_citation.country'                   
2  2 'Structure model' '_citation.journal_abbrev'            
3  2 'Structure model' '_citation.journal_id_CSD'            
4  2 'Structure model' '_citation.journal_id_ISSN'           
5  2 'Structure model' '_citation.journal_volume'            
6  2 'Structure model' '_citation.page_first'                
7  2 'Structure model' '_citation.page_last'                 
8  2 'Structure model' '_citation.pdbx_database_id_DOI'      
9  2 'Structure model' '_citation.pdbx_database_id_PubMed'   
10 2 'Structure model' '_citation.title'                     
11 2 'Structure model' '_citation.year'                      
12 3 'Structure model' '_database_2.pdbx_DOI'                
13 3 'Structure model' '_database_2.pdbx_database_accession' 
# 
loop_
_pdbx_refine_tls.id 
_pdbx_refine_tls.pdbx_refine_id 
_pdbx_refine_tls.details 
_pdbx_refine_tls.method 
_pdbx_refine_tls.origin_x 
_pdbx_refine_tls.origin_y 
_pdbx_refine_tls.origin_z 
_pdbx_refine_tls.T[1][1] 
_pdbx_refine_tls.T[1][1]_esd 
_pdbx_refine_tls.T[1][2] 
_pdbx_refine_tls.T[1][2]_esd 
_pdbx_refine_tls.T[1][3] 
_pdbx_refine_tls.T[1][3]_esd 
_pdbx_refine_tls.T[2][2] 
_pdbx_refine_tls.T[2][2]_esd 
_pdbx_refine_tls.T[2][3] 
_pdbx_refine_tls.T[2][3]_esd 
_pdbx_refine_tls.T[3][3] 
_pdbx_refine_tls.T[3][3]_esd 
_pdbx_refine_tls.L[1][1] 
_pdbx_refine_tls.L[1][1]_esd 
_pdbx_refine_tls.L[1][2] 
_pdbx_refine_tls.L[1][2]_esd 
_pdbx_refine_tls.L[1][3] 
_pdbx_refine_tls.L[1][3]_esd 
_pdbx_refine_tls.L[2][2] 
_pdbx_refine_tls.L[2][2]_esd 
_pdbx_refine_tls.L[2][3] 
_pdbx_refine_tls.L[2][3]_esd 
_pdbx_refine_tls.L[3][3] 
_pdbx_refine_tls.L[3][3]_esd 
_pdbx_refine_tls.S[1][1] 
_pdbx_refine_tls.S[1][1]_esd 
_pdbx_refine_tls.S[1][2] 
_pdbx_refine_tls.S[1][2]_esd 
_pdbx_refine_tls.S[1][3] 
_pdbx_refine_tls.S[1][3]_esd 
_pdbx_refine_tls.S[2][1] 
_pdbx_refine_tls.S[2][1]_esd 
_pdbx_refine_tls.S[2][2] 
_pdbx_refine_tls.S[2][2]_esd 
_pdbx_refine_tls.S[2][3] 
_pdbx_refine_tls.S[2][3]_esd 
_pdbx_refine_tls.S[3][1] 
_pdbx_refine_tls.S[3][1]_esd 
_pdbx_refine_tls.S[3][2] 
_pdbx_refine_tls.S[3][2]_esd 
_pdbx_refine_tls.S[3][3] 
_pdbx_refine_tls.S[3][3]_esd 
1  'X-RAY DIFFRACTION' ? refined 1.0336   -11.7005 1.3908  0.1855 ? 0.0252  ? 0.0361  ? 0.2208 ? 0.0110  ? 0.3549 ? 1.2658 ? 0.0154  ? 0.5066  ? 0.0517  ? 0.0374  ? 0.1711  ? -0.1038 ? 0.1283  ? -0.4076 ? -0.0534 ? -0.1491 ? 0.1038  ? 0.2155  ? -0.0648 ? 0.0742  ? 
2  'X-RAY DIFFRACTION' ? refined 5.8902   1.1308   -4.5587 0.1539 ? 0.0231  ? 0.0177  ? 0.2871 ? 0.0674  ? 0.3438 ? 1.8518 ? -0.5548 ? -0.2344 ? 0.2845  ? -0.0895 ? 0.2409  ? -0.1934 ? 1.2350  ? 0.8489  ? -0.4521 ? -0.5769 ? -0.3923 ? -0.1414 ? -0.0202 ? 0.1308  ? 
3  'X-RAY DIFFRACTION' ? refined -10.2032 4.1961   3.6830  0.2224 ? 0.0093  ? -0.0016 ? 0.2973 ? -0.0462 ? 0.3231 ? 0.0806 ? -0.0227 ? 0.0001  ? -0.0003 ? -0.0115 ? 0.0124  ? 0.4180  ? -0.0058 ? -0.1800 ? -0.0547 ? -0.3155 ? 0.5460  ? -0.0130 ? -0.5286 ? 0.1473  ? 
4  'X-RAY DIFFRACTION' ? refined -3.3264  0.4943   -7.4211 0.2122 ? 0.0375  ? -0.0124 ? 0.2617 ? 0.0781  ? 0.2651 ? 0.0299 ? 0.0400  ? 0.0565  ? 0.1179  ? 0.0783  ? 0.1229  ? 0.1912  ? 0.2404  ? 0.7401  ? -0.1566 ? -0.2369 ? -0.1560 ? -0.1648 ? -0.0220 ? 0.0695  ? 
5  'X-RAY DIFFRACTION' ? refined 1.6929   -5.0661  -5.2524 0.1921 ? 0.0206  ? 0.0021  ? 0.3253 ? 0.0077  ? 0.2436 ? 0.6666 ? -0.3207 ? 0.2593  ? 0.5189  ? -0.0913 ? -0.0082 ? 0.0159  ? 0.1198  ? -0.1419 ? -0.0820 ? -0.0407 ? 0.0384  ? 0.1009  ? 0.2969  ? -0.0309 ? 
6  'X-RAY DIFFRACTION' ? refined -2.8175  0.2070   9.7003  0.2534 ? 0.0366  ? 0.0559  ? 0.3506 ? 0.0044  ? 0.2823 ? 0.0795 ? 0.0412  ? 0.0878  ? 0.0573  ? 0.0993  ? 0.1628  ? -0.1051 ? -0.8218 ? 0.2627  ? 0.6231  ? 0.2918  ? 0.0728  ? 0.0645  ? 0.2425  ? -0.1406 ? 
7  'X-RAY DIFFRACTION' ? refined 4.5160   5.2419   5.0801  0.2435 ? 0.0029  ? -0.0530 ? 0.2489 ? -0.0564 ? 0.4095 ? 0.1460 ? 0.0172  ? 0.1071  ? -0.0347 ? 0.0396  ? 0.0848  ? -0.1642 ? -0.1163 ? 1.2000  ? 0.2518  ? 0.0387  ? -0.6848 ? 0.0012  ? 0.2344  ? 0.0307  ? 
8  'X-RAY DIFFRACTION' ? refined 15.5336  -3.8703  5.9703  0.3541 ? 0.0990  ? -0.0740 ? 0.3441 ? 0.0028  ? 0.2871 ? 0.2081 ? 0.0437  ? 0.0435  ? 0.6226  ? 0.5362  ? 0.6833  ? -0.0247 ? -0.5357 ? -0.3347 ? 0.5452  ? 0.0164  ? -0.0350 ? 0.6173  ? -0.0545 ? -0.1665 ? 
9  'X-RAY DIFFRACTION' ? refined 2.8012   -7.5546  2.5766  0.2035 ? 0.0164  ? 0.0011  ? 0.2432 ? 0.0335  ? 0.2919 ? 0.0140 ? -0.0099 ? -0.0502 ? 0.1358  ? -0.0002 ? 0.0866  ? -0.1300 ? -0.2417 ? -0.1429 ? 0.1321  ? 0.2149  ? -0.0093 ? 0.1362  ? -0.1079 ? -0.0382 ? 
10 'X-RAY DIFFRACTION' ? refined -13.7291 -5.2772  0.1513  0.2670 ? -0.0458 ? -0.0096 ? 0.3324 ? -0.0193 ? 0.4248 ? 0.1242 ? -0.0266 ? 0.0268  ? 0.0408  ? -0.0364 ? -0.0130 ? -0.0839 ? -0.3653 ? -0.5130 ? -0.0946 ? 0.4914  ? 0.0982  ? 0.1269  ? -0.0157 ? -0.1226 ? 
11 'X-RAY DIFFRACTION' ? refined -2.8237  16.1874  -3.3961 0.2941 ? 0.0274  ? 0.0439  ? 0.2595 ? 0.0169  ? 0.3713 ? 0.1177 ? -0.0117 ? 0.0128  ? 0.1477  ? -0.0193 ? -0.0725 ? -0.2170 ? 0.1193  ? -0.1039 ? 0.4500  ? -0.3417 ? 0.2198  ? -0.1251 ? -0.0307 ? 0.2641  ? 
# 
loop_
_pdbx_refine_tls_group.id 
_pdbx_refine_tls_group.pdbx_refine_id 
_pdbx_refine_tls_group.refine_tls_id 
_pdbx_refine_tls_group.beg_label_asym_id 
_pdbx_refine_tls_group.beg_label_seq_id 
_pdbx_refine_tls_group.beg_auth_asym_id 
_pdbx_refine_tls_group.beg_auth_seq_id 
_pdbx_refine_tls_group.end_label_asym_id 
_pdbx_refine_tls_group.end_label_seq_id 
_pdbx_refine_tls_group.end_auth_asym_id 
_pdbx_refine_tls_group.end_auth_seq_id 
_pdbx_refine_tls_group.selection 
_pdbx_refine_tls_group.selection_details 
1  'X-RAY DIFFRACTION' 1  ? ? A 811 ? ? A 820 ? 
;chain 'A' and (resid 811 through 820 )
;
2  'X-RAY DIFFRACTION' 2  ? ? A 821 ? ? A 831 ? 
;chain 'A' and (resid 821 through 831 )
;
3  'X-RAY DIFFRACTION' 3  ? ? A 832 ? ? A 841 ? 
;chain 'A' and (resid 832 through 841 )
;
4  'X-RAY DIFFRACTION' 4  ? ? A 842 ? ? A 846 ? 
;chain 'A' and (resid 842 through 846 )
;
5  'X-RAY DIFFRACTION' 5  ? ? A 847 ? ? A 867 ? 
;chain 'A' and (resid 847 through 867 )
;
6  'X-RAY DIFFRACTION' 6  ? ? A 868 ? ? A 876 ? 
;chain 'A' and (resid 868 through 876 )
;
7  'X-RAY DIFFRACTION' 7  ? ? A 877 ? ? A 889 ? 
;chain 'A' and (resid 877 through 889 )
;
8  'X-RAY DIFFRACTION' 8  ? ? A 890 ? ? A 894 ? 
;chain 'A' and (resid 890 through 894 )
;
9  'X-RAY DIFFRACTION' 9  ? ? A 895 ? ? A 901 ? 
;chain 'A' and (resid 895 through 901 )
;
10 'X-RAY DIFFRACTION' 10 ? ? A 902 ? ? A 907 ? 
;chain 'A' and (resid 902 through 907 )
;
11 'X-RAY DIFFRACTION' 11 ? ? B 0   ? ? B 0   ? 
;chain 'B' and (resid 3500 through 3511 )
;
# 
loop_
_software.citation_id 
_software.classification 
_software.compiler_name 
_software.compiler_version 
_software.contact_author 
_software.contact_author_email 
_software.date 
_software.description 
_software.dependencies 
_software.hardware 
_software.language 
_software.location 
_software.mods 
_software.name 
_software.os 
_software.os_version 
_software.type 
_software.version 
_software.pdbx_ordinal 
? 'data scaling'    ? ? ? ? ? ? ? ? ? ? ? XDS         ? ? ? .          1 
? refinement        ? ? ? ? ? ? ? ? ? ? ? PHENIX      ? ? ? 1.8.4_1496 2 
? 'data extraction' ? ? ? ? ? ? ? ? ? ? ? PDB_EXTRACT ? ? ? 3.25       3 
? 'data reduction'  ? ? ? ? ? ? ? ? ? ? ? XDS         ? ? ? .          4 
? phasing           ? ? ? ? ? ? ? ? ? ? ? PHASER      ? ? ? .          5 
# 
loop_
_pdbx_validate_close_contact.id 
_pdbx_validate_close_contact.PDB_model_num 
_pdbx_validate_close_contact.auth_atom_id_1 
_pdbx_validate_close_contact.auth_asym_id_1 
_pdbx_validate_close_contact.auth_comp_id_1 
_pdbx_validate_close_contact.auth_seq_id_1 
_pdbx_validate_close_contact.PDB_ins_code_1 
_pdbx_validate_close_contact.label_alt_id_1 
_pdbx_validate_close_contact.auth_atom_id_2 
_pdbx_validate_close_contact.auth_asym_id_2 
_pdbx_validate_close_contact.auth_comp_id_2 
_pdbx_validate_close_contact.auth_seq_id_2 
_pdbx_validate_close_contact.PDB_ins_code_2 
_pdbx_validate_close_contact.label_alt_id_2 
_pdbx_validate_close_contact.dist 
1 1 O A GLY 813  ? ? O A HOH 1001 ? ? 1.89 
2 1 O A HOH 1004 ? ? O A HOH 1008 ? ? 2.01 
# 
_pdbx_validate_symm_contact.id                1 
_pdbx_validate_symm_contact.PDB_model_num     1 
_pdbx_validate_symm_contact.auth_atom_id_1    NH1 
_pdbx_validate_symm_contact.auth_asym_id_1    A 
_pdbx_validate_symm_contact.auth_comp_id_1    ARG 
_pdbx_validate_symm_contact.auth_seq_id_1     842 
_pdbx_validate_symm_contact.PDB_ins_code_1    ? 
_pdbx_validate_symm_contact.label_alt_id_1    ? 
_pdbx_validate_symm_contact.site_symmetry_1   1_555 
_pdbx_validate_symm_contact.auth_atom_id_2    OD2 
_pdbx_validate_symm_contact.auth_asym_id_2    A 
_pdbx_validate_symm_contact.auth_comp_id_2    ASP 
_pdbx_validate_symm_contact.auth_seq_id_2     894 
_pdbx_validate_symm_contact.PDB_ins_code_2    ? 
_pdbx_validate_symm_contact.label_alt_id_2    ? 
_pdbx_validate_symm_contact.site_symmetry_2   4_565 
_pdbx_validate_symm_contact.dist              2.16 
# 
_pdbx_validate_torsion.id              1 
_pdbx_validate_torsion.PDB_model_num   1 
_pdbx_validate_torsion.auth_comp_id    LEU 
_pdbx_validate_torsion.auth_asym_id    B 
_pdbx_validate_torsion.auth_seq_id     3501 
_pdbx_validate_torsion.PDB_ins_code    ? 
_pdbx_validate_torsion.label_alt_id    ? 
_pdbx_validate_torsion.phi             -99.97 
_pdbx_validate_torsion.psi             47.14 
# 
loop_
_pdbx_unobs_or_zero_occ_atoms.id 
_pdbx_unobs_or_zero_occ_atoms.PDB_model_num 
_pdbx_unobs_or_zero_occ_atoms.polymer_flag 
_pdbx_unobs_or_zero_occ_atoms.occupancy_flag 
_pdbx_unobs_or_zero_occ_atoms.auth_asym_id 
_pdbx_unobs_or_zero_occ_atoms.auth_comp_id 
_pdbx_unobs_or_zero_occ_atoms.auth_seq_id 
_pdbx_unobs_or_zero_occ_atoms.PDB_ins_code 
_pdbx_unobs_or_zero_occ_atoms.auth_atom_id 
_pdbx_unobs_or_zero_occ_atoms.label_alt_id 
_pdbx_unobs_or_zero_occ_atoms.label_asym_id 
_pdbx_unobs_or_zero_occ_atoms.label_comp_id 
_pdbx_unobs_or_zero_occ_atoms.label_seq_id 
_pdbx_unobs_or_zero_occ_atoms.label_atom_id 
1  1 Y 1 A ARG 837  ? CG  ? A ARG 43 CG  
2  1 Y 1 A ARG 837  ? CD  ? A ARG 43 CD  
3  1 Y 1 A ARG 837  ? NE  ? A ARG 43 NE  
4  1 Y 1 A ARG 837  ? CZ  ? A ARG 43 CZ  
5  1 Y 1 A ARG 837  ? NH1 ? A ARG 43 NH1 
6  1 Y 1 A ARG 837  ? NH2 ? A ARG 43 NH2 
7  1 Y 1 A ARG 848  ? CG  ? A ARG 54 CG  
8  1 Y 1 A ARG 848  ? CD  ? A ARG 54 CD  
9  1 Y 1 A ARG 848  ? NE  ? A ARG 54 NE  
10 1 Y 1 A ARG 848  ? CZ  ? A ARG 54 CZ  
11 1 Y 1 A ARG 848  ? NH1 ? A ARG 54 NH1 
12 1 Y 1 A ARG 848  ? NH2 ? A ARG 54 NH2 
13 1 Y 1 B ARG 3500 ? CG  ? B ARG 3  CG  
14 1 Y 1 B ARG 3500 ? CD  ? B ARG 3  CD  
15 1 Y 1 B ARG 3500 ? NE  ? B ARG 3  NE  
16 1 Y 1 B ARG 3500 ? CZ  ? B ARG 3  CZ  
17 1 Y 1 B ARG 3500 ? NH1 ? B ARG 3  NH1 
18 1 Y 1 B ARG 3500 ? NH2 ? B ARG 3  NH2 
19 1 Y 1 B GLU 3507 ? CG  ? B GLU 10 CG  
20 1 Y 1 B GLU 3507 ? CD  ? B GLU 10 CD  
21 1 Y 1 B GLU 3507 ? OE1 ? B GLU 10 OE1 
22 1 Y 1 B GLU 3507 ? OE2 ? B GLU 10 OE2 
# 
loop_
_pdbx_unobs_or_zero_occ_residues.id 
_pdbx_unobs_or_zero_occ_residues.PDB_model_num 
_pdbx_unobs_or_zero_occ_residues.polymer_flag 
_pdbx_unobs_or_zero_occ_residues.occupancy_flag 
_pdbx_unobs_or_zero_occ_residues.auth_asym_id 
_pdbx_unobs_or_zero_occ_residues.auth_comp_id 
_pdbx_unobs_or_zero_occ_residues.auth_seq_id 
_pdbx_unobs_or_zero_occ_residues.PDB_ins_code 
_pdbx_unobs_or_zero_occ_residues.label_asym_id 
_pdbx_unobs_or_zero_occ_residues.label_comp_id 
_pdbx_unobs_or_zero_occ_residues.label_seq_id 
1  1 Y 1 A MET 795  ? A MET 1  
2  1 Y 1 A HIS 796  ? A HIS 2  
3  1 Y 1 A HIS 797  ? A HIS 3  
4  1 Y 1 A HIS 798  ? A HIS 4  
5  1 Y 1 A HIS 799  ? A HIS 5  
6  1 Y 1 A HIS 800  ? A HIS 6  
7  1 Y 1 A HIS 801  ? A HIS 7  
8  1 Y 1 A SER 802  ? A SER 8  
9  1 Y 1 A SER 803  ? A SER 9  
10 1 Y 1 A GLY 804  ? A GLY 10 
11 1 Y 1 A LEU 805  ? A LEU 11 
12 1 Y 1 A GLU 806  ? A GLU 12 
13 1 Y 1 A VAL 807  ? A VAL 13 
14 1 Y 1 A LEU 808  ? A LEU 14 
15 1 Y 1 A PHE 809  ? A PHE 15 
16 1 Y 1 A GLN 810  ? A GLN 16 
17 1 Y 1 B GLU 3498 ? B GLU 1  
18 1 Y 1 B LYS 3499 ? B LYS 2  
# 
loop_
_chem_comp_atom.comp_id 
_chem_comp_atom.atom_id 
_chem_comp_atom.type_symbol 
_chem_comp_atom.pdbx_aromatic_flag 
_chem_comp_atom.pdbx_stereo_config 
_chem_comp_atom.pdbx_ordinal 
ALA N    N N N 1   
ALA CA   C N S 2   
ALA C    C N N 3   
ALA O    O N N 4   
ALA CB   C N N 5   
ALA OXT  O N N 6   
ALA H    H N N 7   
ALA H2   H N N 8   
ALA HA   H N N 9   
ALA HB1  H N N 10  
ALA HB2  H N N 11  
ALA HB3  H N N 12  
ALA HXT  H N N 13  
ARG N    N N N 14  
ARG CA   C N S 15  
ARG C    C N N 16  
ARG O    O N N 17  
ARG CB   C N N 18  
ARG CG   C N N 19  
ARG CD   C N N 20  
ARG NE   N N N 21  
ARG CZ   C N N 22  
ARG NH1  N N N 23  
ARG NH2  N N N 24  
ARG OXT  O N N 25  
ARG H    H N N 26  
ARG H2   H N N 27  
ARG HA   H N N 28  
ARG HB2  H N N 29  
ARG HB3  H N N 30  
ARG HG2  H N N 31  
ARG HG3  H N N 32  
ARG HD2  H N N 33  
ARG HD3  H N N 34  
ARG HE   H N N 35  
ARG HH11 H N N 36  
ARG HH12 H N N 37  
ARG HH21 H N N 38  
ARG HH22 H N N 39  
ARG HXT  H N N 40  
ASN N    N N N 41  
ASN CA   C N S 42  
ASN C    C N N 43  
ASN O    O N N 44  
ASN CB   C N N 45  
ASN CG   C N N 46  
ASN OD1  O N N 47  
ASN ND2  N N N 48  
ASN OXT  O N N 49  
ASN H    H N N 50  
ASN H2   H N N 51  
ASN HA   H N N 52  
ASN HB2  H N N 53  
ASN HB3  H N N 54  
ASN HD21 H N N 55  
ASN HD22 H N N 56  
ASN HXT  H N N 57  
ASP N    N N N 58  
ASP CA   C N S 59  
ASP C    C N N 60  
ASP O    O N N 61  
ASP CB   C N N 62  
ASP CG   C N N 63  
ASP OD1  O N N 64  
ASP OD2  O N N 65  
ASP OXT  O N N 66  
ASP H    H N N 67  
ASP H2   H N N 68  
ASP HA   H N N 69  
ASP HB2  H N N 70  
ASP HB3  H N N 71  
ASP HD2  H N N 72  
ASP HXT  H N N 73  
CYS N    N N N 74  
CYS CA   C N R 75  
CYS C    C N N 76  
CYS O    O N N 77  
CYS CB   C N N 78  
CYS SG   S N N 79  
CYS OXT  O N N 80  
CYS H    H N N 81  
CYS H2   H N N 82  
CYS HA   H N N 83  
CYS HB2  H N N 84  
CYS HB3  H N N 85  
CYS HG   H N N 86  
CYS HXT  H N N 87  
GLN N    N N N 88  
GLN CA   C N S 89  
GLN C    C N N 90  
GLN O    O N N 91  
GLN CB   C N N 92  
GLN CG   C N N 93  
GLN CD   C N N 94  
GLN OE1  O N N 95  
GLN NE2  N N N 96  
GLN OXT  O N N 97  
GLN H    H N N 98  
GLN H2   H N N 99  
GLN HA   H N N 100 
GLN HB2  H N N 101 
GLN HB3  H N N 102 
GLN HG2  H N N 103 
GLN HG3  H N N 104 
GLN HE21 H N N 105 
GLN HE22 H N N 106 
GLN HXT  H N N 107 
GLU N    N N N 108 
GLU CA   C N S 109 
GLU C    C N N 110 
GLU O    O N N 111 
GLU CB   C N N 112 
GLU CG   C N N 113 
GLU CD   C N N 114 
GLU OE1  O N N 115 
GLU OE2  O N N 116 
GLU OXT  O N N 117 
GLU H    H N N 118 
GLU H2   H N N 119 
GLU HA   H N N 120 
GLU HB2  H N N 121 
GLU HB3  H N N 122 
GLU HG2  H N N 123 
GLU HG3  H N N 124 
GLU HE2  H N N 125 
GLU HXT  H N N 126 
GLY N    N N N 127 
GLY CA   C N N 128 
GLY C    C N N 129 
GLY O    O N N 130 
GLY OXT  O N N 131 
GLY H    H N N 132 
GLY H2   H N N 133 
GLY HA2  H N N 134 
GLY HA3  H N N 135 
GLY HXT  H N N 136 
HIS N    N N N 137 
HIS CA   C N S 138 
HIS C    C N N 139 
HIS O    O N N 140 
HIS CB   C N N 141 
HIS CG   C Y N 142 
HIS ND1  N Y N 143 
HIS CD2  C Y N 144 
HIS CE1  C Y N 145 
HIS NE2  N Y N 146 
HIS OXT  O N N 147 
HIS H    H N N 148 
HIS H2   H N N 149 
HIS HA   H N N 150 
HIS HB2  H N N 151 
HIS HB3  H N N 152 
HIS HD1  H N N 153 
HIS HD2  H N N 154 
HIS HE1  H N N 155 
HIS HE2  H N N 156 
HIS HXT  H N N 157 
HOH O    O N N 158 
HOH H1   H N N 159 
HOH H2   H N N 160 
ILE N    N N N 161 
ILE CA   C N S 162 
ILE C    C N N 163 
ILE O    O N N 164 
ILE CB   C N S 165 
ILE CG1  C N N 166 
ILE CG2  C N N 167 
ILE CD1  C N N 168 
ILE OXT  O N N 169 
ILE H    H N N 170 
ILE H2   H N N 171 
ILE HA   H N N 172 
ILE HB   H N N 173 
ILE HG12 H N N 174 
ILE HG13 H N N 175 
ILE HG21 H N N 176 
ILE HG22 H N N 177 
ILE HG23 H N N 178 
ILE HD11 H N N 179 
ILE HD12 H N N 180 
ILE HD13 H N N 181 
ILE HXT  H N N 182 
LEU N    N N N 183 
LEU CA   C N S 184 
LEU C    C N N 185 
LEU O    O N N 186 
LEU CB   C N N 187 
LEU CG   C N N 188 
LEU CD1  C N N 189 
LEU CD2  C N N 190 
LEU OXT  O N N 191 
LEU H    H N N 192 
LEU H2   H N N 193 
LEU HA   H N N 194 
LEU HB2  H N N 195 
LEU HB3  H N N 196 
LEU HG   H N N 197 
LEU HD11 H N N 198 
LEU HD12 H N N 199 
LEU HD13 H N N 200 
LEU HD21 H N N 201 
LEU HD22 H N N 202 
LEU HD23 H N N 203 
LEU HXT  H N N 204 
LYS N    N N N 205 
LYS CA   C N S 206 
LYS C    C N N 207 
LYS O    O N N 208 
LYS CB   C N N 209 
LYS CG   C N N 210 
LYS CD   C N N 211 
LYS CE   C N N 212 
LYS NZ   N N N 213 
LYS OXT  O N N 214 
LYS H    H N N 215 
LYS H2   H N N 216 
LYS HA   H N N 217 
LYS HB2  H N N 218 
LYS HB3  H N N 219 
LYS HG2  H N N 220 
LYS HG3  H N N 221 
LYS HD2  H N N 222 
LYS HD3  H N N 223 
LYS HE2  H N N 224 
LYS HE3  H N N 225 
LYS HZ1  H N N 226 
LYS HZ2  H N N 227 
LYS HZ3  H N N 228 
LYS HXT  H N N 229 
MET N    N N N 230 
MET CA   C N S 231 
MET C    C N N 232 
MET O    O N N 233 
MET CB   C N N 234 
MET CG   C N N 235 
MET SD   S N N 236 
MET CE   C N N 237 
MET OXT  O N N 238 
MET H    H N N 239 
MET H2   H N N 240 
MET HA   H N N 241 
MET HB2  H N N 242 
MET HB3  H N N 243 
MET HG2  H N N 244 
MET HG3  H N N 245 
MET HE1  H N N 246 
MET HE2  H N N 247 
MET HE3  H N N 248 
MET HXT  H N N 249 
PHE N    N N N 250 
PHE CA   C N S 251 
PHE C    C N N 252 
PHE O    O N N 253 
PHE CB   C N N 254 
PHE CG   C Y N 255 
PHE CD1  C Y N 256 
PHE CD2  C Y N 257 
PHE CE1  C Y N 258 
PHE CE2  C Y N 259 
PHE CZ   C Y N 260 
PHE OXT  O N N 261 
PHE H    H N N 262 
PHE H2   H N N 263 
PHE HA   H N N 264 
PHE HB2  H N N 265 
PHE HB3  H N N 266 
PHE HD1  H N N 267 
PHE HD2  H N N 268 
PHE HE1  H N N 269 
PHE HE2  H N N 270 
PHE HZ   H N N 271 
PHE HXT  H N N 272 
PRO N    N N N 273 
PRO CA   C N S 274 
PRO C    C N N 275 
PRO O    O N N 276 
PRO CB   C N N 277 
PRO CG   C N N 278 
PRO CD   C N N 279 
PRO OXT  O N N 280 
PRO H    H N N 281 
PRO HA   H N N 282 
PRO HB2  H N N 283 
PRO HB3  H N N 284 
PRO HG2  H N N 285 
PRO HG3  H N N 286 
PRO HD2  H N N 287 
PRO HD3  H N N 288 
PRO HXT  H N N 289 
SER N    N N N 290 
SER CA   C N S 291 
SER C    C N N 292 
SER O    O N N 293 
SER CB   C N N 294 
SER OG   O N N 295 
SER OXT  O N N 296 
SER H    H N N 297 
SER H2   H N N 298 
SER HA   H N N 299 
SER HB2  H N N 300 
SER HB3  H N N 301 
SER HG   H N N 302 
SER HXT  H N N 303 
THR N    N N N 304 
THR CA   C N S 305 
THR C    C N N 306 
THR O    O N N 307 
THR CB   C N R 308 
THR OG1  O N N 309 
THR CG2  C N N 310 
THR OXT  O N N 311 
THR H    H N N 312 
THR H2   H N N 313 
THR HA   H N N 314 
THR HB   H N N 315 
THR HG1  H N N 316 
THR HG21 H N N 317 
THR HG22 H N N 318 
THR HG23 H N N 319 
THR HXT  H N N 320 
TYR N    N N N 321 
TYR CA   C N S 322 
TYR C    C N N 323 
TYR O    O N N 324 
TYR CB   C N N 325 
TYR CG   C Y N 326 
TYR CD1  C Y N 327 
TYR CD2  C Y N 328 
TYR CE1  C Y N 329 
TYR CE2  C Y N 330 
TYR CZ   C Y N 331 
TYR OH   O N N 332 
TYR OXT  O N N 333 
TYR H    H N N 334 
TYR H2   H N N 335 
TYR HA   H N N 336 
TYR HB2  H N N 337 
TYR HB3  H N N 338 
TYR HD1  H N N 339 
TYR HD2  H N N 340 
TYR HE1  H N N 341 
TYR HE2  H N N 342 
TYR HH   H N N 343 
TYR HXT  H N N 344 
VAL N    N N N 345 
VAL CA   C N S 346 
VAL C    C N N 347 
VAL O    O N N 348 
VAL CB   C N N 349 
VAL CG1  C N N 350 
VAL CG2  C N N 351 
VAL OXT  O N N 352 
VAL H    H N N 353 
VAL H2   H N N 354 
VAL HA   H N N 355 
VAL HB   H N N 356 
VAL HG11 H N N 357 
VAL HG12 H N N 358 
VAL HG13 H N N 359 
VAL HG21 H N N 360 
VAL HG22 H N N 361 
VAL HG23 H N N 362 
VAL HXT  H N N 363 
# 
loop_
_chem_comp_bond.comp_id 
_chem_comp_bond.atom_id_1 
_chem_comp_bond.atom_id_2 
_chem_comp_bond.value_order 
_chem_comp_bond.pdbx_aromatic_flag 
_chem_comp_bond.pdbx_stereo_config 
_chem_comp_bond.pdbx_ordinal 
ALA N   CA   sing N N 1   
ALA N   H    sing N N 2   
ALA N   H2   sing N N 3   
ALA CA  C    sing N N 4   
ALA CA  CB   sing N N 5   
ALA CA  HA   sing N N 6   
ALA C   O    doub N N 7   
ALA C   OXT  sing N N 8   
ALA CB  HB1  sing N N 9   
ALA CB  HB2  sing N N 10  
ALA CB  HB3  sing N N 11  
ALA OXT HXT  sing N N 12  
ARG N   CA   sing N N 13  
ARG N   H    sing N N 14  
ARG N   H2   sing N N 15  
ARG CA  C    sing N N 16  
ARG CA  CB   sing N N 17  
ARG CA  HA   sing N N 18  
ARG C   O    doub N N 19  
ARG C   OXT  sing N N 20  
ARG CB  CG   sing N N 21  
ARG CB  HB2  sing N N 22  
ARG CB  HB3  sing N N 23  
ARG CG  CD   sing N N 24  
ARG CG  HG2  sing N N 25  
ARG CG  HG3  sing N N 26  
ARG CD  NE   sing N N 27  
ARG CD  HD2  sing N N 28  
ARG CD  HD3  sing N N 29  
ARG NE  CZ   sing N N 30  
ARG NE  HE   sing N N 31  
ARG CZ  NH1  sing N N 32  
ARG CZ  NH2  doub N N 33  
ARG NH1 HH11 sing N N 34  
ARG NH1 HH12 sing N N 35  
ARG NH2 HH21 sing N N 36  
ARG NH2 HH22 sing N N 37  
ARG OXT HXT  sing N N 38  
ASN N   CA   sing N N 39  
ASN N   H    sing N N 40  
ASN N   H2   sing N N 41  
ASN CA  C    sing N N 42  
ASN CA  CB   sing N N 43  
ASN CA  HA   sing N N 44  
ASN C   O    doub N N 45  
ASN C   OXT  sing N N 46  
ASN CB  CG   sing N N 47  
ASN CB  HB2  sing N N 48  
ASN CB  HB3  sing N N 49  
ASN CG  OD1  doub N N 50  
ASN CG  ND2  sing N N 51  
ASN ND2 HD21 sing N N 52  
ASN ND2 HD22 sing N N 53  
ASN OXT HXT  sing N N 54  
ASP N   CA   sing N N 55  
ASP N   H    sing N N 56  
ASP N   H2   sing N N 57  
ASP CA  C    sing N N 58  
ASP CA  CB   sing N N 59  
ASP CA  HA   sing N N 60  
ASP C   O    doub N N 61  
ASP C   OXT  sing N N 62  
ASP CB  CG   sing N N 63  
ASP CB  HB2  sing N N 64  
ASP CB  HB3  sing N N 65  
ASP CG  OD1  doub N N 66  
ASP CG  OD2  sing N N 67  
ASP OD2 HD2  sing N N 68  
ASP OXT HXT  sing N N 69  
CYS N   CA   sing N N 70  
CYS N   H    sing N N 71  
CYS N   H2   sing N N 72  
CYS CA  C    sing N N 73  
CYS CA  CB   sing N N 74  
CYS CA  HA   sing N N 75  
CYS C   O    doub N N 76  
CYS C   OXT  sing N N 77  
CYS CB  SG   sing N N 78  
CYS CB  HB2  sing N N 79  
CYS CB  HB3  sing N N 80  
CYS SG  HG   sing N N 81  
CYS OXT HXT  sing N N 82  
GLN N   CA   sing N N 83  
GLN N   H    sing N N 84  
GLN N   H2   sing N N 85  
GLN CA  C    sing N N 86  
GLN CA  CB   sing N N 87  
GLN CA  HA   sing N N 88  
GLN C   O    doub N N 89  
GLN C   OXT  sing N N 90  
GLN CB  CG   sing N N 91  
GLN CB  HB2  sing N N 92  
GLN CB  HB3  sing N N 93  
GLN CG  CD   sing N N 94  
GLN CG  HG2  sing N N 95  
GLN CG  HG3  sing N N 96  
GLN CD  OE1  doub N N 97  
GLN CD  NE2  sing N N 98  
GLN NE2 HE21 sing N N 99  
GLN NE2 HE22 sing N N 100 
GLN OXT HXT  sing N N 101 
GLU N   CA   sing N N 102 
GLU N   H    sing N N 103 
GLU N   H2   sing N N 104 
GLU CA  C    sing N N 105 
GLU CA  CB   sing N N 106 
GLU CA  HA   sing N N 107 
GLU C   O    doub N N 108 
GLU C   OXT  sing N N 109 
GLU CB  CG   sing N N 110 
GLU CB  HB2  sing N N 111 
GLU CB  HB3  sing N N 112 
GLU CG  CD   sing N N 113 
GLU CG  HG2  sing N N 114 
GLU CG  HG3  sing N N 115 
GLU CD  OE1  doub N N 116 
GLU CD  OE2  sing N N 117 
GLU OE2 HE2  sing N N 118 
GLU OXT HXT  sing N N 119 
GLY N   CA   sing N N 120 
GLY N   H    sing N N 121 
GLY N   H2   sing N N 122 
GLY CA  C    sing N N 123 
GLY CA  HA2  sing N N 124 
GLY CA  HA3  sing N N 125 
GLY C   O    doub N N 126 
GLY C   OXT  sing N N 127 
GLY OXT HXT  sing N N 128 
HIS N   CA   sing N N 129 
HIS N   H    sing N N 130 
HIS N   H2   sing N N 131 
HIS CA  C    sing N N 132 
HIS CA  CB   sing N N 133 
HIS CA  HA   sing N N 134 
HIS C   O    doub N N 135 
HIS C   OXT  sing N N 136 
HIS CB  CG   sing N N 137 
HIS CB  HB2  sing N N 138 
HIS CB  HB3  sing N N 139 
HIS CG  ND1  sing Y N 140 
HIS CG  CD2  doub Y N 141 
HIS ND1 CE1  doub Y N 142 
HIS ND1 HD1  sing N N 143 
HIS CD2 NE2  sing Y N 144 
HIS CD2 HD2  sing N N 145 
HIS CE1 NE2  sing Y N 146 
HIS CE1 HE1  sing N N 147 
HIS NE2 HE2  sing N N 148 
HIS OXT HXT  sing N N 149 
HOH O   H1   sing N N 150 
HOH O   H2   sing N N 151 
ILE N   CA   sing N N 152 
ILE N   H    sing N N 153 
ILE N   H2   sing N N 154 
ILE CA  C    sing N N 155 
ILE CA  CB   sing N N 156 
ILE CA  HA   sing N N 157 
ILE C   O    doub N N 158 
ILE C   OXT  sing N N 159 
ILE CB  CG1  sing N N 160 
ILE CB  CG2  sing N N 161 
ILE CB  HB   sing N N 162 
ILE CG1 CD1  sing N N 163 
ILE CG1 HG12 sing N N 164 
ILE CG1 HG13 sing N N 165 
ILE CG2 HG21 sing N N 166 
ILE CG2 HG22 sing N N 167 
ILE CG2 HG23 sing N N 168 
ILE CD1 HD11 sing N N 169 
ILE CD1 HD12 sing N N 170 
ILE CD1 HD13 sing N N 171 
ILE OXT HXT  sing N N 172 
LEU N   CA   sing N N 173 
LEU N   H    sing N N 174 
LEU N   H2   sing N N 175 
LEU CA  C    sing N N 176 
LEU CA  CB   sing N N 177 
LEU CA  HA   sing N N 178 
LEU C   O    doub N N 179 
LEU C   OXT  sing N N 180 
LEU CB  CG   sing N N 181 
LEU CB  HB2  sing N N 182 
LEU CB  HB3  sing N N 183 
LEU CG  CD1  sing N N 184 
LEU CG  CD2  sing N N 185 
LEU CG  HG   sing N N 186 
LEU CD1 HD11 sing N N 187 
LEU CD1 HD12 sing N N 188 
LEU CD1 HD13 sing N N 189 
LEU CD2 HD21 sing N N 190 
LEU CD2 HD22 sing N N 191 
LEU CD2 HD23 sing N N 192 
LEU OXT HXT  sing N N 193 
LYS N   CA   sing N N 194 
LYS N   H    sing N N 195 
LYS N   H2   sing N N 196 
LYS CA  C    sing N N 197 
LYS CA  CB   sing N N 198 
LYS CA  HA   sing N N 199 
LYS C   O    doub N N 200 
LYS C   OXT  sing N N 201 
LYS CB  CG   sing N N 202 
LYS CB  HB2  sing N N 203 
LYS CB  HB3  sing N N 204 
LYS CG  CD   sing N N 205 
LYS CG  HG2  sing N N 206 
LYS CG  HG3  sing N N 207 
LYS CD  CE   sing N N 208 
LYS CD  HD2  sing N N 209 
LYS CD  HD3  sing N N 210 
LYS CE  NZ   sing N N 211 
LYS CE  HE2  sing N N 212 
LYS CE  HE3  sing N N 213 
LYS NZ  HZ1  sing N N 214 
LYS NZ  HZ2  sing N N 215 
LYS NZ  HZ3  sing N N 216 
LYS OXT HXT  sing N N 217 
MET N   CA   sing N N 218 
MET N   H    sing N N 219 
MET N   H2   sing N N 220 
MET CA  C    sing N N 221 
MET CA  CB   sing N N 222 
MET CA  HA   sing N N 223 
MET C   O    doub N N 224 
MET C   OXT  sing N N 225 
MET CB  CG   sing N N 226 
MET CB  HB2  sing N N 227 
MET CB  HB3  sing N N 228 
MET CG  SD   sing N N 229 
MET CG  HG2  sing N N 230 
MET CG  HG3  sing N N 231 
MET SD  CE   sing N N 232 
MET CE  HE1  sing N N 233 
MET CE  HE2  sing N N 234 
MET CE  HE3  sing N N 235 
MET OXT HXT  sing N N 236 
PHE N   CA   sing N N 237 
PHE N   H    sing N N 238 
PHE N   H2   sing N N 239 
PHE CA  C    sing N N 240 
PHE CA  CB   sing N N 241 
PHE CA  HA   sing N N 242 
PHE C   O    doub N N 243 
PHE C   OXT  sing N N 244 
PHE CB  CG   sing N N 245 
PHE CB  HB2  sing N N 246 
PHE CB  HB3  sing N N 247 
PHE CG  CD1  doub Y N 248 
PHE CG  CD2  sing Y N 249 
PHE CD1 CE1  sing Y N 250 
PHE CD1 HD1  sing N N 251 
PHE CD2 CE2  doub Y N 252 
PHE CD2 HD2  sing N N 253 
PHE CE1 CZ   doub Y N 254 
PHE CE1 HE1  sing N N 255 
PHE CE2 CZ   sing Y N 256 
PHE CE2 HE2  sing N N 257 
PHE CZ  HZ   sing N N 258 
PHE OXT HXT  sing N N 259 
PRO N   CA   sing N N 260 
PRO N   CD   sing N N 261 
PRO N   H    sing N N 262 
PRO CA  C    sing N N 263 
PRO CA  CB   sing N N 264 
PRO CA  HA   sing N N 265 
PRO C   O    doub N N 266 
PRO C   OXT  sing N N 267 
PRO CB  CG   sing N N 268 
PRO CB  HB2  sing N N 269 
PRO CB  HB3  sing N N 270 
PRO CG  CD   sing N N 271 
PRO CG  HG2  sing N N 272 
PRO CG  HG3  sing N N 273 
PRO CD  HD2  sing N N 274 
PRO CD  HD3  sing N N 275 
PRO OXT HXT  sing N N 276 
SER N   CA   sing N N 277 
SER N   H    sing N N 278 
SER N   H2   sing N N 279 
SER CA  C    sing N N 280 
SER CA  CB   sing N N 281 
SER CA  HA   sing N N 282 
SER C   O    doub N N 283 
SER C   OXT  sing N N 284 
SER CB  OG   sing N N 285 
SER CB  HB2  sing N N 286 
SER CB  HB3  sing N N 287 
SER OG  HG   sing N N 288 
SER OXT HXT  sing N N 289 
THR N   CA   sing N N 290 
THR N   H    sing N N 291 
THR N   H2   sing N N 292 
THR CA  C    sing N N 293 
THR CA  CB   sing N N 294 
THR CA  HA   sing N N 295 
THR C   O    doub N N 296 
THR C   OXT  sing N N 297 
THR CB  OG1  sing N N 298 
THR CB  CG2  sing N N 299 
THR CB  HB   sing N N 300 
THR OG1 HG1  sing N N 301 
THR CG2 HG21 sing N N 302 
THR CG2 HG22 sing N N 303 
THR CG2 HG23 sing N N 304 
THR OXT HXT  sing N N 305 
TYR N   CA   sing N N 306 
TYR N   H    sing N N 307 
TYR N   H2   sing N N 308 
TYR CA  C    sing N N 309 
TYR CA  CB   sing N N 310 
TYR CA  HA   sing N N 311 
TYR C   O    doub N N 312 
TYR C   OXT  sing N N 313 
TYR CB  CG   sing N N 314 
TYR CB  HB2  sing N N 315 
TYR CB  HB3  sing N N 316 
TYR CG  CD1  doub Y N 317 
TYR CG  CD2  sing Y N 318 
TYR CD1 CE1  sing Y N 319 
TYR CD1 HD1  sing N N 320 
TYR CD2 CE2  doub Y N 321 
TYR CD2 HD2  sing N N 322 
TYR CE1 CZ   doub Y N 323 
TYR CE1 HE1  sing N N 324 
TYR CE2 CZ   sing Y N 325 
TYR CE2 HE2  sing N N 326 
TYR CZ  OH   sing N N 327 
TYR OH  HH   sing N N 328 
TYR OXT HXT  sing N N 329 
VAL N   CA   sing N N 330 
VAL N   H    sing N N 331 
VAL N   H2   sing N N 332 
VAL CA  C    sing N N 333 
VAL CA  CB   sing N N 334 
VAL CA  HA   sing N N 335 
VAL C   O    doub N N 336 
VAL C   OXT  sing N N 337 
VAL CB  CG1  sing N N 338 
VAL CB  CG2  sing N N 339 
VAL CB  HB   sing N N 340 
VAL CG1 HG11 sing N N 341 
VAL CG1 HG12 sing N N 342 
VAL CG1 HG13 sing N N 343 
VAL CG2 HG21 sing N N 344 
VAL CG2 HG22 sing N N 345 
VAL CG2 HG23 sing N N 346 
VAL OXT HXT  sing N N 347 
# 
_pdbx_entity_nonpoly.entity_id   3 
_pdbx_entity_nonpoly.name        water 
_pdbx_entity_nonpoly.comp_id     HOH 
# 
_pdbx_initial_refinement_model.id               1 
_pdbx_initial_refinement_model.entity_id_list   ? 
_pdbx_initial_refinement_model.type             'experimental model' 
_pdbx_initial_refinement_model.source_name      PDB 
_pdbx_initial_refinement_model.accession_code   1UFX 
_pdbx_initial_refinement_model.details          ? 
# 
_pdbx_struct_assembly_auth_evidence.id                     1 
_pdbx_struct_assembly_auth_evidence.assembly_id            1 
_pdbx_struct_assembly_auth_evidence.experimental_support   'gel filtration' 
_pdbx_struct_assembly_auth_evidence.details                ? 
# 
